data_8IM3
#
_entry.id   8IM3
#
_cell.length_a   81.030
_cell.length_b   88.895
_cell.length_c   94.279
_cell.angle_alpha   97.27
_cell.angle_beta   110.71
_cell.angle_gamma   110.29
#
_symmetry.space_group_name_H-M   'P 1'
#
loop_
_entity.id
_entity.type
_entity.pdbx_description
1 polymer '4-hydroxyphenylpyruvate dioxygenase'
2 non-polymer 'COBALT (II) ION'
3 non-polymer [1,3-diethyl-2,2-bis(oxidanylidene)-2$l^{6},1,3-benzothiadiazol-5-yl]-(1-methyl-5-oxidanyl-pyrazol-4-yl)methanone
4 water water
#
_entity_poly.entity_id   1
_entity_poly.type   'polypeptide(L)'
_entity_poly.pdbx_seq_one_letter_code
;MTTYSDKGAKPERGRFLHFHSVTFWVGNAKQAASFYCSKMGFEPLAYRGLETGSREVVSHVIKQGKIVFVLSSALNPWNK
EMGDHLVKHGDGVKDIAFEVEDCDYIVQKARERGAKIMREPWVEQDKFGKVKFAVLQTYGDTTHTLVEKMNYIGQFLPGY
EAPAFMDPLLPKLPKCSLEMIDHIVGNQPDQEMVSASEWYLKNLQFHRFWSVDDTQVHTEYSSLRSIVVANYEESIKMPI
NEPAPGKKKSQIQEYVDYNGGAGVQHIALKTEDIITAIRHLRERGLEFLSVPSTYYKQLREKLKTAKIKVKENIDALEEL
KILVDYDEKGYLLQIFTKPVQDRPTLFLEVIQRHNHQGFGAGNFNSLFKAFEEEQNLRGNLTNMETNGVVPGM
;
_entity_poly.pdbx_strand_id   A,B,C,D,E,F
#
# COMPACT_ATOMS: atom_id res chain seq x y z
N LYS A 7 9.51 -10.33 -0.72
CA LYS A 7 10.44 -9.85 0.29
C LYS A 7 11.81 -9.56 -0.32
N GLY A 8 12.08 -8.27 -0.57
CA GLY A 8 13.35 -7.87 -1.13
C GLY A 8 13.51 -6.36 -1.22
N ALA A 9 13.79 -5.87 -2.44
CA ALA A 9 13.92 -4.43 -2.66
C ALA A 9 13.61 -4.18 -4.14
N LYS A 10 12.51 -3.48 -4.41
CA LYS A 10 12.02 -3.35 -5.76
C LYS A 10 13.03 -2.65 -6.66
N PRO A 11 13.31 -3.18 -7.85
CA PRO A 11 14.25 -2.50 -8.76
C PRO A 11 13.66 -1.21 -9.29
N GLU A 12 14.54 -0.37 -9.84
CA GLU A 12 14.16 0.95 -10.34
C GLU A 12 13.12 0.84 -11.44
N ARG A 13 13.54 0.33 -12.59
CA ARG A 13 12.65 0.17 -13.74
C ARG A 13 12.64 -1.31 -14.15
N GLY A 14 11.75 -1.63 -15.09
CA GLY A 14 11.65 -2.98 -15.60
C GLY A 14 10.93 -3.93 -14.65
N ARG A 15 10.57 -5.08 -15.19
CA ARG A 15 9.80 -6.07 -14.44
C ARG A 15 9.76 -7.42 -15.16
N PHE A 16 10.25 -8.46 -14.51
CA PHE A 16 10.13 -9.82 -15.05
C PHE A 16 8.74 -10.35 -14.71
N LEU A 17 7.93 -10.58 -15.73
CA LEU A 17 6.54 -11.00 -15.50
C LEU A 17 6.48 -12.47 -15.12
N HIS A 18 7.02 -13.35 -15.98
CA HIS A 18 6.80 -14.78 -15.86
C HIS A 18 7.64 -15.47 -16.92
N PHE A 19 7.69 -16.80 -16.85
CA PHE A 19 8.30 -17.58 -17.92
C PHE A 19 7.52 -17.40 -19.21
N HIS A 20 8.22 -17.18 -20.31
CA HIS A 20 7.58 -17.10 -21.61
C HIS A 20 7.51 -18.48 -22.26
N SER A 21 8.67 -19.11 -22.46
CA SER A 21 8.74 -20.40 -23.12
C SER A 21 10.09 -21.04 -22.85
N VAL A 22 10.12 -22.37 -22.94
CA VAL A 22 11.35 -23.14 -22.89
C VAL A 22 11.60 -23.70 -24.28
N THR A 23 12.77 -23.42 -24.83
CA THR A 23 13.12 -23.81 -26.19
C THR A 23 14.10 -24.99 -26.14
N PHE A 24 13.69 -26.12 -26.72
CA PHE A 24 14.54 -27.28 -26.83
C PHE A 24 15.24 -27.27 -28.19
N TRP A 25 16.56 -27.46 -28.17
CA TRP A 25 17.30 -27.82 -29.39
C TRP A 25 17.39 -29.35 -29.42
N VAL A 26 16.59 -29.95 -30.30
CA VAL A 26 16.47 -31.41 -30.35
C VAL A 26 16.97 -31.90 -31.71
N GLY A 27 17.11 -33.22 -31.83
CA GLY A 27 17.58 -33.80 -33.07
C GLY A 27 16.51 -33.86 -34.15
N ASN A 28 15.26 -34.05 -33.76
CA ASN A 28 14.15 -34.11 -34.71
C ASN A 28 12.99 -33.35 -34.08
N ALA A 29 12.78 -32.11 -34.52
CA ALA A 29 11.74 -31.28 -33.90
C ALA A 29 10.35 -31.85 -34.16
N LYS A 30 10.14 -32.43 -35.35
CA LYS A 30 8.82 -32.92 -35.72
C LYS A 30 8.36 -34.03 -34.76
N GLN A 31 9.18 -35.07 -34.59
CA GLN A 31 8.84 -36.18 -33.70
C GLN A 31 8.91 -35.82 -32.23
N ALA A 32 9.73 -34.82 -31.86
CA ALA A 32 9.85 -34.46 -30.45
C ALA A 32 8.63 -33.71 -29.94
N ALA A 33 8.05 -32.84 -30.78
CA ALA A 33 6.80 -32.19 -30.40
C ALA A 33 5.68 -33.21 -30.27
N SER A 34 5.71 -34.24 -31.12
CA SER A 34 4.74 -35.33 -31.00
C SER A 34 4.86 -36.05 -29.67
N PHE A 35 6.07 -36.13 -29.11
CA PHE A 35 6.24 -36.80 -27.83
C PHE A 35 5.61 -35.99 -26.70
N TYR A 36 5.87 -34.68 -26.68
CA TYR A 36 5.35 -33.87 -25.60
C TYR A 36 3.85 -33.60 -25.73
N CYS A 37 3.29 -33.70 -26.94
CA CYS A 37 1.85 -33.56 -27.10
C CYS A 37 1.14 -34.85 -26.70
N SER A 38 1.63 -35.98 -27.18
CA SER A 38 0.95 -37.25 -26.97
C SER A 38 1.12 -37.74 -25.54
N LYS A 39 2.30 -37.56 -24.96
CA LYS A 39 2.64 -38.17 -23.68
C LYS A 39 2.51 -37.22 -22.50
N MET A 40 2.66 -35.91 -22.71
CA MET A 40 2.61 -34.96 -21.61
C MET A 40 1.41 -34.02 -21.65
N GLY A 41 0.61 -34.07 -22.71
CA GLY A 41 -0.63 -33.34 -22.75
C GLY A 41 -0.62 -31.97 -23.41
N PHE A 42 0.36 -31.70 -24.27
CA PHE A 42 0.43 -30.40 -24.92
C PHE A 42 -0.37 -30.40 -26.22
N GLU A 43 -0.50 -29.21 -26.81
CA GLU A 43 -1.24 -29.01 -28.04
C GLU A 43 -0.42 -28.16 -29.00
N PRO A 44 -0.52 -28.42 -30.29
CA PRO A 44 0.19 -27.56 -31.25
C PRO A 44 -0.37 -26.15 -31.21
N LEU A 45 0.53 -25.17 -31.21
CA LEU A 45 0.16 -23.76 -31.16
C LEU A 45 0.60 -23.01 -32.42
N ALA A 46 1.89 -22.97 -32.70
CA ALA A 46 2.39 -22.28 -33.89
C ALA A 46 3.50 -23.11 -34.52
N TYR A 47 4.01 -22.62 -35.64
CA TYR A 47 5.01 -23.36 -36.39
C TYR A 47 5.80 -22.39 -37.26
N ARG A 48 7.10 -22.61 -37.36
CA ARG A 48 7.92 -21.92 -38.34
C ARG A 48 8.89 -22.93 -38.94
N GLY A 49 9.14 -22.80 -40.24
CA GLY A 49 10.01 -23.70 -40.97
C GLY A 49 10.09 -23.39 -42.46
N LEU A 50 10.34 -24.41 -43.30
CA LEU A 50 10.40 -24.17 -44.74
C LEU A 50 9.12 -23.54 -45.25
N GLU A 51 7.97 -24.01 -44.75
CA GLU A 51 6.68 -23.61 -45.31
C GLU A 51 6.23 -22.21 -44.90
N THR A 52 6.94 -21.54 -43.99
CA THR A 52 6.58 -20.18 -43.59
C THR A 52 7.64 -19.14 -43.91
N GLY A 53 8.84 -19.55 -44.37
CA GLY A 53 9.88 -18.61 -44.75
C GLY A 53 11.18 -18.76 -43.99
N SER A 54 11.25 -19.62 -42.98
CA SER A 54 12.49 -19.86 -42.23
C SER A 54 13.17 -21.08 -42.86
N ARG A 55 14.30 -20.85 -43.52
CA ARG A 55 14.94 -21.91 -44.28
C ARG A 55 16.10 -22.58 -43.56
N GLU A 56 16.57 -22.02 -42.43
CA GLU A 56 17.67 -22.64 -41.69
C GLU A 56 17.21 -23.33 -40.40
N VAL A 57 16.20 -22.81 -39.71
CA VAL A 57 15.75 -23.36 -38.45
C VAL A 57 14.24 -23.62 -38.52
N VAL A 58 13.81 -24.76 -37.97
CA VAL A 58 12.41 -25.13 -37.87
C VAL A 58 12.05 -25.22 -36.40
N SER A 59 10.84 -24.78 -36.05
CA SER A 59 10.40 -24.74 -34.67
C SER A 59 8.92 -25.11 -34.57
N HIS A 60 8.62 -26.07 -33.69
CA HIS A 60 7.26 -26.49 -33.39
C HIS A 60 6.91 -25.98 -31.99
N VAL A 61 6.05 -24.96 -31.94
CA VAL A 61 5.58 -24.42 -30.68
C VAL A 61 4.34 -25.19 -30.23
N ILE A 62 4.36 -25.69 -28.99
CA ILE A 62 3.23 -26.40 -28.41
C ILE A 62 2.92 -25.77 -27.05
N LYS A 63 1.68 -25.97 -26.61
CA LYS A 63 1.14 -25.22 -25.48
C LYS A 63 0.28 -26.10 -24.59
N GLN A 64 0.39 -25.88 -23.28
CA GLN A 64 -0.54 -26.45 -22.32
C GLN A 64 -0.72 -25.46 -21.18
N GLY A 65 -1.93 -24.94 -21.03
CA GLY A 65 -2.16 -23.92 -20.02
C GLY A 65 -1.39 -22.67 -20.41
N LYS A 66 -0.48 -22.23 -19.54
CA LYS A 66 0.48 -21.19 -19.89
C LYS A 66 1.83 -21.76 -20.28
N ILE A 67 2.06 -23.07 -20.05
CA ILE A 67 3.33 -23.69 -20.39
C ILE A 67 3.50 -23.70 -21.90
N VAL A 68 4.61 -23.14 -22.37
CA VAL A 68 4.93 -23.11 -23.79
C VAL A 68 6.29 -23.75 -23.98
N PHE A 69 6.32 -24.88 -24.70
CA PHE A 69 7.55 -25.49 -25.17
C PHE A 69 7.67 -25.21 -26.66
N VAL A 70 8.90 -24.97 -27.12
CA VAL A 70 9.17 -24.82 -28.54
C VAL A 70 10.33 -25.75 -28.88
N LEU A 71 10.09 -26.68 -29.79
CA LEU A 71 11.10 -27.65 -30.20
C LEU A 71 11.75 -27.14 -31.48
N SER A 72 13.07 -27.06 -31.48
CA SER A 72 13.80 -26.54 -32.62
C SER A 72 14.82 -27.56 -33.12
N SER A 73 14.95 -27.64 -34.44
CA SER A 73 15.99 -28.41 -35.10
C SER A 73 16.52 -27.60 -36.27
N ALA A 74 17.74 -27.92 -36.68
CA ALA A 74 18.34 -27.28 -37.85
C ALA A 74 17.74 -27.86 -39.13
N LEU A 75 17.69 -27.02 -40.17
CA LEU A 75 17.16 -27.42 -41.47
C LEU A 75 18.24 -27.80 -42.47
N ASN A 76 19.37 -27.09 -42.46
CA ASN A 76 20.47 -27.35 -43.37
C ASN A 76 21.53 -28.21 -42.68
N PRO A 77 22.25 -29.03 -43.45
CA PRO A 77 23.39 -29.76 -42.89
C PRO A 77 24.52 -28.82 -42.51
N TRP A 78 25.40 -29.32 -41.66
CA TRP A 78 26.61 -28.62 -41.24
C TRP A 78 26.29 -27.23 -40.66
N ASN A 79 25.35 -27.21 -39.72
CA ASN A 79 25.11 -26.04 -38.88
C ASN A 79 25.99 -26.20 -37.64
N LYS A 80 27.00 -25.34 -37.51
CA LYS A 80 27.99 -25.53 -36.45
C LYS A 80 27.34 -25.47 -35.07
N GLU A 81 26.60 -24.40 -34.79
CA GLU A 81 26.08 -24.19 -33.45
C GLU A 81 25.09 -25.28 -33.04
N MET A 82 24.02 -25.46 -33.81
CA MET A 82 23.04 -26.50 -33.48
C MET A 82 23.65 -27.89 -33.58
N GLY A 83 24.50 -28.11 -34.57
CA GLY A 83 25.14 -29.41 -34.69
C GLY A 83 26.04 -29.73 -33.52
N ASP A 84 26.90 -28.78 -33.14
CA ASP A 84 27.76 -28.98 -31.98
C ASP A 84 26.93 -29.28 -30.74
N HIS A 85 25.86 -28.51 -30.52
CA HIS A 85 25.07 -28.63 -29.30
C HIS A 85 24.47 -30.01 -29.14
N LEU A 86 24.15 -30.68 -30.26
CA LEU A 86 23.56 -32.01 -30.20
C LEU A 86 24.59 -33.09 -29.90
N VAL A 87 25.83 -32.90 -30.34
CA VAL A 87 26.89 -33.86 -29.99
C VAL A 87 27.20 -33.79 -28.50
N LYS A 88 27.23 -32.57 -27.96
CA LYS A 88 27.56 -32.38 -26.55
C LYS A 88 26.42 -32.84 -25.64
N HIS A 89 25.23 -32.29 -25.86
CA HIS A 89 24.10 -32.48 -24.94
C HIS A 89 23.11 -33.53 -25.38
N GLY A 90 23.01 -33.80 -26.67
CA GLY A 90 21.85 -34.53 -27.11
C GLY A 90 20.68 -33.55 -27.12
N ASP A 91 19.48 -34.11 -27.06
CA ASP A 91 18.33 -33.24 -26.88
C ASP A 91 18.37 -32.62 -25.49
N GLY A 92 17.82 -31.43 -25.37
CA GLY A 92 17.84 -30.76 -24.09
C GLY A 92 17.50 -29.29 -24.24
N VAL A 93 17.37 -28.63 -23.09
CA VAL A 93 16.95 -27.25 -23.07
C VAL A 93 18.08 -26.37 -23.59
N LYS A 94 17.75 -25.47 -24.51
CA LYS A 94 18.70 -24.51 -25.06
C LYS A 94 18.55 -23.12 -24.45
N ASP A 95 17.32 -22.63 -24.35
CA ASP A 95 17.05 -21.26 -23.96
C ASP A 95 15.79 -21.21 -23.09
N ILE A 96 15.83 -20.38 -22.06
CA ILE A 96 14.67 -20.09 -21.22
C ILE A 96 14.30 -18.63 -21.45
N ALA A 97 13.03 -18.40 -21.76
CA ALA A 97 12.55 -17.08 -22.17
C ALA A 97 11.73 -16.44 -21.07
N PHE A 98 12.01 -15.17 -20.78
CA PHE A 98 11.24 -14.36 -19.85
C PHE A 98 10.40 -13.35 -20.63
N GLU A 99 9.22 -13.05 -20.12
CA GLU A 99 8.42 -11.93 -20.61
C GLU A 99 8.62 -10.75 -19.67
N VAL A 100 9.00 -9.61 -20.23
CA VAL A 100 9.46 -8.48 -19.43
C VAL A 100 8.75 -7.22 -19.86
N GLU A 101 8.59 -6.29 -18.91
CA GLU A 101 8.24 -4.90 -19.19
C GLU A 101 9.52 -4.08 -19.19
N ASP A 102 9.66 -3.23 -20.21
CA ASP A 102 10.88 -2.44 -20.44
C ASP A 102 12.06 -3.38 -20.68
N CYS A 103 12.13 -3.96 -21.89
CA CYS A 103 13.24 -4.84 -22.23
C CYS A 103 14.55 -4.05 -22.37
N ASP A 104 14.48 -2.81 -22.86
CA ASP A 104 15.69 -2.04 -23.08
C ASP A 104 16.48 -1.83 -21.79
N TYR A 105 15.79 -1.39 -20.73
CA TYR A 105 16.47 -1.09 -19.48
C TYR A 105 17.11 -2.34 -18.88
N ILE A 106 16.41 -3.48 -18.96
CA ILE A 106 16.94 -4.72 -18.39
C ILE A 106 18.20 -5.15 -19.11
N VAL A 107 18.26 -4.96 -20.43
CA VAL A 107 19.48 -5.28 -21.16
C VAL A 107 20.59 -4.31 -20.79
N GLN A 108 20.27 -3.03 -20.67
CA GLN A 108 21.27 -2.04 -20.30
C GLN A 108 21.77 -2.26 -18.87
N LYS A 109 20.86 -2.67 -17.97
CA LYS A 109 21.27 -2.99 -16.61
C LYS A 109 22.32 -4.09 -16.60
N ALA A 110 22.06 -5.19 -17.32
CA ALA A 110 22.93 -6.36 -17.24
C ALA A 110 24.29 -6.12 -17.91
N ARG A 111 24.34 -5.29 -18.95
CA ARG A 111 25.63 -4.95 -19.53
C ARG A 111 26.47 -4.14 -18.56
N GLU A 112 25.83 -3.26 -17.80
CA GLU A 112 26.53 -2.43 -16.82
C GLU A 112 27.26 -3.28 -15.79
N ARG A 113 26.74 -4.45 -15.46
CA ARG A 113 27.27 -5.29 -14.41
C ARG A 113 28.14 -6.44 -14.92
N GLY A 114 28.09 -6.73 -16.22
CA GLY A 114 29.03 -7.68 -16.80
C GLY A 114 28.44 -8.90 -17.48
N ALA A 115 27.20 -8.81 -17.95
CA ALA A 115 26.53 -9.92 -18.64
C ALA A 115 26.67 -9.73 -20.14
N LYS A 116 27.20 -10.75 -20.82
CA LYS A 116 27.35 -10.66 -22.27
C LYS A 116 25.99 -10.71 -22.95
N ILE A 117 25.82 -9.88 -23.98
CA ILE A 117 24.57 -9.80 -24.73
C ILE A 117 24.79 -10.51 -26.06
N MET A 118 24.07 -11.61 -26.27
CA MET A 118 24.20 -12.34 -27.53
C MET A 118 23.52 -11.59 -28.67
N ARG A 119 22.34 -11.05 -28.42
CA ARG A 119 21.63 -10.21 -29.38
C ARG A 119 20.92 -9.10 -28.60
N GLU A 120 21.35 -7.87 -28.84
CA GLU A 120 20.77 -6.71 -28.19
C GLU A 120 19.39 -6.40 -28.81
N PRO A 121 18.56 -5.62 -28.10
CA PRO A 121 17.15 -5.48 -28.51
C PRO A 121 16.94 -5.20 -30.00
N TRP A 122 16.09 -6.03 -30.61
CA TRP A 122 15.59 -5.83 -31.95
C TRP A 122 14.10 -6.11 -31.94
N VAL A 123 13.38 -5.48 -32.87
CA VAL A 123 11.93 -5.56 -32.94
C VAL A 123 11.52 -6.27 -34.22
N GLU A 124 10.65 -7.26 -34.10
CA GLU A 124 9.97 -7.88 -35.22
C GLU A 124 8.52 -7.42 -35.27
N GLN A 125 7.92 -7.51 -36.45
CA GLN A 125 6.59 -6.95 -36.66
C GLN A 125 5.81 -7.83 -37.64
N ASP A 126 4.50 -7.90 -37.43
CA ASP A 126 3.62 -8.55 -38.39
C ASP A 126 2.22 -7.96 -38.25
N LYS A 127 1.20 -8.69 -38.71
CA LYS A 127 -0.17 -8.22 -38.78
C LYS A 127 -0.78 -7.91 -37.43
N PHE A 128 -0.14 -8.29 -36.32
CA PHE A 128 -0.77 -8.24 -35.02
C PHE A 128 -0.08 -7.30 -34.03
N GLY A 129 1.07 -6.76 -34.37
CA GLY A 129 1.77 -5.81 -33.52
C GLY A 129 3.27 -5.88 -33.76
N LYS A 130 4.03 -5.67 -32.68
CA LYS A 130 5.47 -5.71 -32.75
C LYS A 130 6.01 -6.14 -31.39
N VAL A 131 6.98 -7.06 -31.40
CA VAL A 131 7.55 -7.60 -30.18
C VAL A 131 9.05 -7.32 -30.16
N LYS A 132 9.54 -6.84 -29.03
CA LYS A 132 10.97 -6.64 -28.83
C LYS A 132 11.59 -7.91 -28.28
N PHE A 133 12.80 -8.22 -28.74
CA PHE A 133 13.54 -9.38 -28.28
C PHE A 133 14.97 -8.97 -27.94
N ALA A 134 15.57 -9.69 -27.00
CA ALA A 134 16.98 -9.51 -26.66
C ALA A 134 17.46 -10.78 -25.98
N VAL A 135 18.73 -11.12 -26.22
CA VAL A 135 19.28 -12.42 -25.83
C VAL A 135 20.49 -12.21 -24.94
N LEU A 136 20.43 -12.77 -23.73
CA LEU A 136 21.56 -12.82 -22.81
C LEU A 136 21.92 -14.28 -22.52
N GLN A 137 23.18 -14.53 -22.18
CA GLN A 137 23.68 -15.89 -21.98
C GLN A 137 23.96 -16.17 -20.51
N THR A 138 23.64 -17.41 -20.10
CA THR A 138 23.87 -17.88 -18.74
C THR A 138 24.84 -19.05 -18.72
N TYR A 139 24.62 -19.98 -17.78
CA TYR A 139 25.54 -21.08 -17.58
C TYR A 139 25.55 -22.03 -18.78
N GLY A 140 26.65 -22.76 -18.92
CA GLY A 140 26.78 -23.72 -20.01
C GLY A 140 26.56 -23.06 -21.35
N ASP A 141 25.78 -23.72 -22.21
CA ASP A 141 25.35 -23.15 -23.47
C ASP A 141 23.91 -22.64 -23.42
N THR A 142 23.36 -22.50 -22.22
CA THR A 142 22.00 -21.98 -22.04
C THR A 142 21.98 -20.46 -22.18
N THR A 143 20.87 -19.94 -22.72
CA THR A 143 20.66 -18.53 -22.92
C THR A 143 19.30 -18.11 -22.35
N HIS A 144 19.14 -16.80 -22.20
CA HIS A 144 17.88 -16.18 -21.80
C HIS A 144 17.52 -15.15 -22.86
N THR A 145 16.35 -15.31 -23.48
CA THR A 145 15.84 -14.31 -24.41
C THR A 145 14.69 -13.57 -23.75
N LEU A 146 14.76 -12.24 -23.77
CA LEU A 146 13.72 -11.41 -23.18
C LEU A 146 12.65 -11.12 -24.22
N VAL A 147 11.40 -11.11 -23.77
CA VAL A 147 10.24 -10.92 -24.64
C VAL A 147 9.46 -9.71 -24.14
N GLU A 148 9.28 -8.71 -25.02
CA GLU A 148 8.54 -7.50 -24.72
C GLU A 148 7.48 -7.30 -25.80
N LYS A 149 6.21 -7.42 -25.42
CA LYS A 149 5.11 -7.26 -26.37
C LYS A 149 4.70 -5.79 -26.43
N MET A 150 4.81 -5.19 -27.61
CA MET A 150 4.48 -3.78 -27.83
C MET A 150 3.21 -3.76 -28.69
N ASN A 151 2.06 -3.91 -28.03
CA ASN A 151 0.74 -3.92 -28.68
C ASN A 151 0.62 -5.11 -29.62
N TYR A 152 0.83 -6.31 -29.09
CA TYR A 152 0.75 -7.54 -29.85
C TYR A 152 -0.45 -8.35 -29.38
N ILE A 153 -1.25 -8.84 -30.34
CA ILE A 153 -2.44 -9.63 -30.01
C ILE A 153 -2.44 -10.92 -30.82
N GLY A 154 -1.26 -11.37 -31.24
CA GLY A 154 -1.16 -12.63 -31.95
C GLY A 154 -1.21 -13.83 -31.01
N GLN A 155 -1.29 -15.02 -31.62
CA GLN A 155 -1.39 -16.25 -30.83
C GLN A 155 -0.11 -16.51 -30.04
N PHE A 156 1.05 -16.28 -30.66
CA PHE A 156 2.33 -16.52 -30.00
C PHE A 156 3.30 -15.36 -30.25
N LEU A 157 4.03 -15.43 -31.35
CA LEU A 157 5.06 -14.45 -31.67
C LEU A 157 5.00 -14.12 -33.15
N PRO A 158 5.54 -12.98 -33.57
CA PRO A 158 5.62 -12.69 -35.00
C PRO A 158 6.50 -13.69 -35.72
N GLY A 159 6.21 -13.91 -37.00
CA GLY A 159 6.97 -14.83 -37.79
C GLY A 159 6.57 -16.28 -37.65
N TYR A 160 5.42 -16.55 -37.03
CA TYR A 160 4.92 -17.89 -36.82
C TYR A 160 3.52 -18.00 -37.39
N GLU A 161 3.21 -19.16 -37.95
CA GLU A 161 1.89 -19.44 -38.51
C GLU A 161 1.30 -20.65 -37.80
N ALA A 162 0.12 -21.08 -38.27
CA ALA A 162 -0.59 -22.19 -37.64
C ALA A 162 0.23 -23.49 -37.76
N PRO A 163 -0.03 -24.45 -36.88
CA PRO A 163 0.68 -25.73 -36.98
C PRO A 163 0.52 -26.36 -38.36
N ALA A 164 1.62 -26.95 -38.85
CA ALA A 164 1.65 -27.60 -40.16
C ALA A 164 0.77 -28.85 -40.22
N PHE A 165 0.37 -29.40 -39.09
CA PHE A 165 -0.43 -30.62 -39.04
C PHE A 165 -1.10 -30.79 -37.67
N MET A 166 -2.42 -30.99 -37.65
CA MET A 166 -3.18 -31.15 -36.41
C MET A 166 -3.37 -32.64 -36.17
N ASP A 167 -2.61 -33.18 -35.21
CA ASP A 167 -2.70 -34.60 -34.88
C ASP A 167 -4.12 -34.93 -34.44
N PRO A 168 -4.86 -35.78 -35.17
CA PRO A 168 -6.22 -36.12 -34.75
C PRO A 168 -6.27 -37.03 -33.54
N LEU A 169 -5.13 -37.56 -33.10
CA LEU A 169 -5.12 -38.43 -31.92
C LEU A 169 -5.19 -37.63 -30.63
N LEU A 170 -4.60 -36.44 -30.61
CA LEU A 170 -4.59 -35.64 -29.38
C LEU A 170 -5.98 -35.34 -28.83
N PRO A 171 -6.99 -34.98 -29.64
CA PRO A 171 -8.29 -34.63 -29.05
C PRO A 171 -8.98 -35.78 -28.33
N LYS A 172 -8.67 -37.03 -28.67
CA LYS A 172 -9.27 -38.18 -28.02
C LYS A 172 -8.59 -38.56 -26.72
N LEU A 173 -7.51 -37.83 -26.33
CA LEU A 173 -6.68 -38.11 -25.18
C LEU A 173 -7.07 -37.25 -23.99
N PRO A 174 -6.92 -37.76 -22.77
CA PRO A 174 -7.33 -37.00 -21.59
C PRO A 174 -6.45 -35.80 -21.37
N LYS A 175 -7.01 -34.80 -20.70
CA LYS A 175 -6.25 -33.61 -20.33
C LYS A 175 -5.45 -33.88 -19.06
N CYS A 176 -4.32 -33.19 -18.95
CA CYS A 176 -3.34 -33.44 -17.89
C CYS A 176 -3.35 -32.40 -16.78
N SER A 177 -4.13 -31.33 -16.91
CA SER A 177 -4.27 -30.32 -15.84
C SER A 177 -2.95 -29.65 -15.49
N LEU A 178 -2.06 -29.48 -16.45
CA LEU A 178 -0.81 -28.76 -16.26
C LEU A 178 -1.03 -27.30 -16.62
N GLU A 179 -0.80 -26.40 -15.67
CA GLU A 179 -1.20 -25.01 -15.80
C GLU A 179 -0.05 -24.05 -16.04
N MET A 180 1.01 -24.11 -15.23
CA MET A 180 2.11 -23.18 -15.41
C MET A 180 3.41 -23.84 -15.00
N ILE A 181 4.52 -23.20 -15.37
CA ILE A 181 5.86 -23.67 -15.01
C ILE A 181 6.20 -23.12 -13.63
N ASP A 182 6.48 -24.03 -12.70
CA ASP A 182 6.74 -23.62 -11.32
C ASP A 182 8.19 -23.17 -11.14
N HIS A 183 9.14 -23.99 -11.56
CA HIS A 183 10.55 -23.63 -11.50
C HIS A 183 11.31 -24.46 -12.52
N ILE A 184 12.56 -24.08 -12.75
CA ILE A 184 13.46 -24.77 -13.67
C ILE A 184 14.83 -24.84 -13.02
N VAL A 185 15.43 -26.04 -13.02
CA VAL A 185 16.63 -26.33 -12.28
C VAL A 185 17.81 -26.39 -13.23
N GLY A 186 18.91 -25.70 -12.89
CA GLY A 186 20.12 -25.71 -13.67
C GLY A 186 21.32 -26.24 -12.91
N ASN A 187 21.81 -27.41 -13.32
CA ASN A 187 22.96 -28.02 -12.69
C ASN A 187 24.25 -27.38 -13.17
N GLN A 188 25.23 -27.31 -12.27
CA GLN A 188 26.53 -26.71 -12.53
C GLN A 188 27.61 -27.65 -12.06
N PRO A 189 28.82 -27.54 -12.61
CA PRO A 189 29.98 -28.23 -12.02
C PRO A 189 30.24 -27.71 -10.61
N ASP A 190 31.17 -28.36 -9.91
CA ASP A 190 31.52 -27.91 -8.57
C ASP A 190 32.15 -26.53 -8.62
N GLN A 191 31.85 -25.72 -7.61
CA GLN A 191 32.35 -24.36 -7.45
C GLN A 191 31.80 -23.41 -8.51
N GLU A 192 30.72 -23.79 -9.19
CA GLU A 192 30.03 -22.90 -10.12
C GLU A 192 28.59 -22.56 -9.72
N MET A 193 28.05 -23.17 -8.66
CA MET A 193 26.73 -22.80 -8.18
C MET A 193 26.70 -21.34 -7.74
N VAL A 194 27.73 -20.91 -7.00
CA VAL A 194 27.82 -19.51 -6.61
C VAL A 194 27.99 -18.62 -7.83
N SER A 195 28.82 -19.04 -8.79
CA SER A 195 28.97 -18.28 -10.02
C SER A 195 27.64 -18.16 -10.76
N ALA A 196 26.99 -19.30 -11.02
CA ALA A 196 25.81 -19.30 -11.87
C ALA A 196 24.65 -18.55 -11.25
N SER A 197 24.49 -18.65 -9.93
CA SER A 197 23.35 -18.01 -9.26
C SER A 197 23.55 -16.51 -9.12
N GLU A 198 24.76 -16.07 -8.76
CA GLU A 198 25.02 -14.64 -8.61
C GLU A 198 24.95 -13.90 -9.94
N TRP A 199 25.07 -14.60 -11.06
CA TRP A 199 24.80 -13.99 -12.36
C TRP A 199 23.42 -13.36 -12.38
N TYR A 200 22.42 -14.12 -11.91
CA TYR A 200 21.05 -13.62 -11.88
C TYR A 200 20.89 -12.50 -10.85
N LEU A 201 21.55 -12.62 -9.70
CA LEU A 201 21.46 -11.57 -8.70
C LEU A 201 22.12 -10.29 -9.21
N LYS A 202 23.33 -10.40 -9.75
CA LYS A 202 24.09 -9.22 -10.13
C LYS A 202 23.47 -8.53 -11.33
N ASN A 203 23.35 -9.25 -12.45
CA ASN A 203 23.00 -8.61 -13.71
C ASN A 203 21.49 -8.42 -13.89
N LEU A 204 20.68 -9.37 -13.43
CA LEU A 204 19.24 -9.28 -13.59
C LEU A 204 18.53 -8.63 -12.42
N GLN A 205 19.23 -8.38 -11.32
CA GLN A 205 18.62 -7.88 -10.09
C GLN A 205 17.52 -8.83 -9.61
N PHE A 206 17.83 -10.12 -9.58
CA PHE A 206 16.96 -11.10 -8.94
C PHE A 206 17.25 -11.07 -7.44
N HIS A 207 16.86 -12.13 -6.72
CA HIS A 207 17.17 -12.20 -5.31
C HIS A 207 17.12 -13.64 -4.84
N ARG A 208 17.87 -13.93 -3.78
CA ARG A 208 17.90 -15.27 -3.24
C ARG A 208 16.56 -15.60 -2.58
N PHE A 209 15.95 -16.69 -3.02
CA PHE A 209 14.69 -17.17 -2.48
C PHE A 209 14.96 -18.22 -1.41
N TRP A 210 14.34 -18.07 -0.24
CA TRP A 210 14.53 -18.99 0.87
C TRP A 210 13.24 -19.74 1.17
N SER A 211 13.36 -21.04 1.40
CA SER A 211 12.21 -21.90 1.73
C SER A 211 12.58 -22.79 2.91
N VAL A 212 11.64 -23.67 3.28
CA VAL A 212 11.91 -24.63 4.35
C VAL A 212 12.94 -25.66 3.95
N ASP A 213 13.37 -25.66 2.68
CA ASP A 213 14.48 -26.52 2.30
C ASP A 213 15.78 -26.08 2.94
N ASP A 214 15.97 -24.77 3.10
CA ASP A 214 17.24 -24.22 3.51
C ASP A 214 17.44 -24.18 5.02
N THR A 215 16.42 -24.52 5.81
CA THR A 215 16.54 -24.53 7.26
C THR A 215 17.09 -25.83 7.80
N GLN A 216 17.60 -26.71 6.93
CA GLN A 216 18.16 -27.98 7.35
C GLN A 216 19.22 -28.41 6.33
N VAL A 217 20.01 -29.40 6.71
CA VAL A 217 21.05 -29.95 5.84
C VAL A 217 20.59 -31.34 5.41
N HIS A 218 20.15 -31.44 4.16
CA HIS A 218 19.79 -32.71 3.55
C HIS A 218 20.84 -33.23 2.58
N THR A 219 22.04 -32.62 2.59
CA THR A 219 23.05 -32.92 1.58
C THR A 219 23.50 -34.38 1.61
N GLU A 220 23.55 -34.99 2.79
CA GLU A 220 23.96 -36.39 2.84
C GLU A 220 22.96 -37.29 2.11
N TYR A 221 21.70 -36.86 2.03
CA TYR A 221 20.68 -37.56 1.27
C TYR A 221 20.43 -36.93 -0.10
N SER A 222 20.63 -35.62 -0.23
CA SER A 222 20.39 -34.96 -1.51
C SER A 222 21.58 -35.06 -2.45
N SER A 223 22.79 -35.20 -1.90
CA SER A 223 24.04 -35.21 -2.67
C SER A 223 24.15 -33.97 -3.57
N LEU A 224 23.62 -32.85 -3.09
CA LEU A 224 23.64 -31.61 -3.87
C LEU A 224 23.48 -30.43 -2.93
N ARG A 225 23.95 -29.26 -3.40
CA ARG A 225 23.73 -27.98 -2.73
C ARG A 225 22.94 -27.09 -3.66
N SER A 226 21.85 -26.51 -3.18
CA SER A 226 20.97 -25.69 -3.99
C SER A 226 21.02 -24.24 -3.55
N ILE A 227 20.76 -23.35 -4.51
CA ILE A 227 20.57 -21.91 -4.27
C ILE A 227 19.52 -21.43 -5.27
N VAL A 228 18.31 -21.16 -4.78
CA VAL A 228 17.20 -20.80 -5.64
C VAL A 228 17.19 -19.28 -5.82
N VAL A 229 17.06 -18.85 -7.07
CA VAL A 229 17.10 -17.43 -7.40
C VAL A 229 15.82 -17.06 -8.14
N ALA A 230 15.19 -15.96 -7.73
CA ALA A 230 13.87 -15.61 -8.23
C ALA A 230 13.80 -14.12 -8.55
N ASN A 231 12.89 -13.78 -9.46
CA ASN A 231 12.61 -12.37 -9.76
C ASN A 231 11.91 -11.72 -8.56
N TYR A 232 11.75 -10.41 -8.64
CA TYR A 232 11.21 -9.66 -7.50
C TYR A 232 9.80 -10.12 -7.15
N GLU A 233 8.92 -10.21 -8.15
CA GLU A 233 7.56 -10.68 -7.90
C GLU A 233 7.51 -12.16 -7.55
N GLU A 234 8.63 -12.88 -7.70
CA GLU A 234 8.77 -14.27 -7.26
C GLU A 234 7.85 -15.23 -7.98
N SER A 235 7.46 -14.93 -9.23
CA SER A 235 6.84 -15.94 -10.06
C SER A 235 7.88 -16.81 -10.74
N ILE A 236 8.98 -16.21 -11.17
CA ILE A 236 10.08 -16.94 -11.81
C ILE A 236 11.00 -17.43 -10.70
N LYS A 237 10.84 -18.69 -10.31
CA LYS A 237 11.73 -19.33 -9.35
C LYS A 237 12.64 -20.30 -10.10
N MET A 238 13.89 -20.38 -9.67
CA MET A 238 14.90 -21.00 -10.53
C MET A 238 16.11 -21.48 -9.74
N PRO A 239 16.08 -22.71 -9.23
CA PRO A 239 17.19 -23.19 -8.40
C PRO A 239 18.45 -23.44 -9.23
N ILE A 240 19.59 -23.27 -8.56
CA ILE A 240 20.90 -23.50 -9.15
C ILE A 240 21.62 -24.50 -8.27
N ASN A 241 22.00 -25.64 -8.84
CA ASN A 241 22.53 -26.76 -8.07
C ASN A 241 24.01 -26.99 -8.38
N GLU A 242 24.67 -27.72 -7.48
CA GLU A 242 26.03 -28.20 -7.71
C GLU A 242 26.24 -29.45 -6.86
N PRO A 243 27.16 -30.33 -7.24
CA PRO A 243 27.29 -31.59 -6.50
C PRO A 243 27.73 -31.37 -5.06
N ALA A 244 27.62 -32.44 -4.27
CA ALA A 244 28.01 -32.41 -2.86
C ALA A 244 28.17 -33.82 -2.33
N PRO A 245 29.02 -34.04 -1.32
CA PRO A 245 29.19 -35.40 -0.79
C PRO A 245 27.91 -35.89 -0.11
N GLY A 246 27.46 -37.08 -0.52
CA GLY A 246 26.26 -37.68 0.02
C GLY A 246 26.34 -39.19 -0.02
N LYS A 247 25.44 -39.83 0.73
CA LYS A 247 25.47 -41.27 0.89
C LYS A 247 25.28 -42.04 -0.41
N LYS A 248 24.97 -41.36 -1.52
CA LYS A 248 24.81 -42.03 -2.81
C LYS A 248 25.44 -41.19 -3.91
N LYS A 249 25.63 -41.81 -5.06
CA LYS A 249 26.19 -41.11 -6.22
C LYS A 249 25.38 -39.87 -6.54
N SER A 250 26.08 -38.80 -6.89
CA SER A 250 25.44 -37.51 -7.09
C SER A 250 24.74 -37.48 -8.44
N GLN A 251 23.43 -37.19 -8.41
CA GLN A 251 22.70 -36.97 -9.65
C GLN A 251 23.17 -35.72 -10.37
N ILE A 252 23.80 -34.79 -9.64
CA ILE A 252 24.29 -33.56 -10.26
C ILE A 252 25.58 -33.82 -11.03
N GLN A 253 26.50 -34.58 -10.44
CA GLN A 253 27.74 -34.91 -11.13
C GLN A 253 27.46 -35.76 -12.37
N GLU A 254 26.62 -36.79 -12.22
CA GLU A 254 26.29 -37.63 -13.37
C GLU A 254 25.56 -36.85 -14.45
N TYR A 255 24.82 -35.80 -14.06
CA TYR A 255 24.20 -34.94 -15.06
C TYR A 255 25.26 -34.17 -15.84
N VAL A 256 26.13 -33.44 -15.13
CA VAL A 256 27.19 -32.69 -15.78
C VAL A 256 28.08 -33.61 -16.61
N ASP A 257 28.22 -34.87 -16.19
CA ASP A 257 29.01 -35.82 -16.96
C ASP A 257 28.38 -36.07 -18.32
N TYR A 258 27.09 -36.39 -18.35
CA TYR A 258 26.43 -36.73 -19.61
C TYR A 258 26.06 -35.50 -20.42
N ASN A 259 26.02 -34.31 -19.79
CA ASN A 259 25.69 -33.09 -20.51
C ASN A 259 26.89 -32.50 -21.22
N GLY A 260 28.10 -32.78 -20.73
CA GLY A 260 29.29 -32.07 -21.18
C GLY A 260 29.49 -30.73 -20.54
N GLY A 261 28.69 -30.38 -19.54
CA GLY A 261 28.73 -29.05 -18.94
C GLY A 261 27.43 -28.78 -18.20
N ALA A 262 27.22 -27.49 -17.91
CA ALA A 262 26.04 -27.04 -17.19
C ALA A 262 24.82 -27.00 -18.10
N GLY A 263 23.65 -27.22 -17.51
CA GLY A 263 22.42 -27.18 -18.29
C GLY A 263 21.22 -27.39 -17.40
N VAL A 264 20.05 -27.23 -18.00
CA VAL A 264 18.78 -27.43 -17.30
C VAL A 264 18.61 -28.91 -16.98
N GLN A 265 18.38 -29.22 -15.70
CA GLN A 265 18.14 -30.60 -15.28
C GLN A 265 16.69 -31.02 -15.45
N HIS A 266 15.74 -30.20 -14.98
CA HIS A 266 14.34 -30.57 -15.12
C HIS A 266 13.46 -29.34 -15.03
N ILE A 267 12.26 -29.47 -15.59
CA ILE A 267 11.26 -28.41 -15.62
C ILE A 267 10.12 -28.82 -14.70
N ALA A 268 9.60 -27.87 -13.93
CA ALA A 268 8.57 -28.14 -12.93
C ALA A 268 7.23 -27.59 -13.46
N LEU A 269 6.29 -28.49 -13.72
CA LEU A 269 4.98 -28.13 -14.23
C LEU A 269 3.97 -28.23 -13.09
N LYS A 270 3.36 -27.10 -12.74
CA LYS A 270 2.46 -27.04 -11.60
CA LYS A 270 2.46 -27.05 -11.60
C LYS A 270 1.04 -27.43 -12.00
N THR A 271 0.31 -28.03 -11.06
CA THR A 271 -1.06 -28.45 -11.28
C THR A 271 -1.87 -28.18 -10.03
N GLU A 272 -3.20 -28.21 -10.20
CA GLU A 272 -4.11 -28.08 -9.07
C GLU A 272 -4.98 -29.33 -8.91
N ASP A 273 -4.64 -30.42 -9.61
CA ASP A 273 -5.37 -31.69 -9.55
C ASP A 273 -4.34 -32.77 -9.90
N ILE A 274 -3.38 -32.97 -9.00
CA ILE A 274 -2.24 -33.83 -9.29
C ILE A 274 -2.65 -35.29 -9.42
N ILE A 275 -3.82 -35.68 -8.87
CA ILE A 275 -4.30 -37.04 -9.06
C ILE A 275 -4.76 -37.24 -10.49
N THR A 276 -5.59 -36.32 -10.99
CA THR A 276 -5.99 -36.36 -12.40
C THR A 276 -4.79 -36.17 -13.31
N ALA A 277 -3.82 -35.36 -12.89
CA ALA A 277 -2.64 -35.13 -13.70
C ALA A 277 -1.87 -36.44 -13.91
N ILE A 278 -1.58 -37.16 -12.82
CA ILE A 278 -0.75 -38.35 -12.93
C ILE A 278 -1.56 -39.54 -13.44
N ARG A 279 -2.86 -39.56 -13.15
CA ARG A 279 -3.71 -40.62 -13.69
C ARG A 279 -3.75 -40.56 -15.22
N HIS A 280 -3.82 -39.35 -15.78
CA HIS A 280 -3.96 -39.19 -17.22
C HIS A 280 -2.62 -39.24 -17.95
N LEU A 281 -1.55 -38.75 -17.32
CA LEU A 281 -0.23 -38.92 -17.91
C LEU A 281 0.12 -40.40 -18.06
N ARG A 282 -0.23 -41.21 -17.06
CA ARG A 282 0.06 -42.64 -17.15
C ARG A 282 -0.84 -43.32 -18.18
N GLU A 283 -2.00 -42.74 -18.46
CA GLU A 283 -2.82 -43.26 -19.56
C GLU A 283 -2.13 -43.05 -20.90
N ARG A 284 -1.66 -41.82 -21.14
CA ARG A 284 -1.04 -41.48 -22.42
C ARG A 284 0.26 -42.25 -22.66
N GLY A 285 0.93 -42.70 -21.60
CA GLY A 285 2.11 -43.52 -21.74
C GLY A 285 3.40 -42.94 -21.22
N LEU A 286 3.35 -41.84 -20.47
CA LEU A 286 4.55 -41.31 -19.87
C LEU A 286 4.98 -42.22 -18.72
N GLU A 287 6.29 -42.33 -18.53
CA GLU A 287 6.86 -43.19 -17.49
C GLU A 287 7.44 -42.33 -16.38
N PHE A 288 7.18 -42.73 -15.14
CA PHE A 288 7.66 -42.04 -13.96
C PHE A 288 8.60 -42.96 -13.18
N LEU A 289 9.23 -42.40 -12.15
CA LEU A 289 10.16 -43.17 -11.34
C LEU A 289 9.43 -44.18 -10.46
N SER A 290 10.10 -45.28 -10.16
CA SER A 290 9.54 -46.29 -9.29
C SER A 290 9.70 -45.88 -7.84
N VAL A 291 8.66 -46.14 -7.04
CA VAL A 291 8.67 -45.84 -5.62
C VAL A 291 8.22 -47.09 -4.87
N PRO A 292 9.05 -47.69 -4.02
CA PRO A 292 8.64 -48.92 -3.35
C PRO A 292 7.55 -48.69 -2.32
N SER A 293 6.79 -49.74 -2.05
CA SER A 293 5.70 -49.68 -1.08
C SER A 293 6.18 -49.20 0.29
N THR A 294 7.47 -49.35 0.57
CA THR A 294 8.01 -48.90 1.85
C THR A 294 7.83 -47.40 2.05
N TYR A 295 7.80 -46.63 0.97
CA TYR A 295 7.63 -45.18 1.09
C TYR A 295 6.27 -44.84 1.69
N TYR A 296 5.23 -45.58 1.32
CA TYR A 296 3.87 -45.25 1.73
C TYR A 296 3.50 -45.87 3.06
N LYS A 297 4.00 -47.08 3.34
CA LYS A 297 3.96 -47.58 4.71
C LYS A 297 4.57 -46.57 5.67
N GLN A 298 5.79 -46.10 5.36
CA GLN A 298 6.44 -45.13 6.22
C GLN A 298 5.72 -43.80 6.22
N LEU A 299 5.04 -43.44 5.11
CA LEU A 299 4.37 -42.15 5.05
C LEU A 299 3.19 -42.09 5.99
N ARG A 300 2.38 -43.16 6.05
CA ARG A 300 1.25 -43.18 6.96
C ARG A 300 1.70 -43.09 8.42
N GLU A 301 2.84 -43.70 8.76
CA GLU A 301 3.36 -43.61 10.12
C GLU A 301 3.66 -42.17 10.50
N LYS A 302 4.42 -41.46 9.66
CA LYS A 302 4.77 -40.08 9.96
C LYS A 302 3.53 -39.22 10.10
N LEU A 303 2.51 -39.48 9.26
CA LEU A 303 1.36 -38.59 9.21
C LEU A 303 0.54 -38.62 10.50
N LYS A 304 0.58 -39.73 11.23
CA LYS A 304 -0.11 -39.78 12.52
C LYS A 304 0.44 -38.73 13.48
N THR A 305 1.76 -38.60 13.54
CA THR A 305 2.40 -37.57 14.36
C THR A 305 2.37 -36.21 13.71
N ALA A 306 2.05 -36.13 12.42
CA ALA A 306 2.21 -34.90 11.67
C ALA A 306 1.24 -33.83 12.15
N LYS A 307 1.70 -32.57 12.12
CA LYS A 307 0.83 -31.44 12.44
C LYS A 307 -0.23 -31.26 11.36
N ILE A 308 0.18 -31.33 10.08
CA ILE A 308 -0.73 -31.15 8.97
C ILE A 308 -1.36 -32.49 8.62
N LYS A 309 -2.41 -32.45 7.80
CA LYS A 309 -3.03 -33.64 7.23
C LYS A 309 -3.04 -33.49 5.72
N VAL A 310 -2.75 -34.60 5.03
CA VAL A 310 -2.74 -34.60 3.57
C VAL A 310 -4.18 -34.69 3.07
N LYS A 311 -4.56 -33.79 2.17
CA LYS A 311 -5.94 -33.67 1.74
C LYS A 311 -6.37 -34.77 0.78
N GLU A 312 -5.45 -35.25 -0.05
CA GLU A 312 -5.81 -36.23 -1.07
C GLU A 312 -5.96 -37.62 -0.47
N ASN A 313 -6.56 -38.52 -1.25
CA ASN A 313 -6.70 -39.91 -0.88
C ASN A 313 -5.33 -40.58 -0.95
N ILE A 314 -4.76 -40.90 0.21
CA ILE A 314 -3.40 -41.45 0.24
C ILE A 314 -3.32 -42.82 -0.40
N ASP A 315 -4.44 -43.52 -0.55
CA ASP A 315 -4.44 -44.77 -1.31
C ASP A 315 -4.28 -44.53 -2.80
N ALA A 316 -4.63 -43.33 -3.29
CA ALA A 316 -4.39 -42.99 -4.69
C ALA A 316 -2.96 -42.59 -4.92
N LEU A 317 -2.35 -41.89 -3.95
CA LEU A 317 -0.95 -41.52 -4.06
C LEU A 317 -0.07 -42.75 -4.18
N GLU A 318 -0.26 -43.72 -3.27
CA GLU A 318 0.44 -45.00 -3.37
C GLU A 318 0.13 -45.70 -4.68
N GLU A 319 -1.11 -45.57 -5.16
CA GLU A 319 -1.50 -46.15 -6.44
C GLU A 319 -0.75 -45.50 -7.60
N LEU A 320 -0.53 -44.18 -7.54
CA LEU A 320 0.05 -43.43 -8.64
C LEU A 320 1.52 -43.07 -8.45
N LYS A 321 2.13 -43.48 -7.34
CA LYS A 321 3.55 -43.25 -7.07
C LYS A 321 3.90 -41.75 -7.00
N ILE A 322 3.02 -40.98 -6.37
CA ILE A 322 3.28 -39.56 -6.14
C ILE A 322 3.95 -39.40 -4.77
N LEU A 323 4.93 -38.53 -4.69
CA LEU A 323 5.71 -38.33 -3.48
C LEU A 323 5.19 -37.13 -2.69
N VAL A 324 5.46 -37.15 -1.38
CA VAL A 324 4.89 -36.20 -0.44
C VAL A 324 6.00 -35.60 0.41
N ASP A 325 5.89 -34.31 0.71
CA ASP A 325 6.81 -33.64 1.61
C ASP A 325 6.04 -32.53 2.31
N TYR A 326 6.34 -32.33 3.60
CA TYR A 326 5.56 -31.39 4.41
C TYR A 326 6.42 -30.78 5.50
N ASP A 327 5.81 -29.84 6.23
CA ASP A 327 6.41 -29.25 7.42
C ASP A 327 5.34 -28.90 8.45
N GLU A 328 5.53 -27.80 9.17
CA GLU A 328 4.58 -27.41 10.21
C GLU A 328 3.34 -26.73 9.64
N LYS A 329 3.46 -26.05 8.50
CA LYS A 329 2.37 -25.26 7.95
C LYS A 329 1.63 -25.97 6.82
N GLY A 330 2.34 -26.44 5.81
CA GLY A 330 1.70 -27.06 4.67
C GLY A 330 2.40 -28.29 4.14
N TYR A 331 2.14 -28.64 2.88
CA TYR A 331 2.77 -29.78 2.25
C TYR A 331 2.73 -29.61 0.74
N LEU A 332 3.54 -30.41 0.05
CA LEU A 332 3.59 -30.42 -1.39
C LEU A 332 3.61 -31.86 -1.88
N LEU A 333 3.02 -32.07 -3.05
CA LEU A 333 2.99 -33.38 -3.71
C LEU A 333 3.74 -33.27 -5.02
N GLN A 334 4.71 -34.14 -5.24
CA GLN A 334 5.56 -34.08 -6.42
C GLN A 334 5.78 -35.48 -6.96
N ILE A 335 6.15 -35.54 -8.24
CA ILE A 335 6.48 -36.78 -8.91
C ILE A 335 7.46 -36.45 -10.03
N PHE A 336 8.24 -37.45 -10.44
CA PHE A 336 9.28 -37.24 -11.43
C PHE A 336 9.14 -38.27 -12.55
N THR A 337 9.38 -37.82 -13.78
CA THR A 337 9.37 -38.71 -14.93
C THR A 337 10.76 -39.34 -15.11
N LYS A 338 10.78 -40.49 -15.75
CA LYS A 338 12.02 -41.06 -16.25
C LYS A 338 12.61 -40.03 -17.21
N PRO A 339 13.93 -39.95 -17.35
CA PRO A 339 14.51 -38.91 -18.22
C PRO A 339 13.94 -39.00 -19.62
N VAL A 340 13.58 -37.83 -20.16
CA VAL A 340 12.80 -37.75 -21.39
C VAL A 340 13.68 -38.07 -22.59
N GLN A 341 14.96 -38.36 -22.32
CA GLN A 341 15.86 -38.87 -23.33
C GLN A 341 16.63 -40.04 -22.75
N ASP A 342 17.62 -40.54 -23.49
CA ASP A 342 18.31 -41.75 -23.09
C ASP A 342 19.47 -41.49 -22.13
N ARG A 343 20.14 -40.35 -22.23
CA ARG A 343 21.16 -40.04 -21.25
C ARG A 343 20.50 -39.66 -19.93
N PRO A 344 21.18 -39.90 -18.79
CA PRO A 344 20.68 -39.39 -17.52
C PRO A 344 20.85 -37.87 -17.39
N THR A 345 20.17 -37.10 -18.25
CA THR A 345 20.29 -35.66 -18.25
C THR A 345 18.96 -35.06 -17.81
N LEU A 346 18.06 -34.71 -18.72
CA LEU A 346 16.87 -33.93 -18.41
C LEU A 346 15.67 -34.82 -18.10
N PHE A 347 14.91 -34.43 -17.08
CA PHE A 347 13.62 -35.05 -16.79
C PHE A 347 12.63 -33.93 -16.51
N LEU A 348 11.46 -34.27 -15.94
CA LEU A 348 10.45 -33.28 -15.65
C LEU A 348 9.76 -33.62 -14.33
N GLU A 349 9.08 -32.61 -13.78
CA GLU A 349 8.47 -32.69 -12.47
C GLU A 349 7.07 -32.10 -12.52
N VAL A 350 6.13 -32.77 -11.86
CA VAL A 350 4.76 -32.30 -11.70
C VAL A 350 4.51 -32.11 -10.22
N ILE A 351 4.20 -30.87 -9.82
CA ILE A 351 4.14 -30.49 -8.42
C ILE A 351 2.83 -29.78 -8.12
N GLN A 352 2.20 -30.13 -7.01
CA GLN A 352 1.05 -29.42 -6.47
C GLN A 352 1.38 -28.97 -5.05
N ARG A 353 1.19 -27.67 -4.79
CA ARG A 353 1.51 -27.10 -3.50
C ARG A 353 0.26 -26.91 -2.66
N HIS A 354 0.39 -27.16 -1.37
CA HIS A 354 -0.68 -26.98 -0.38
C HIS A 354 -0.07 -26.21 0.78
N ASN A 355 -0.02 -24.88 0.66
CA ASN A 355 0.51 -24.00 1.69
C ASN A 355 1.98 -24.29 1.99
N HIS A 356 2.73 -24.67 0.95
CA HIS A 356 4.12 -25.09 1.12
C HIS A 356 4.93 -24.56 -0.06
N GLN A 357 5.96 -23.78 0.24
CA GLN A 357 6.82 -23.18 -0.78
C GLN A 357 8.15 -23.92 -0.95
N GLY A 358 8.30 -25.09 -0.34
CA GLY A 358 9.51 -25.86 -0.51
C GLY A 358 9.59 -26.50 -1.87
N PHE A 359 10.62 -27.33 -2.03
CA PHE A 359 10.84 -28.07 -3.27
C PHE A 359 10.94 -29.58 -3.04
N GLY A 360 10.61 -30.05 -1.85
CA GLY A 360 10.71 -31.46 -1.54
C GLY A 360 12.09 -31.96 -1.16
N ALA A 361 12.93 -31.10 -0.55
CA ALA A 361 14.26 -31.54 -0.15
C ALA A 361 14.20 -32.65 0.89
N GLY A 362 13.19 -32.64 1.76
CA GLY A 362 13.02 -33.71 2.72
C GLY A 362 12.67 -35.06 2.12
N ASN A 363 12.32 -35.08 0.84
CA ASN A 363 12.04 -36.34 0.15
C ASN A 363 13.29 -37.11 -0.20
N PHE A 364 14.45 -36.43 -0.35
CA PHE A 364 15.71 -37.16 -0.53
C PHE A 364 15.94 -38.14 0.61
N ASN A 365 15.75 -37.69 1.85
CA ASN A 365 15.83 -38.61 2.98
C ASN A 365 14.68 -39.62 2.96
N SER A 366 13.49 -39.17 2.54
CA SER A 366 12.32 -40.06 2.55
C SER A 366 12.50 -41.22 1.59
N LEU A 367 12.89 -40.93 0.34
CA LEU A 367 13.13 -42.01 -0.61
C LEU A 367 14.27 -42.90 -0.15
N PHE A 368 15.26 -42.32 0.54
CA PHE A 368 16.39 -43.11 1.01
C PHE A 368 15.96 -44.15 2.03
N LYS A 369 15.19 -43.73 3.04
CA LYS A 369 14.70 -44.68 4.02
C LYS A 369 13.74 -45.70 3.40
N ALA A 370 12.98 -45.30 2.39
CA ALA A 370 12.08 -46.24 1.72
C ALA A 370 12.86 -47.36 1.04
N PHE A 371 13.88 -47.00 0.27
CA PHE A 371 14.69 -48.01 -0.42
C PHE A 371 15.51 -48.82 0.57
N GLU A 372 16.02 -48.20 1.63
CA GLU A 372 16.87 -48.90 2.58
C GLU A 372 16.12 -50.02 3.29
N GLU A 373 14.88 -49.76 3.72
CA GLU A 373 14.11 -50.80 4.39
C GLU A 373 13.66 -51.86 3.40
N GLU A 374 13.43 -51.48 2.14
CA GLU A 374 13.05 -52.48 1.14
C GLU A 374 14.19 -53.46 0.86
N GLN A 375 15.41 -52.95 0.73
CA GLN A 375 16.54 -53.84 0.54
C GLN A 375 16.81 -54.69 1.78
N ASN A 376 16.64 -54.10 2.97
CA ASN A 376 16.92 -54.82 4.20
C ASN A 376 15.90 -55.93 4.46
N LEU A 377 14.65 -55.72 4.05
CA LEU A 377 13.62 -56.76 4.23
C LEU A 377 13.68 -57.78 3.10
N LYS B 7 -1.72 8.71 -18.75
CA LYS B 7 -1.37 7.81 -19.85
C LYS B 7 -2.26 6.57 -19.85
N GLY B 8 -3.29 6.59 -19.02
CA GLY B 8 -4.08 5.40 -18.74
C GLY B 8 -5.02 4.93 -19.83
N ALA B 9 -6.02 5.76 -20.17
CA ALA B 9 -7.16 5.29 -20.93
C ALA B 9 -6.81 5.01 -22.39
N LYS B 10 -7.30 3.88 -22.90
CA LYS B 10 -7.26 3.57 -24.32
C LYS B 10 -8.57 4.04 -24.93
N PRO B 11 -8.50 5.00 -25.83
CA PRO B 11 -9.68 5.73 -26.26
C PRO B 11 -10.63 4.84 -26.97
N GLU B 12 -11.86 5.28 -26.96
CA GLU B 12 -12.97 4.47 -27.35
C GLU B 12 -13.00 3.96 -28.79
N ARG B 13 -12.68 4.79 -29.75
CA ARG B 13 -12.66 4.40 -31.15
C ARG B 13 -11.56 5.19 -31.77
N GLY B 14 -11.25 4.99 -33.03
CA GLY B 14 -10.26 5.80 -33.70
C GLY B 14 -8.83 5.62 -33.19
N ARG B 15 -7.86 5.98 -34.01
CA ARG B 15 -6.46 5.83 -33.61
C ARG B 15 -5.58 6.66 -34.53
N PHE B 16 -4.75 7.52 -33.93
CA PHE B 16 -3.73 8.26 -34.66
C PHE B 16 -2.55 7.32 -34.88
N LEU B 17 -2.38 6.83 -36.11
CA LEU B 17 -1.37 5.82 -36.36
C LEU B 17 0.04 6.39 -36.23
N HIS B 18 0.31 7.51 -36.90
CA HIS B 18 1.62 8.16 -36.89
C HIS B 18 1.49 9.48 -37.66
N PHE B 19 2.54 10.30 -37.59
CA PHE B 19 2.63 11.47 -38.45
C PHE B 19 2.45 11.05 -39.90
N HIS B 20 1.80 11.90 -40.68
CA HIS B 20 1.67 11.66 -42.12
C HIS B 20 2.62 12.53 -42.93
N SER B 21 2.60 13.83 -42.70
CA SER B 21 3.41 14.77 -43.46
C SER B 21 3.39 16.10 -42.71
N VAL B 22 4.31 16.98 -43.09
CA VAL B 22 4.34 18.35 -42.58
C VAL B 22 4.26 19.28 -43.79
N THR B 23 3.16 20.03 -43.89
CA THR B 23 2.93 20.91 -45.02
C THR B 23 3.47 22.30 -44.72
N PHE B 24 4.33 22.80 -45.60
CA PHE B 24 4.96 24.11 -45.42
C PHE B 24 4.28 25.12 -46.34
N TRP B 25 3.86 26.25 -45.76
CA TRP B 25 3.40 27.38 -46.54
C TRP B 25 4.58 28.34 -46.70
N VAL B 26 5.11 28.44 -47.92
CA VAL B 26 6.30 29.19 -48.20
C VAL B 26 6.04 30.12 -49.38
N GLY B 27 6.99 31.02 -49.63
CA GLY B 27 6.85 32.02 -50.68
C GLY B 27 7.40 31.63 -52.03
N ASN B 28 8.11 30.51 -52.11
CA ASN B 28 8.64 30.02 -53.38
C ASN B 28 8.79 28.51 -53.33
N ALA B 29 7.67 27.79 -53.33
CA ALA B 29 7.64 26.33 -53.17
C ALA B 29 8.70 25.62 -54.01
N LYS B 30 8.92 26.11 -55.23
CA LYS B 30 9.91 25.51 -56.12
C LYS B 30 11.30 25.51 -55.47
N GLN B 31 11.78 26.69 -55.09
CA GLN B 31 13.12 26.80 -54.50
C GLN B 31 13.16 26.21 -53.09
N ALA B 32 12.04 26.22 -52.37
CA ALA B 32 12.05 25.70 -51.01
C ALA B 32 12.30 24.20 -50.99
N ALA B 33 11.73 23.47 -51.95
CA ALA B 33 12.01 22.04 -52.06
C ALA B 33 13.44 21.80 -52.55
N SER B 34 13.93 22.67 -53.44
CA SER B 34 15.32 22.59 -53.87
C SER B 34 16.27 22.69 -52.68
N PHE B 35 15.97 23.58 -51.74
CA PHE B 35 16.80 23.71 -50.54
C PHE B 35 16.73 22.45 -49.69
N TYR B 36 15.51 22.03 -49.34
CA TYR B 36 15.36 20.87 -48.45
C TYR B 36 15.90 19.60 -49.08
N CYS B 37 15.85 19.48 -50.41
CA CYS B 37 16.40 18.30 -51.07
C CYS B 37 17.93 18.39 -51.17
N SER B 38 18.44 19.55 -51.60
CA SER B 38 19.89 19.72 -51.72
C SER B 38 20.55 19.65 -50.35
N LYS B 39 20.02 20.38 -49.37
CA LYS B 39 20.71 20.58 -48.11
C LYS B 39 20.39 19.53 -47.06
N MET B 40 19.27 18.82 -47.17
CA MET B 40 18.84 17.94 -46.10
C MET B 40 18.60 16.50 -46.55
N GLY B 41 18.89 16.17 -47.80
CA GLY B 41 18.79 14.80 -48.26
C GLY B 41 17.41 14.34 -48.65
N PHE B 42 16.45 15.24 -48.76
CA PHE B 42 15.14 14.88 -49.28
C PHE B 42 15.21 14.69 -50.80
N GLU B 43 14.18 14.06 -51.35
CA GLU B 43 14.14 13.79 -52.79
C GLU B 43 12.71 13.87 -53.27
N PRO B 44 12.47 14.38 -54.47
CA PRO B 44 11.09 14.64 -54.92
C PRO B 44 10.25 13.37 -54.93
N LEU B 45 8.98 13.51 -54.53
CA LEU B 45 8.02 12.40 -54.53
C LEU B 45 6.84 12.64 -55.46
N ALA B 46 6.03 13.66 -55.20
CA ALA B 46 4.83 13.93 -56.00
C ALA B 46 4.71 15.43 -56.23
N TYR B 47 3.62 15.83 -56.89
CA TYR B 47 3.50 17.22 -57.32
C TYR B 47 2.08 17.61 -57.69
N ARG B 48 1.64 18.77 -57.21
CA ARG B 48 0.40 19.41 -57.64
C ARG B 48 0.73 20.83 -58.12
N GLY B 49 0.24 21.19 -59.29
CA GLY B 49 0.48 22.51 -59.82
C GLY B 49 -0.33 22.79 -61.06
N LEU B 50 0.12 23.78 -61.82
CA LEU B 50 -0.56 24.17 -63.05
C LEU B 50 -0.72 22.98 -63.98
N GLU B 51 0.39 22.31 -64.29
CA GLU B 51 0.40 21.18 -65.23
C GLU B 51 -0.45 20.01 -64.76
N THR B 52 -0.99 20.04 -63.54
CA THR B 52 -1.84 18.99 -63.02
C THR B 52 -3.30 19.39 -62.94
N GLY B 53 -3.63 20.64 -63.28
CA GLY B 53 -4.98 21.14 -63.10
C GLY B 53 -5.20 21.89 -61.81
N SER B 54 -4.27 21.79 -60.86
CA SER B 54 -4.35 22.58 -59.62
C SER B 54 -3.89 24.00 -59.94
N ARG B 55 -4.85 24.89 -60.18
CA ARG B 55 -4.55 26.19 -60.76
C ARG B 55 -4.31 27.29 -59.72
N GLU B 56 -4.62 27.06 -58.45
CA GLU B 56 -4.49 28.09 -57.43
C GLU B 56 -3.37 27.85 -56.44
N VAL B 57 -3.17 26.62 -55.99
CA VAL B 57 -2.12 26.28 -55.03
C VAL B 57 -1.19 25.26 -55.65
N VAL B 58 0.11 25.52 -55.59
CA VAL B 58 1.13 24.59 -56.04
C VAL B 58 1.74 23.91 -54.82
N SER B 59 2.09 22.63 -54.96
CA SER B 59 2.64 21.87 -53.85
C SER B 59 3.73 20.93 -54.35
N HIS B 60 4.89 20.98 -53.73
CA HIS B 60 6.00 20.07 -54.04
C HIS B 60 6.15 19.08 -52.90
N VAL B 61 5.99 17.79 -53.19
CA VAL B 61 6.09 16.74 -52.20
C VAL B 61 7.49 16.13 -52.26
N ILE B 62 8.14 16.03 -51.10
CA ILE B 62 9.48 15.48 -50.99
C ILE B 62 9.52 14.53 -49.81
N LYS B 63 10.50 13.61 -49.83
CA LYS B 63 10.55 12.55 -48.85
C LYS B 63 11.98 12.08 -48.63
N GLN B 64 12.30 11.77 -47.38
CA GLN B 64 13.54 11.08 -47.03
C GLN B 64 13.22 10.13 -45.88
N GLY B 65 13.34 8.83 -46.14
CA GLY B 65 12.88 7.84 -45.19
C GLY B 65 11.36 7.82 -45.16
N LYS B 66 10.77 8.04 -43.99
CA LYS B 66 9.32 8.20 -43.88
C LYS B 66 8.88 9.65 -43.80
N ILE B 67 9.79 10.57 -43.49
CA ILE B 67 9.45 11.98 -43.38
C ILE B 67 8.94 12.48 -44.72
N VAL B 68 7.77 13.10 -44.71
CA VAL B 68 7.18 13.71 -45.89
C VAL B 68 7.03 15.20 -45.64
N PHE B 69 7.60 16.01 -46.51
CA PHE B 69 7.41 17.46 -46.49
C PHE B 69 6.58 17.88 -47.70
N VAL B 70 5.83 18.96 -47.53
CA VAL B 70 5.03 19.54 -48.60
C VAL B 70 5.27 21.04 -48.59
N LEU B 71 6.00 21.53 -49.60
CA LEU B 71 6.20 22.96 -49.78
C LEU B 71 5.08 23.48 -50.69
N SER B 72 4.36 24.50 -50.21
CA SER B 72 3.21 25.02 -50.94
C SER B 72 3.31 26.52 -51.12
N SER B 73 2.68 27.00 -52.20
CA SER B 73 2.64 28.41 -52.54
C SER B 73 1.37 28.69 -53.33
N ALA B 74 1.03 29.98 -53.40
CA ALA B 74 -0.10 30.44 -54.19
C ALA B 74 0.34 30.72 -55.63
N LEU B 75 -0.52 30.40 -56.58
CA LEU B 75 -0.16 30.53 -57.99
C LEU B 75 -0.46 31.91 -58.55
N ASN B 76 -1.67 32.41 -58.34
CA ASN B 76 -2.05 33.72 -58.85
C ASN B 76 -2.11 34.74 -57.73
N PRO B 77 -2.08 36.03 -58.04
CA PRO B 77 -1.97 37.05 -56.98
C PRO B 77 -3.22 37.12 -56.11
N TRP B 78 -3.11 37.96 -55.08
CA TRP B 78 -4.20 38.35 -54.20
C TRP B 78 -4.73 37.18 -53.36
N ASN B 79 -3.88 36.21 -53.03
CA ASN B 79 -4.26 35.13 -52.14
C ASN B 79 -4.02 35.59 -50.71
N LYS B 80 -5.09 35.78 -49.94
CA LYS B 80 -4.99 36.39 -48.63
C LYS B 80 -4.74 35.38 -47.52
N GLU B 81 -5.45 34.24 -47.54
CA GLU B 81 -5.24 33.23 -46.51
C GLU B 81 -3.82 32.71 -46.57
N MET B 82 -3.33 32.40 -47.77
CA MET B 82 -1.93 32.02 -47.94
C MET B 82 -1.02 33.23 -47.81
N GLY B 83 -1.48 34.42 -48.20
CA GLY B 83 -0.65 35.61 -48.23
C GLY B 83 -0.40 36.26 -46.89
N ASP B 84 -1.46 36.48 -46.10
CA ASP B 84 -1.25 37.01 -44.75
C ASP B 84 -0.39 36.07 -43.92
N HIS B 85 -0.51 34.75 -44.15
CA HIS B 85 0.36 33.79 -43.49
C HIS B 85 1.82 34.07 -43.81
N LEU B 86 2.12 34.32 -45.10
CA LEU B 86 3.48 34.58 -45.53
C LEU B 86 3.99 35.91 -44.99
N VAL B 87 3.10 36.87 -44.78
CA VAL B 87 3.52 38.14 -44.19
C VAL B 87 3.59 38.03 -42.67
N LYS B 88 2.61 37.36 -42.06
CA LYS B 88 2.59 37.21 -40.61
C LYS B 88 3.75 36.34 -40.13
N HIS B 89 4.10 35.31 -40.88
CA HIS B 89 5.05 34.31 -40.42
C HIS B 89 6.34 34.26 -41.23
N GLY B 90 6.30 34.56 -42.52
CA GLY B 90 7.44 34.17 -43.31
C GLY B 90 7.28 32.71 -43.68
N ASP B 91 8.37 32.11 -44.13
CA ASP B 91 8.35 30.69 -44.44
C ASP B 91 8.20 29.89 -43.15
N GLY B 92 7.21 29.01 -43.11
CA GLY B 92 7.00 28.23 -41.91
C GLY B 92 6.00 27.12 -42.14
N VAL B 93 5.79 26.34 -41.07
CA VAL B 93 4.87 25.21 -41.09
C VAL B 93 3.43 25.71 -41.04
N LYS B 94 2.57 25.10 -41.85
CA LYS B 94 1.14 25.36 -41.80
C LYS B 94 0.35 24.22 -41.16
N ASP B 95 0.60 22.97 -41.59
CA ASP B 95 -0.22 21.85 -41.15
C ASP B 95 0.65 20.69 -40.67
N ILE B 96 0.18 20.01 -39.63
CA ILE B 96 0.76 18.77 -39.14
C ILE B 96 -0.24 17.66 -39.44
N ALA B 97 0.12 16.74 -40.32
CA ALA B 97 -0.82 15.74 -40.78
C ALA B 97 -0.67 14.45 -40.00
N PHE B 98 -1.80 13.86 -39.62
CA PHE B 98 -1.84 12.60 -38.91
C PHE B 98 -2.52 11.54 -39.78
N GLU B 99 -1.96 10.33 -39.79
CA GLU B 99 -2.61 9.19 -40.41
C GLU B 99 -3.43 8.47 -39.36
N VAL B 100 -4.73 8.32 -39.60
CA VAL B 100 -5.67 7.96 -38.55
C VAL B 100 -6.51 6.75 -38.98
N GLU B 101 -7.07 6.09 -37.97
CA GLU B 101 -8.06 5.04 -38.17
C GLU B 101 -9.44 5.62 -37.85
N ASP B 102 -10.36 5.51 -38.80
CA ASP B 102 -11.72 6.00 -38.61
C ASP B 102 -11.71 7.48 -38.25
N CYS B 103 -11.55 8.34 -39.26
CA CYS B 103 -11.53 9.78 -39.06
C CYS B 103 -12.88 10.32 -38.58
N ASP B 104 -13.99 9.63 -38.85
CA ASP B 104 -15.29 10.18 -38.51
C ASP B 104 -15.46 10.35 -37.00
N TYR B 105 -15.09 9.33 -36.22
CA TYR B 105 -15.18 9.44 -34.77
C TYR B 105 -14.26 10.51 -34.21
N ILE B 106 -13.08 10.69 -34.82
CA ILE B 106 -12.13 11.67 -34.32
C ILE B 106 -12.71 13.07 -34.46
N VAL B 107 -13.28 13.39 -35.61
CA VAL B 107 -13.82 14.72 -35.84
C VAL B 107 -15.05 14.96 -34.99
N GLN B 108 -15.89 13.92 -34.81
CA GLN B 108 -17.09 14.07 -34.00
C GLN B 108 -16.72 14.30 -32.53
N LYS B 109 -15.90 13.40 -31.96
CA LYS B 109 -15.50 13.54 -30.57
C LYS B 109 -14.68 14.80 -30.35
N ALA B 110 -14.00 15.30 -31.39
CA ALA B 110 -13.31 16.58 -31.25
C ALA B 110 -14.30 17.74 -31.24
N ARG B 111 -15.38 17.62 -32.00
CA ARG B 111 -16.35 18.71 -32.09
C ARG B 111 -17.13 18.86 -30.79
N GLU B 112 -17.47 17.74 -30.15
CA GLU B 112 -18.16 17.81 -28.85
C GLU B 112 -17.28 18.49 -27.81
N ARG B 113 -15.99 18.16 -27.77
CA ARG B 113 -15.11 18.75 -26.78
C ARG B 113 -14.94 20.25 -26.98
N GLY B 114 -15.12 20.73 -28.22
CA GLY B 114 -15.08 22.16 -28.48
C GLY B 114 -14.06 22.54 -29.53
N ALA B 115 -13.55 21.58 -30.28
CA ALA B 115 -12.57 21.89 -31.31
C ALA B 115 -13.24 22.52 -32.51
N LYS B 116 -12.56 23.48 -33.13
CA LYS B 116 -13.04 24.08 -34.36
C LYS B 116 -12.68 23.17 -35.53
N ILE B 117 -13.67 22.87 -36.36
CA ILE B 117 -13.48 22.01 -37.52
C ILE B 117 -13.36 22.93 -38.73
N MET B 118 -12.15 23.02 -39.29
CA MET B 118 -11.90 23.95 -40.39
C MET B 118 -12.28 23.39 -41.74
N ARG B 119 -12.46 22.07 -41.85
CA ARG B 119 -12.91 21.46 -43.09
C ARG B 119 -13.48 20.09 -42.75
N GLU B 120 -14.80 19.95 -42.92
CA GLU B 120 -15.49 18.71 -42.59
C GLU B 120 -14.96 17.55 -43.43
N PRO B 121 -15.11 16.33 -42.94
CA PRO B 121 -14.59 15.16 -43.67
C PRO B 121 -15.05 15.11 -45.12
N TRP B 122 -14.09 14.89 -46.02
CA TRP B 122 -14.38 14.70 -47.43
C TRP B 122 -13.51 13.58 -47.96
N VAL B 123 -13.85 13.08 -49.14
CA VAL B 123 -13.18 11.93 -49.74
C VAL B 123 -12.64 12.35 -51.10
N GLU B 124 -11.36 12.08 -51.33
CA GLU B 124 -10.72 12.29 -52.62
C GLU B 124 -10.30 10.95 -53.21
N GLN B 125 -10.39 10.84 -54.52
CA GLN B 125 -10.30 9.56 -55.21
C GLN B 125 -9.48 9.70 -56.48
N ASP B 126 -8.75 8.63 -56.82
CA ASP B 126 -8.10 8.49 -58.12
C ASP B 126 -8.10 7.01 -58.48
N LYS B 127 -7.28 6.65 -59.48
CA LYS B 127 -7.17 5.26 -59.87
C LYS B 127 -6.61 4.36 -58.78
N PHE B 128 -6.12 4.92 -57.68
CA PHE B 128 -5.44 4.15 -56.65
C PHE B 128 -6.23 4.03 -55.35
N GLY B 129 -7.45 4.57 -55.28
CA GLY B 129 -8.32 4.31 -54.16
C GLY B 129 -8.94 5.58 -53.63
N LYS B 130 -9.48 5.49 -52.41
CA LYS B 130 -10.12 6.59 -51.72
C LYS B 130 -9.32 6.98 -50.49
N VAL B 131 -9.26 8.28 -50.21
CA VAL B 131 -8.60 8.80 -49.01
C VAL B 131 -9.50 9.87 -48.40
N LYS B 132 -9.79 9.73 -47.11
CA LYS B 132 -10.65 10.66 -46.39
C LYS B 132 -9.79 11.65 -45.61
N PHE B 133 -10.08 12.93 -45.77
CA PHE B 133 -9.35 13.98 -45.06
C PHE B 133 -10.30 14.75 -44.16
N ALA B 134 -9.72 15.49 -43.22
CA ALA B 134 -10.44 16.40 -42.34
C ALA B 134 -9.41 17.26 -41.62
N VAL B 135 -9.73 18.54 -41.46
CA VAL B 135 -8.78 19.55 -40.98
C VAL B 135 -9.32 20.15 -39.69
N LEU B 136 -8.54 20.03 -38.63
CA LEU B 136 -8.77 20.72 -37.37
C LEU B 136 -7.79 21.89 -37.23
N GLN B 137 -8.08 22.76 -36.27
CA GLN B 137 -7.23 23.91 -35.98
C GLN B 137 -6.75 23.83 -34.54
N THR B 138 -5.44 23.97 -34.35
CA THR B 138 -4.83 23.98 -33.03
C THR B 138 -4.24 25.37 -32.79
N TYR B 139 -3.16 25.43 -32.01
CA TYR B 139 -2.53 26.70 -31.66
C TYR B 139 -2.14 27.50 -32.90
N GLY B 140 -2.19 28.83 -32.76
CA GLY B 140 -1.92 29.77 -33.84
C GLY B 140 -2.74 29.47 -35.07
N ASP B 141 -2.12 29.64 -36.23
CA ASP B 141 -2.72 29.27 -37.49
C ASP B 141 -2.41 27.83 -37.90
N THR B 142 -1.59 27.12 -37.12
CA THR B 142 -1.23 25.75 -37.46
C THR B 142 -2.46 24.86 -37.40
N THR B 143 -2.62 24.00 -38.40
CA THR B 143 -3.78 23.13 -38.52
C THR B 143 -3.35 21.66 -38.51
N HIS B 144 -4.33 20.78 -38.29
CA HIS B 144 -4.12 19.34 -38.31
C HIS B 144 -5.03 18.70 -39.36
N THR B 145 -4.42 18.17 -40.41
CA THR B 145 -5.15 17.41 -41.43
C THR B 145 -5.12 15.94 -41.08
N LEU B 146 -6.29 15.33 -40.92
CA LEU B 146 -6.40 13.90 -40.68
C LEU B 146 -6.46 13.17 -42.02
N VAL B 147 -5.81 12.01 -42.08
CA VAL B 147 -5.71 11.24 -43.31
C VAL B 147 -6.14 9.81 -43.00
N GLU B 148 -7.19 9.33 -43.68
CA GLU B 148 -7.72 7.98 -43.48
C GLU B 148 -7.64 7.23 -44.80
N LYS B 149 -6.72 6.27 -44.88
CA LYS B 149 -6.60 5.44 -46.07
C LYS B 149 -7.61 4.31 -46.03
N MET B 150 -8.41 4.20 -47.08
CA MET B 150 -9.46 3.18 -47.21
C MET B 150 -9.20 2.39 -48.48
N ASN B 151 -8.29 1.43 -48.41
CA ASN B 151 -7.87 0.62 -49.55
C ASN B 151 -7.30 1.50 -50.67
N TYR B 152 -6.54 2.51 -50.27
CA TYR B 152 -5.76 3.33 -51.20
C TYR B 152 -4.33 2.80 -51.22
N ILE B 153 -3.83 2.51 -52.42
CA ILE B 153 -2.54 1.85 -52.57
C ILE B 153 -1.61 2.63 -53.49
N GLY B 154 -1.78 3.95 -53.52
CA GLY B 154 -0.88 4.79 -54.31
C GLY B 154 0.46 4.98 -53.64
N GLN B 155 1.20 6.00 -54.06
CA GLN B 155 2.50 6.29 -53.46
C GLN B 155 2.45 7.47 -52.50
N PHE B 156 1.54 8.43 -52.72
CA PHE B 156 1.33 9.51 -51.77
C PHE B 156 -0.16 9.69 -51.50
N LEU B 157 -0.82 10.55 -52.28
CA LEU B 157 -2.22 10.85 -52.08
C LEU B 157 -2.85 11.13 -53.44
N PRO B 158 -4.15 10.87 -53.60
CA PRO B 158 -4.78 11.06 -54.91
C PRO B 158 -4.82 12.53 -55.31
N GLY B 159 -4.56 12.79 -56.59
CA GLY B 159 -4.50 14.13 -57.12
C GLY B 159 -3.10 14.66 -57.34
N TYR B 160 -2.08 13.96 -56.84
CA TYR B 160 -0.70 14.34 -57.05
C TYR B 160 -0.10 13.47 -58.15
N GLU B 161 0.55 14.11 -59.12
CA GLU B 161 1.26 13.41 -60.18
C GLU B 161 2.76 13.55 -59.97
N ALA B 162 3.51 12.80 -60.79
CA ALA B 162 4.96 12.68 -60.67
C ALA B 162 5.64 14.04 -60.58
N PRO B 163 6.82 14.12 -59.95
CA PRO B 163 7.46 15.43 -59.75
C PRO B 163 7.74 16.13 -61.08
N ALA B 164 7.48 17.44 -61.10
CA ALA B 164 7.58 18.21 -62.34
C ALA B 164 8.99 18.22 -62.93
N PHE B 165 10.00 17.95 -62.11
CA PHE B 165 11.38 17.99 -62.58
C PHE B 165 12.25 17.17 -61.64
N MET B 166 13.23 16.49 -62.22
CA MET B 166 14.18 15.67 -61.47
C MET B 166 15.54 16.36 -61.47
N ASP B 167 15.93 16.88 -60.32
CA ASP B 167 17.20 17.57 -60.09
C ASP B 167 18.35 16.60 -60.29
N PRO B 168 19.16 16.77 -61.34
CA PRO B 168 20.21 15.79 -61.64
C PRO B 168 21.39 15.83 -60.69
N LEU B 169 21.52 16.87 -59.87
CA LEU B 169 22.60 16.91 -58.88
C LEU B 169 22.28 16.06 -57.66
N LEU B 170 21.00 15.88 -57.35
CA LEU B 170 20.60 15.12 -56.16
C LEU B 170 21.17 13.70 -56.12
N PRO B 171 21.11 12.89 -57.18
CA PRO B 171 21.69 11.54 -57.08
C PRO B 171 23.20 11.55 -56.89
N LYS B 172 23.90 12.65 -57.17
CA LYS B 172 25.35 12.75 -56.97
C LYS B 172 25.72 13.20 -55.57
N LEU B 173 24.74 13.31 -54.65
CA LEU B 173 24.92 13.79 -53.30
C LEU B 173 24.82 12.66 -52.29
N PRO B 174 25.53 12.74 -51.16
CA PRO B 174 25.55 11.63 -50.21
C PRO B 174 24.22 11.50 -49.46
N LYS B 175 23.87 10.25 -49.13
CA LYS B 175 22.64 9.99 -48.41
C LYS B 175 22.75 10.44 -46.96
N CYS B 176 21.68 11.06 -46.46
CA CYS B 176 21.64 11.55 -45.09
C CYS B 176 20.90 10.61 -44.13
N SER B 177 20.03 9.75 -44.65
CA SER B 177 19.41 8.64 -43.90
C SER B 177 18.73 9.14 -42.62
N LEU B 178 17.81 10.08 -42.78
CA LEU B 178 16.90 10.49 -41.73
C LEU B 178 15.59 9.72 -41.95
N GLU B 179 15.19 8.93 -40.94
CA GLU B 179 14.20 7.90 -41.17
C GLU B 179 12.77 8.26 -40.75
N MET B 180 12.57 9.09 -39.73
CA MET B 180 11.20 9.46 -39.36
C MET B 180 11.24 10.69 -38.46
N ILE B 181 10.04 11.19 -38.16
CA ILE B 181 9.86 12.36 -37.30
C ILE B 181 9.70 11.89 -35.86
N ASP B 182 10.53 12.42 -34.96
CA ASP B 182 10.46 12.03 -33.56
C ASP B 182 9.42 12.87 -32.81
N HIS B 183 9.49 14.19 -32.95
CA HIS B 183 8.58 15.10 -32.26
C HIS B 183 8.54 16.41 -33.01
N ILE B 184 7.50 17.19 -32.75
CA ILE B 184 7.34 18.53 -33.31
C ILE B 184 7.00 19.48 -32.17
N VAL B 185 7.79 20.54 -32.04
CA VAL B 185 7.69 21.46 -30.91
C VAL B 185 6.93 22.69 -31.35
N GLY B 186 5.81 22.97 -30.68
CA GLY B 186 5.04 24.18 -30.89
C GLY B 186 5.25 25.14 -29.73
N ASN B 187 5.56 26.39 -30.08
CA ASN B 187 5.78 27.44 -29.10
C ASN B 187 4.50 28.23 -28.89
N GLN B 188 4.18 28.50 -27.63
CA GLN B 188 3.02 29.30 -27.28
C GLN B 188 3.44 30.62 -26.65
N PRO B 189 2.64 31.67 -26.77
CA PRO B 189 2.96 32.93 -26.08
C PRO B 189 2.87 32.77 -24.56
N ASP B 190 3.00 33.88 -23.84
CA ASP B 190 3.06 33.80 -22.38
C ASP B 190 1.74 33.27 -21.81
N GLN B 191 1.83 32.19 -21.02
CA GLN B 191 0.72 31.61 -20.28
C GLN B 191 -0.29 30.89 -21.18
N GLU B 192 0.19 30.26 -22.26
CA GLU B 192 -0.69 29.52 -23.17
C GLU B 192 -0.30 28.06 -23.37
N MET B 193 0.76 27.58 -22.72
CA MET B 193 1.14 26.18 -22.85
C MET B 193 0.01 25.25 -22.45
N VAL B 194 -0.67 25.57 -21.34
CA VAL B 194 -1.77 24.74 -20.89
C VAL B 194 -2.91 24.77 -21.90
N SER B 195 -3.09 25.88 -22.62
CA SER B 195 -4.14 25.95 -23.63
C SER B 195 -3.88 24.95 -24.75
N ALA B 196 -2.72 25.05 -25.40
CA ALA B 196 -2.39 24.15 -26.49
C ALA B 196 -2.21 22.72 -26.01
N SER B 197 -1.80 22.54 -24.75
CA SER B 197 -1.67 21.19 -24.20
C SER B 197 -3.03 20.57 -23.92
N GLU B 198 -3.95 21.35 -23.35
CA GLU B 198 -5.28 20.83 -23.06
C GLU B 198 -6.00 20.43 -24.34
N TRP B 199 -5.86 21.23 -25.39
CA TRP B 199 -6.57 20.98 -26.66
C TRP B 199 -6.41 19.54 -27.12
N TYR B 200 -5.20 18.98 -26.99
CA TYR B 200 -4.98 17.61 -27.43
C TYR B 200 -5.60 16.61 -26.45
N LEU B 201 -5.33 16.79 -25.15
CA LEU B 201 -5.97 15.93 -24.15
C LEU B 201 -7.48 16.09 -24.17
N LYS B 202 -7.96 17.34 -24.26
CA LYS B 202 -9.40 17.59 -24.30
C LYS B 202 -10.03 16.95 -25.54
N ASN B 203 -9.61 17.40 -26.72
CA ASN B 203 -10.32 17.10 -27.96
C ASN B 203 -9.83 15.85 -28.67
N LEU B 204 -8.53 15.56 -28.65
CA LEU B 204 -8.01 14.42 -29.40
C LEU B 204 -7.76 13.19 -28.54
N GLN B 205 -8.04 13.27 -27.24
CA GLN B 205 -7.82 12.15 -26.31
C GLN B 205 -6.37 11.68 -26.34
N PHE B 206 -5.45 12.62 -26.25
CA PHE B 206 -4.05 12.30 -26.05
C PHE B 206 -3.80 12.18 -24.55
N HIS B 207 -2.53 12.19 -24.14
CA HIS B 207 -2.19 12.22 -22.73
C HIS B 207 -0.88 12.96 -22.57
N ARG B 208 -0.69 13.58 -21.40
CA ARG B 208 0.59 14.23 -21.14
C ARG B 208 1.70 13.20 -21.10
N PHE B 209 2.79 13.50 -21.80
CA PHE B 209 3.95 12.61 -21.87
C PHE B 209 4.99 13.04 -20.85
N TRP B 210 5.61 12.05 -20.21
CA TRP B 210 6.55 12.30 -19.12
C TRP B 210 7.89 11.63 -19.43
N SER B 211 8.97 12.32 -19.05
CA SER B 211 10.31 11.79 -19.18
C SER B 211 11.18 12.39 -18.08
N VAL B 212 12.47 12.04 -18.10
CA VAL B 212 13.39 12.56 -17.10
C VAL B 212 13.50 14.08 -17.16
N ASP B 213 13.04 14.69 -18.25
CA ASP B 213 13.09 16.15 -18.37
C ASP B 213 12.12 16.85 -17.43
N ASP B 214 11.10 16.15 -16.95
CA ASP B 214 10.12 16.74 -16.05
C ASP B 214 10.53 16.67 -14.59
N THR B 215 11.44 15.77 -14.24
CA THR B 215 11.72 15.45 -12.85
C THR B 215 12.93 16.19 -12.27
N GLN B 216 13.77 16.78 -13.11
CA GLN B 216 14.80 17.69 -12.67
C GLN B 216 14.58 19.03 -13.36
N VAL B 217 14.47 20.10 -12.57
CA VAL B 217 14.12 21.40 -13.12
C VAL B 217 15.31 21.96 -13.89
N HIS B 218 15.00 22.69 -14.97
CA HIS B 218 15.98 23.22 -15.89
C HIS B 218 15.72 24.66 -16.29
N THR B 219 14.69 25.29 -15.72
CA THR B 219 14.21 26.57 -16.22
C THR B 219 15.27 27.66 -16.10
N GLU B 220 16.18 27.56 -15.13
CA GLU B 220 17.23 28.56 -14.99
C GLU B 220 18.10 28.65 -16.24
N TYR B 221 18.16 27.56 -17.01
CA TYR B 221 19.06 27.47 -18.15
C TYR B 221 18.34 27.41 -19.50
N SER B 222 17.02 27.23 -19.51
CA SER B 222 16.27 27.09 -20.76
C SER B 222 15.32 28.24 -21.05
N SER B 223 14.84 28.93 -20.01
CA SER B 223 13.86 30.01 -20.15
C SER B 223 12.55 29.52 -20.77
N LEU B 224 12.21 28.25 -20.54
CA LEU B 224 11.00 27.67 -21.11
C LEU B 224 10.38 26.68 -20.13
N ARG B 225 9.09 26.42 -20.34
CA ARG B 225 8.39 25.32 -19.69
C ARG B 225 7.80 24.44 -20.79
N SER B 226 7.64 23.15 -20.50
CA SER B 226 7.27 22.20 -21.53
C SER B 226 6.30 21.16 -21.00
N ILE B 227 5.19 20.99 -21.70
CA ILE B 227 4.26 19.89 -21.47
C ILE B 227 4.19 19.09 -22.77
N VAL B 228 4.67 17.85 -22.74
CA VAL B 228 4.70 17.00 -23.92
C VAL B 228 3.40 16.20 -23.98
N VAL B 229 2.74 16.23 -25.14
CA VAL B 229 1.49 15.53 -25.36
C VAL B 229 1.69 14.48 -26.42
N ALA B 230 1.06 13.32 -26.23
CA ALA B 230 1.28 12.19 -27.13
C ALA B 230 -0.01 11.41 -27.29
N ASN B 231 -0.22 10.87 -28.49
CA ASN B 231 -1.31 9.92 -28.71
C ASN B 231 -1.12 8.71 -27.81
N TYR B 232 -2.19 7.91 -27.67
CA TYR B 232 -2.18 6.81 -26.71
C TYR B 232 -0.99 5.89 -26.92
N GLU B 233 -0.77 5.43 -28.16
CA GLU B 233 0.33 4.51 -28.44
C GLU B 233 1.68 5.20 -28.43
N GLU B 234 1.73 6.53 -28.33
CA GLU B 234 2.96 7.30 -28.16
C GLU B 234 3.88 7.17 -29.38
N SER B 235 3.29 7.05 -30.57
CA SER B 235 4.07 7.22 -31.80
C SER B 235 4.21 8.68 -32.16
N ILE B 236 3.22 9.50 -31.79
CA ILE B 236 3.21 10.93 -32.06
C ILE B 236 3.46 11.65 -30.74
N LYS B 237 4.51 12.46 -30.70
CA LYS B 237 4.85 13.25 -29.53
C LYS B 237 5.01 14.70 -29.94
N MET B 238 4.33 15.61 -29.25
CA MET B 238 4.35 17.03 -29.59
C MET B 238 4.58 17.88 -28.35
N PRO B 239 5.82 18.32 -28.12
CA PRO B 239 6.08 19.24 -27.00
C PRO B 239 5.41 20.59 -27.21
N ILE B 240 4.78 21.10 -26.16
CA ILE B 240 4.12 22.40 -26.15
C ILE B 240 4.94 23.30 -25.24
N ASN B 241 5.74 24.20 -25.82
CA ASN B 241 6.65 25.04 -25.09
C ASN B 241 6.05 26.41 -24.81
N GLU B 242 6.41 26.98 -23.66
CA GLU B 242 5.98 28.30 -23.23
C GLU B 242 7.16 29.02 -22.60
N PRO B 243 7.24 30.33 -22.75
CA PRO B 243 8.36 31.07 -22.17
C PRO B 243 8.29 31.13 -20.66
N ALA B 244 9.45 31.12 -20.04
CA ALA B 244 9.59 31.24 -18.60
C ALA B 244 10.75 32.18 -18.29
N PRO B 245 10.69 32.91 -17.17
CA PRO B 245 11.78 33.83 -16.84
C PRO B 245 13.05 33.05 -16.51
N GLY B 246 14.14 33.38 -17.20
CA GLY B 246 15.36 32.63 -17.04
C GLY B 246 16.58 33.49 -16.77
N LYS B 247 17.77 32.90 -17.00
CA LYS B 247 19.01 33.66 -16.81
C LYS B 247 19.11 34.79 -17.81
N LYS B 248 18.67 34.56 -19.05
CA LYS B 248 18.80 35.55 -20.12
C LYS B 248 17.44 35.75 -20.78
N LYS B 249 17.46 36.25 -22.01
CA LYS B 249 16.22 36.48 -22.75
C LYS B 249 15.63 35.15 -23.22
N SER B 250 14.31 35.04 -23.13
CA SER B 250 13.63 33.80 -23.51
C SER B 250 13.61 33.65 -25.02
N GLN B 251 14.14 32.54 -25.52
CA GLN B 251 14.08 32.26 -26.95
C GLN B 251 12.68 31.91 -27.40
N ILE B 252 11.87 31.32 -26.51
CA ILE B 252 10.47 31.05 -26.85
C ILE B 252 9.74 32.35 -27.10
N GLN B 253 10.06 33.40 -26.33
CA GLN B 253 9.49 34.71 -26.60
C GLN B 253 10.02 35.28 -27.90
N GLU B 254 11.30 35.09 -28.18
CA GLU B 254 11.87 35.55 -29.45
C GLU B 254 11.13 34.93 -30.63
N TYR B 255 10.91 33.61 -30.58
CA TYR B 255 10.15 32.93 -31.61
C TYR B 255 8.78 33.60 -31.80
N VAL B 256 8.00 33.65 -30.71
CA VAL B 256 6.66 34.24 -30.78
C VAL B 256 6.73 35.67 -31.31
N ASP B 257 7.76 36.41 -30.92
CA ASP B 257 7.92 37.78 -31.40
C ASP B 257 8.06 37.83 -32.92
N TYR B 258 9.07 37.13 -33.45
CA TYR B 258 9.34 37.12 -34.88
C TYR B 258 8.40 36.20 -35.67
N ASN B 259 7.37 35.63 -35.04
CA ASN B 259 6.41 34.81 -35.77
C ASN B 259 5.02 35.42 -35.78
N GLY B 260 4.70 36.27 -34.81
CA GLY B 260 3.40 36.90 -34.75
C GLY B 260 2.35 36.07 -34.03
N GLY B 261 2.76 35.20 -33.10
CA GLY B 261 1.88 34.28 -32.41
C GLY B 261 2.49 32.90 -32.39
N ALA B 262 1.66 31.92 -32.01
CA ALA B 262 2.14 30.55 -31.88
C ALA B 262 2.56 29.99 -33.25
N GLY B 263 3.25 28.87 -33.20
CA GLY B 263 3.71 28.22 -34.42
C GLY B 263 4.50 26.98 -34.09
N VAL B 264 5.16 26.45 -35.12
CA VAL B 264 6.03 25.28 -34.99
C VAL B 264 7.46 25.76 -34.86
N GLN B 265 8.13 25.34 -33.78
CA GLN B 265 9.48 25.84 -33.53
C GLN B 265 10.53 25.00 -34.25
N HIS B 266 10.47 23.68 -34.11
CA HIS B 266 11.42 22.83 -34.82
C HIS B 266 10.84 21.44 -35.00
N ILE B 267 11.24 20.81 -36.11
CA ILE B 267 10.89 19.44 -36.44
C ILE B 267 12.13 18.58 -36.18
N ALA B 268 11.98 17.56 -35.35
CA ALA B 268 13.06 16.64 -35.05
C ALA B 268 12.94 15.42 -35.95
N LEU B 269 13.97 15.18 -36.76
CA LEU B 269 14.02 14.01 -37.62
C LEU B 269 14.98 13.00 -37.02
N LYS B 270 14.55 11.74 -36.94
CA LYS B 270 15.27 10.69 -36.23
C LYS B 270 16.12 9.89 -37.19
N THR B 271 17.38 9.67 -36.83
CA THR B 271 18.30 8.83 -37.59
C THR B 271 18.84 7.74 -36.70
N GLU B 272 19.35 6.67 -37.34
CA GLU B 272 19.97 5.57 -36.63
C GLU B 272 21.48 5.53 -36.85
N ASP B 273 22.05 6.58 -37.44
CA ASP B 273 23.47 6.69 -37.74
C ASP B 273 23.79 8.18 -37.82
N ILE B 274 23.70 8.85 -36.68
CA ILE B 274 23.79 10.31 -36.64
C ILE B 274 25.16 10.78 -37.10
N ILE B 275 26.21 9.99 -36.86
CA ILE B 275 27.54 10.35 -37.36
C ILE B 275 27.51 10.45 -38.89
N THR B 276 26.94 9.43 -39.53
CA THR B 276 26.79 9.46 -40.98
C THR B 276 25.86 10.59 -41.41
N ALA B 277 24.80 10.83 -40.64
CA ALA B 277 23.80 11.81 -41.03
C ALA B 277 24.41 13.21 -41.11
N ILE B 278 25.10 13.64 -40.06
CA ILE B 278 25.59 15.01 -40.03
C ILE B 278 26.81 15.18 -40.93
N ARG B 279 27.61 14.12 -41.12
CA ARG B 279 28.78 14.24 -41.98
C ARG B 279 28.37 14.46 -43.43
N HIS B 280 27.27 13.84 -43.86
CA HIS B 280 26.76 14.06 -45.20
C HIS B 280 25.92 15.33 -45.26
N LEU B 281 25.18 15.64 -44.20
CA LEU B 281 24.44 16.90 -44.13
C LEU B 281 25.39 18.08 -44.21
N ARG B 282 26.48 18.04 -43.43
CA ARG B 282 27.45 19.13 -43.49
C ARG B 282 28.13 19.20 -44.85
N GLU B 283 28.34 18.04 -45.48
CA GLU B 283 28.87 18.02 -46.84
C GLU B 283 27.97 18.81 -47.79
N ARG B 284 26.66 18.58 -47.71
CA ARG B 284 25.73 19.26 -48.59
C ARG B 284 25.66 20.75 -48.34
N GLY B 285 26.06 21.20 -47.16
CA GLY B 285 26.11 22.61 -46.85
C GLY B 285 25.08 23.12 -45.88
N LEU B 286 24.34 22.24 -45.22
CA LEU B 286 23.40 22.68 -44.20
C LEU B 286 24.16 23.21 -42.99
N GLU B 287 23.74 24.37 -42.49
CA GLU B 287 24.42 25.01 -41.37
C GLU B 287 23.83 24.55 -40.05
N PHE B 288 24.71 24.24 -39.10
CA PHE B 288 24.33 23.85 -37.76
C PHE B 288 24.77 24.91 -36.76
N LEU B 289 24.19 24.85 -35.57
CA LEU B 289 24.61 25.73 -34.49
C LEU B 289 26.03 25.38 -34.07
N SER B 290 26.76 26.39 -33.64
CA SER B 290 28.13 26.20 -33.18
C SER B 290 28.13 25.88 -31.70
N VAL B 291 28.91 24.87 -31.33
CA VAL B 291 29.16 24.56 -29.93
C VAL B 291 30.67 24.70 -29.71
N PRO B 292 31.12 25.11 -28.52
CA PRO B 292 32.55 25.46 -28.35
C PRO B 292 33.39 24.22 -28.10
N SER B 293 34.70 24.44 -28.05
CA SER B 293 35.62 23.34 -27.76
C SER B 293 35.42 22.83 -26.34
N THR B 294 35.11 23.72 -25.40
CA THR B 294 35.02 23.31 -24.00
C THR B 294 33.88 22.33 -23.76
N TYR B 295 32.85 22.32 -24.60
CA TYR B 295 31.75 21.38 -24.41
C TYR B 295 32.26 19.95 -24.40
N TYR B 296 33.25 19.64 -25.25
CA TYR B 296 33.74 18.28 -25.37
C TYR B 296 34.87 17.97 -24.42
N LYS B 297 35.50 18.99 -23.84
CA LYS B 297 36.43 18.74 -22.74
C LYS B 297 35.68 18.24 -21.52
N GLN B 298 34.59 18.91 -21.15
CA GLN B 298 33.84 18.53 -19.96
C GLN B 298 32.83 17.41 -20.21
N LEU B 299 32.56 17.06 -21.48
CA LEU B 299 31.78 15.85 -21.73
C LEU B 299 32.62 14.60 -21.52
N ARG B 300 33.90 14.65 -21.92
CA ARG B 300 34.80 13.51 -21.71
C ARG B 300 35.01 13.27 -20.22
N GLU B 301 35.15 14.34 -19.43
CA GLU B 301 35.25 14.19 -17.99
C GLU B 301 33.91 13.78 -17.38
N LYS B 302 32.80 14.20 -17.99
CA LYS B 302 31.50 13.74 -17.53
C LYS B 302 31.35 12.23 -17.69
N LEU B 303 31.84 11.70 -18.82
CA LEU B 303 31.63 10.29 -19.14
C LEU B 303 32.52 9.35 -18.34
N LYS B 304 33.55 9.86 -17.66
CA LYS B 304 34.43 8.98 -16.89
C LYS B 304 33.70 8.33 -15.74
N THR B 305 32.78 9.07 -15.10
CA THR B 305 32.06 8.59 -13.93
C THR B 305 30.67 8.05 -14.25
N ALA B 306 30.21 8.16 -15.50
CA ALA B 306 28.84 7.82 -15.85
C ALA B 306 28.59 6.33 -15.74
N LYS B 307 27.31 5.97 -15.59
CA LYS B 307 26.89 4.57 -15.49
C LYS B 307 26.62 3.94 -16.85
N ILE B 308 26.50 4.75 -17.90
CA ILE B 308 26.31 4.23 -19.25
C ILE B 308 27.58 4.51 -20.05
N LYS B 309 27.70 3.81 -21.18
CA LYS B 309 28.82 3.98 -22.10
C LYS B 309 28.30 4.47 -23.43
N VAL B 310 28.91 5.53 -23.95
CA VAL B 310 28.55 6.08 -25.25
C VAL B 310 29.34 5.31 -26.31
N LYS B 311 28.61 4.52 -27.11
CA LYS B 311 29.26 3.67 -28.12
C LYS B 311 29.78 4.45 -29.32
N GLU B 312 29.45 5.73 -29.43
CA GLU B 312 29.89 6.54 -30.57
C GLU B 312 31.27 7.15 -30.30
N ASN B 313 32.01 7.38 -31.38
CA ASN B 313 33.34 7.97 -31.30
C ASN B 313 33.22 9.43 -30.90
N ILE B 314 33.71 9.76 -29.70
CA ILE B 314 33.59 11.12 -29.19
C ILE B 314 34.34 12.10 -30.09
N ASP B 315 35.44 11.65 -30.70
CA ASP B 315 36.18 12.50 -31.62
C ASP B 315 35.33 12.90 -32.83
N ALA B 316 34.44 12.01 -33.27
CA ALA B 316 33.53 12.35 -34.36
C ALA B 316 32.52 13.38 -33.91
N LEU B 317 32.02 13.24 -32.67
CA LEU B 317 31.05 14.20 -32.13
C LEU B 317 31.62 15.60 -32.10
N GLU B 318 32.85 15.75 -31.59
CA GLU B 318 33.48 17.06 -31.52
C GLU B 318 33.77 17.63 -32.92
N GLU B 319 34.11 16.76 -33.87
CA GLU B 319 34.35 17.25 -35.22
C GLU B 319 33.05 17.72 -35.88
N LEU B 320 31.95 17.02 -35.63
CA LEU B 320 30.67 17.34 -36.26
C LEU B 320 29.75 18.18 -35.37
N LYS B 321 30.16 18.46 -34.13
CA LYS B 321 29.42 19.30 -33.18
C LYS B 321 28.10 18.66 -32.75
N ILE B 322 28.06 17.33 -32.66
CA ILE B 322 26.88 16.65 -32.14
C ILE B 322 26.85 16.77 -30.63
N LEU B 323 25.65 16.83 -30.06
CA LEU B 323 25.47 16.99 -28.62
C LEU B 323 25.11 15.65 -27.96
N VAL B 324 25.17 15.65 -26.62
CA VAL B 324 24.94 14.45 -25.83
C VAL B 324 24.20 14.83 -24.55
N ASP B 325 23.06 14.20 -24.30
CA ASP B 325 22.39 14.21 -23.01
C ASP B 325 22.16 12.78 -22.56
N TYR B 326 22.28 12.52 -21.26
CA TYR B 326 22.28 11.13 -20.82
C TYR B 326 21.68 10.98 -19.43
N ASP B 327 21.12 9.80 -19.19
CA ASP B 327 20.62 9.34 -17.91
C ASP B 327 21.71 8.55 -17.19
N GLU B 328 21.33 7.92 -16.08
CA GLU B 328 22.07 6.76 -15.58
C GLU B 328 21.61 5.47 -16.23
N LYS B 329 20.62 5.53 -17.13
CA LYS B 329 20.06 4.37 -17.80
C LYS B 329 20.21 4.41 -19.32
N GLY B 330 20.35 5.58 -19.93
CA GLY B 330 20.50 5.66 -21.37
C GLY B 330 20.89 7.06 -21.77
N TYR B 331 21.13 7.24 -23.08
CA TYR B 331 21.56 8.53 -23.59
C TYR B 331 20.96 8.77 -24.97
N LEU B 332 21.13 10.00 -25.45
CA LEU B 332 20.67 10.38 -26.78
C LEU B 332 21.65 11.38 -27.39
N LEU B 333 21.67 11.40 -28.72
CA LEU B 333 22.47 12.37 -29.46
C LEU B 333 21.54 13.32 -30.20
N GLN B 334 21.91 14.60 -30.23
CA GLN B 334 21.07 15.60 -30.88
C GLN B 334 21.96 16.68 -31.48
N ILE B 335 21.43 17.33 -32.52
CA ILE B 335 22.08 18.47 -33.15
C ILE B 335 21.01 19.29 -33.84
N PHE B 336 21.23 20.60 -33.91
CA PHE B 336 20.22 21.53 -34.39
C PHE B 336 20.76 22.35 -35.53
N THR B 337 19.93 22.57 -36.54
CA THR B 337 20.30 23.41 -37.67
C THR B 337 20.11 24.88 -37.30
N LYS B 338 21.02 25.72 -37.78
CA LYS B 338 20.76 27.15 -37.74
C LYS B 338 19.45 27.42 -38.48
N PRO B 339 18.61 28.32 -37.96
CA PRO B 339 17.25 28.45 -38.51
C PRO B 339 17.26 28.63 -40.02
N VAL B 340 16.30 27.97 -40.68
CA VAL B 340 16.28 27.84 -42.14
C VAL B 340 15.63 29.06 -42.79
N GLN B 341 15.63 30.18 -42.06
CA GLN B 341 15.29 31.47 -42.62
C GLN B 341 15.80 32.53 -41.65
N ASP B 342 15.83 33.77 -42.13
CA ASP B 342 16.45 34.85 -41.36
C ASP B 342 15.54 35.39 -40.26
N ARG B 343 14.38 34.77 -40.04
CA ARG B 343 13.61 35.01 -38.84
C ARG B 343 13.99 33.98 -37.80
N PRO B 344 14.40 34.39 -36.59
CA PRO B 344 14.76 33.39 -35.57
C PRO B 344 13.56 32.58 -35.13
N THR B 345 13.02 31.78 -36.05
CA THR B 345 11.82 30.99 -35.79
C THR B 345 12.06 29.50 -35.96
N LEU B 346 11.86 28.99 -37.16
CA LEU B 346 11.89 27.56 -37.39
C LEU B 346 13.31 27.06 -37.60
N PHE B 347 13.58 25.86 -37.09
CA PHE B 347 14.80 25.11 -37.39
C PHE B 347 14.46 23.63 -37.33
N LEU B 348 15.48 22.78 -37.33
CA LEU B 348 15.25 21.34 -37.28
C LEU B 348 16.26 20.68 -36.36
N GLU B 349 16.01 19.42 -36.04
CA GLU B 349 16.85 18.65 -35.13
C GLU B 349 17.04 17.24 -35.67
N VAL B 350 18.28 16.77 -35.66
CA VAL B 350 18.60 15.37 -35.93
C VAL B 350 18.88 14.69 -34.60
N ILE B 351 18.35 13.49 -34.43
CA ILE B 351 18.33 12.84 -33.12
C ILE B 351 18.53 11.33 -33.28
N GLN B 352 19.19 10.73 -32.29
CA GLN B 352 19.30 9.28 -32.19
C GLN B 352 19.20 8.88 -30.73
N ARG B 353 18.32 7.94 -30.44
CA ARG B 353 18.01 7.54 -29.07
C ARG B 353 18.57 6.16 -28.77
N HIS B 354 19.29 6.06 -27.65
CA HIS B 354 19.74 4.78 -27.10
C HIS B 354 19.16 4.68 -25.69
N ASN B 355 17.95 4.10 -25.59
CA ASN B 355 17.27 3.89 -24.32
C ASN B 355 17.01 5.21 -23.58
N HIS B 356 16.80 6.29 -24.32
CA HIS B 356 16.53 7.59 -23.72
C HIS B 356 15.29 8.19 -24.37
N GLN B 357 14.30 8.53 -23.54
CA GLN B 357 13.08 9.18 -24.01
C GLN B 357 13.07 10.67 -23.71
N GLY B 358 14.19 11.21 -23.23
CA GLY B 358 14.29 12.64 -23.02
C GLY B 358 14.24 13.40 -24.34
N PHE B 359 14.40 14.71 -24.22
CA PHE B 359 14.42 15.59 -25.36
C PHE B 359 15.65 16.48 -25.41
N GLY B 360 16.53 16.39 -24.42
CA GLY B 360 17.76 17.17 -24.42
C GLY B 360 17.77 18.36 -23.49
N ALA B 361 16.82 18.43 -22.54
CA ALA B 361 16.77 19.56 -21.63
C ALA B 361 18.02 19.65 -20.78
N GLY B 362 18.69 18.54 -20.52
CA GLY B 362 19.94 18.58 -19.78
C GLY B 362 21.02 19.35 -20.52
N ASN B 363 20.94 19.40 -21.84
CA ASN B 363 21.96 20.06 -22.65
C ASN B 363 21.89 21.57 -22.55
N PHE B 364 20.76 22.13 -22.11
CA PHE B 364 20.70 23.56 -21.82
C PHE B 364 21.74 23.94 -20.77
N ASN B 365 21.65 23.32 -19.59
CA ASN B 365 22.62 23.57 -18.53
C ASN B 365 24.03 23.20 -18.99
N SER B 366 24.17 22.13 -19.79
CA SER B 366 25.49 21.67 -20.19
C SER B 366 26.13 22.61 -21.21
N LEU B 367 25.38 22.97 -22.26
CA LEU B 367 25.91 23.91 -23.24
C LEU B 367 26.17 25.28 -22.62
N PHE B 368 25.40 25.63 -21.58
CA PHE B 368 25.64 26.88 -20.86
C PHE B 368 27.02 26.89 -20.22
N LYS B 369 27.32 25.86 -19.42
CA LYS B 369 28.62 25.78 -18.77
C LYS B 369 29.75 25.71 -19.79
N ALA B 370 29.49 25.11 -20.96
CA ALA B 370 30.49 25.11 -22.02
C ALA B 370 30.80 26.51 -22.50
N PHE B 371 29.75 27.28 -22.81
CA PHE B 371 29.95 28.65 -23.27
C PHE B 371 30.64 29.49 -22.21
N GLU B 372 30.33 29.25 -20.94
CA GLU B 372 30.90 30.08 -19.88
C GLU B 372 32.38 29.79 -19.68
N GLU B 373 32.79 28.52 -19.76
CA GLU B 373 34.19 28.19 -19.58
C GLU B 373 35.03 28.70 -20.74
N GLU B 374 34.59 28.45 -21.98
CA GLU B 374 35.36 28.88 -23.14
C GLU B 374 35.48 30.39 -23.22
N GLN B 375 34.36 31.10 -23.02
CA GLN B 375 34.42 32.56 -22.96
C GLN B 375 35.27 33.04 -21.79
N ASN B 376 35.47 32.21 -20.77
CA ASN B 376 36.34 32.55 -19.65
C ASN B 376 37.80 32.30 -19.96
N LEU B 377 38.13 31.87 -21.18
CA LEU B 377 39.50 31.67 -21.61
C LEU B 377 39.95 32.71 -22.64
N ARG B 378 39.11 33.69 -22.93
CA ARG B 378 39.44 34.74 -23.88
C ARG B 378 39.31 36.12 -23.25
N LYS C 7 -0.63 12.27 -13.21
CA LYS C 7 0.14 13.48 -13.46
C LYS C 7 1.32 13.59 -12.50
N GLY C 8 2.27 12.67 -12.63
CA GLY C 8 3.45 12.72 -11.79
C GLY C 8 4.30 11.47 -11.95
N ALA C 9 5.35 11.41 -11.15
CA ALA C 9 6.26 10.28 -11.10
C ALA C 9 6.52 9.95 -9.62
N LYS C 10 6.33 8.68 -9.26
CA LYS C 10 6.37 8.30 -7.86
C LYS C 10 7.80 8.38 -7.32
N PRO C 11 7.98 8.96 -6.14
CA PRO C 11 9.29 8.90 -5.49
C PRO C 11 9.62 7.49 -5.03
N GLU C 12 10.92 7.20 -4.95
CA GLU C 12 11.37 5.89 -4.52
C GLU C 12 10.91 5.61 -3.09
N ARG C 13 11.35 6.45 -2.15
CA ARG C 13 10.87 6.39 -0.77
C ARG C 13 10.44 7.78 -0.32
N GLY C 14 10.11 7.92 0.96
CA GLY C 14 9.70 9.21 1.48
C GLY C 14 8.29 9.60 1.09
N ARG C 15 7.53 10.13 2.05
CA ARG C 15 6.13 10.46 1.79
C ARG C 15 5.68 11.56 2.74
N PHE C 16 4.91 12.50 2.22
CA PHE C 16 4.20 13.49 3.01
C PHE C 16 2.76 13.04 3.15
N LEU C 17 2.33 12.77 4.39
CA LEU C 17 0.94 12.42 4.62
C LEU C 17 0.04 13.60 4.30
N HIS C 18 0.04 14.60 5.18
CA HIS C 18 -0.91 15.71 5.12
C HIS C 18 -0.31 16.89 5.88
N PHE C 19 -1.08 17.97 5.95
CA PHE C 19 -0.71 19.06 6.84
C PHE C 19 -0.74 18.57 8.28
N HIS C 20 0.26 18.97 9.06
CA HIS C 20 0.31 18.63 10.48
C HIS C 20 -0.18 19.77 11.36
N SER C 21 0.41 20.95 11.20
CA SER C 21 0.08 22.10 12.04
C SER C 21 0.51 23.36 11.32
N VAL C 22 -0.05 24.48 11.77
CA VAL C 22 0.38 25.80 11.34
C VAL C 22 0.85 26.56 12.58
N THR C 23 2.01 27.21 12.46
CA THR C 23 2.65 27.88 13.59
C THR C 23 2.65 29.38 13.34
N PHE C 24 1.83 30.11 14.09
CA PHE C 24 1.88 31.57 14.08
C PHE C 24 2.87 32.05 15.13
N TRP C 25 3.76 32.96 14.75
CA TRP C 25 4.54 33.72 15.72
C TRP C 25 3.79 35.02 15.95
N VAL C 26 3.14 35.12 17.11
CA VAL C 26 2.31 36.27 17.44
C VAL C 26 2.90 36.98 18.65
N GLY C 27 2.47 38.24 18.83
CA GLY C 27 2.98 39.03 19.94
C GLY C 27 2.43 38.61 21.29
N ASN C 28 1.20 38.09 21.32
CA ASN C 28 0.49 37.78 22.56
C ASN C 28 -0.25 36.46 22.35
N ALA C 29 0.47 35.34 22.47
CA ALA C 29 -0.11 34.04 22.18
C ALA C 29 -1.37 33.77 23.00
N LYS C 30 -1.35 34.18 24.27
CA LYS C 30 -2.50 33.94 25.14
C LYS C 30 -3.77 34.55 24.56
N GLN C 31 -3.67 35.80 24.09
CA GLN C 31 -4.83 36.44 23.48
C GLN C 31 -5.06 35.97 22.04
N ALA C 32 -3.99 35.65 21.31
CA ALA C 32 -4.14 35.19 19.93
C ALA C 32 -4.90 33.89 19.87
N ALA C 33 -4.55 32.93 20.73
CA ALA C 33 -5.30 31.68 20.78
C ALA C 33 -6.72 31.93 21.23
N SER C 34 -6.92 32.91 22.12
CA SER C 34 -8.27 33.25 22.54
C SER C 34 -9.09 33.83 21.39
N PHE C 35 -8.44 34.46 20.42
CA PHE C 35 -9.15 34.98 19.26
C PHE C 35 -9.62 33.84 18.37
N TYR C 36 -8.73 32.89 18.06
CA TYR C 36 -9.08 31.82 17.13
C TYR C 36 -10.04 30.81 17.74
N CYS C 37 -10.09 30.70 19.07
CA CYS C 37 -11.12 29.88 19.69
C CYS C 37 -12.45 30.61 19.70
N SER C 38 -12.44 31.87 20.15
CA SER C 38 -13.67 32.64 20.24
C SER C 38 -14.31 32.81 18.87
N LYS C 39 -13.52 33.16 17.86
CA LYS C 39 -14.05 33.65 16.60
C LYS C 39 -13.92 32.66 15.45
N MET C 40 -13.30 31.50 15.65
CA MET C 40 -13.10 30.56 14.57
C MET C 40 -13.51 29.13 14.92
N GLY C 41 -14.02 28.88 16.11
CA GLY C 41 -14.46 27.55 16.47
C GLY C 41 -13.38 26.60 16.93
N PHE C 42 -12.17 27.09 17.18
CA PHE C 42 -11.09 26.23 17.64
C PHE C 42 -11.23 25.95 19.14
N GLU C 43 -10.43 25.00 19.62
CA GLU C 43 -10.50 24.55 21.00
C GLU C 43 -9.09 24.27 21.51
N PRO C 44 -8.84 24.49 22.81
CA PRO C 44 -7.50 24.21 23.34
C PRO C 44 -7.18 22.72 23.33
N LEU C 45 -5.95 22.39 22.97
CA LEU C 45 -5.47 21.02 22.95
C LEU C 45 -4.24 20.80 23.81
N ALA C 46 -3.20 21.59 23.61
CA ALA C 46 -1.94 21.40 24.32
C ALA C 46 -1.33 22.75 24.64
N TYR C 47 -0.28 22.72 25.46
CA TYR C 47 0.31 23.95 25.97
C TYR C 47 1.75 23.68 26.39
N ARG C 48 2.62 24.65 26.15
CA ARG C 48 3.97 24.62 26.67
C ARG C 48 4.38 26.04 27.06
N GLY C 49 5.07 26.16 28.18
CA GLY C 49 5.42 27.47 28.71
C GLY C 49 6.08 27.32 30.07
N LEU C 50 6.02 28.41 30.85
CA LEU C 50 6.67 28.43 32.16
C LEU C 50 6.18 27.28 33.04
N GLU C 51 4.89 26.96 32.99
CA GLU C 51 4.34 25.94 33.87
C GLU C 51 4.74 24.53 33.46
N THR C 52 5.19 24.34 32.22
CA THR C 52 5.54 23.02 31.73
C THR C 52 7.05 22.78 31.64
N GLY C 53 7.87 23.83 31.75
CA GLY C 53 9.31 23.69 31.65
C GLY C 53 9.94 24.59 30.62
N SER C 54 9.23 24.86 29.52
CA SER C 54 9.73 25.71 28.45
C SER C 54 9.75 27.15 28.92
N ARG C 55 10.95 27.70 29.08
CA ARG C 55 11.11 28.97 29.77
C ARG C 55 11.49 30.13 28.85
N GLU C 56 11.48 29.92 27.54
CA GLU C 56 11.78 30.99 26.60
C GLU C 56 10.69 31.23 25.58
N VAL C 57 9.98 30.18 25.16
CA VAL C 57 8.95 30.30 24.13
C VAL C 57 7.67 29.66 24.67
N VAL C 58 6.61 30.42 24.71
CA VAL C 58 5.29 29.92 25.06
C VAL C 58 4.58 29.51 23.78
N SER C 59 3.77 28.46 23.84
CA SER C 59 3.08 27.97 22.65
C SER C 59 1.73 27.37 23.03
N HIS C 60 0.66 28.07 22.69
CA HIS C 60 -0.70 27.56 22.86
C HIS C 60 -1.09 26.79 21.61
N VAL C 61 -1.47 25.53 21.79
CA VAL C 61 -1.86 24.66 20.68
C VAL C 61 -3.36 24.47 20.74
N ILE C 62 -4.04 24.91 19.67
CA ILE C 62 -5.49 24.77 19.55
C ILE C 62 -5.79 23.84 18.38
N LYS C 63 -7.02 23.33 18.36
CA LYS C 63 -7.40 22.32 17.37
C LYS C 63 -8.87 22.46 17.02
N GLN C 64 -9.17 22.33 15.72
CA GLN C 64 -10.53 22.16 15.23
C GLN C 64 -10.51 21.13 14.11
N GLY C 65 -11.35 20.11 14.22
CA GLY C 65 -11.31 18.99 13.29
C GLY C 65 -9.95 18.32 13.29
N LYS C 66 -9.20 18.51 12.22
CA LYS C 66 -7.80 18.12 12.19
C LYS C 66 -6.86 19.30 12.06
N ILE C 67 -7.40 20.50 11.80
CA ILE C 67 -6.59 21.72 11.86
C ILE C 67 -6.09 21.90 13.29
N VAL C 68 -4.79 22.14 13.42
CA VAL C 68 -4.23 22.62 14.68
C VAL C 68 -3.39 23.85 14.39
N PHE C 69 -3.74 24.96 15.02
CA PHE C 69 -2.92 26.16 15.01
C PHE C 69 -2.15 26.22 16.32
N VAL C 70 -0.86 26.51 16.24
CA VAL C 70 -0.06 26.76 17.44
C VAL C 70 0.42 28.21 17.38
N LEU C 71 0.16 28.94 18.46
CA LEU C 71 0.53 30.34 18.59
C LEU C 71 1.69 30.43 19.56
N SER C 72 2.75 31.14 19.18
CA SER C 72 3.95 31.19 20.00
C SER C 72 4.39 32.63 20.25
N SER C 73 4.97 32.85 21.41
CA SER C 73 5.55 34.14 21.76
C SER C 73 6.85 33.91 22.52
N ALA C 74 7.74 34.89 22.44
CA ALA C 74 8.92 34.88 23.29
C ALA C 74 8.51 35.19 24.73
N LEU C 75 9.22 34.59 25.67
CA LEU C 75 8.89 34.75 27.09
C LEU C 75 9.76 35.78 27.81
N ASN C 76 11.04 35.92 27.44
CA ASN C 76 11.89 36.94 28.05
C ASN C 76 12.34 37.92 26.97
N PRO C 77 12.88 39.10 27.33
CA PRO C 77 13.10 40.14 26.33
C PRO C 77 14.22 39.80 25.35
N TRP C 78 14.37 40.68 24.36
CA TRP C 78 15.50 40.68 23.42
C TRP C 78 15.57 39.40 22.59
N ASN C 79 14.43 38.78 22.31
CA ASN C 79 14.41 37.67 21.36
C ASN C 79 14.61 38.25 19.96
N LYS C 80 15.74 37.96 19.32
CA LYS C 80 15.99 38.53 18.01
C LYS C 80 15.20 37.81 16.91
N GLU C 81 15.13 36.48 16.98
CA GLU C 81 14.38 35.73 15.98
C GLU C 81 12.90 36.08 16.02
N MET C 82 12.28 35.94 17.20
CA MET C 82 10.85 36.22 17.30
C MET C 82 10.58 37.72 17.29
N GLY C 83 11.52 38.52 17.78
CA GLY C 83 11.31 39.96 17.82
C GLY C 83 11.34 40.60 16.45
N ASP C 84 12.41 40.35 15.69
CA ASP C 84 12.50 40.90 14.34
C ASP C 84 11.36 40.40 13.46
N HIS C 85 10.90 39.17 13.68
CA HIS C 85 9.77 38.65 12.92
C HIS C 85 8.51 39.45 13.19
N LEU C 86 8.28 39.82 14.45
CA LEU C 86 7.09 40.58 14.79
C LEU C 86 7.17 42.00 14.23
N VAL C 87 8.34 42.61 14.29
CA VAL C 87 8.48 43.99 13.81
C VAL C 87 8.30 44.04 12.29
N LYS C 88 8.75 43.00 11.59
CA LYS C 88 8.79 42.98 10.14
C LYS C 88 7.49 42.48 9.53
N HIS C 89 6.93 41.39 10.06
CA HIS C 89 5.73 40.79 9.51
C HIS C 89 4.46 41.10 10.31
N GLY C 90 4.61 41.55 11.55
CA GLY C 90 3.44 41.58 12.40
C GLY C 90 3.18 40.14 12.85
N ASP C 91 1.94 39.90 13.26
CA ASP C 91 1.51 38.53 13.49
C ASP C 91 1.38 37.81 12.16
N GLY C 92 1.94 36.62 12.06
CA GLY C 92 1.89 35.91 10.79
C GLY C 92 2.33 34.47 10.93
N VAL C 93 2.12 33.72 9.85
CA VAL C 93 2.47 32.31 9.84
C VAL C 93 3.98 32.15 9.75
N LYS C 94 4.57 31.41 10.68
CA LYS C 94 5.99 31.12 10.68
C LYS C 94 6.32 29.75 10.11
N ASP C 95 5.48 28.74 10.37
CA ASP C 95 5.82 27.37 9.99
C ASP C 95 4.56 26.61 9.57
N ILE C 96 4.62 26.00 8.38
CA ILE C 96 3.65 25.01 7.93
C ILE C 96 4.28 23.64 8.11
N ALA C 97 3.62 22.78 8.88
CA ALA C 97 4.18 21.48 9.25
C ALA C 97 3.48 20.36 8.50
N PHE C 98 4.26 19.39 8.03
CA PHE C 98 3.75 18.19 7.41
C PHE C 98 4.01 17.00 8.33
N GLU C 99 3.03 16.10 8.43
CA GLU C 99 3.30 14.77 8.98
C GLU C 99 3.84 13.89 7.87
N VAL C 100 4.93 13.17 8.15
CA VAL C 100 5.72 12.53 7.13
C VAL C 100 5.93 11.05 7.46
N GLU C 101 6.40 10.32 6.45
CA GLU C 101 7.02 9.01 6.62
C GLU C 101 8.43 9.10 6.05
N ASP C 102 9.37 8.45 6.75
CA ASP C 102 10.78 8.45 6.33
C ASP C 102 11.30 9.88 6.22
N CYS C 103 11.42 10.51 7.38
CA CYS C 103 11.91 11.88 7.43
C CYS C 103 13.40 11.95 7.10
N ASP C 104 14.18 10.99 7.60
CA ASP C 104 15.63 11.01 7.39
C ASP C 104 15.98 11.06 5.90
N TYR C 105 15.33 10.21 5.11
CA TYR C 105 15.58 10.21 3.66
C TYR C 105 15.09 11.51 3.03
N ILE C 106 13.95 12.03 3.49
CA ILE C 106 13.41 13.27 2.94
C ILE C 106 14.41 14.41 3.10
N VAL C 107 15.17 14.41 4.19
CA VAL C 107 16.05 15.53 4.49
C VAL C 107 17.26 15.54 3.57
N GLN C 108 17.89 14.38 3.37
CA GLN C 108 19.11 14.34 2.56
C GLN C 108 18.83 14.64 1.10
N LYS C 109 17.73 14.09 0.56
CA LYS C 109 17.36 14.41 -0.82
C LYS C 109 17.05 15.89 -0.97
N ALA C 110 16.51 16.53 0.06
CA ALA C 110 16.33 17.97 0.03
C ALA C 110 17.69 18.67 -0.03
N ARG C 111 18.63 18.25 0.81
CA ARG C 111 19.95 18.88 0.84
C ARG C 111 20.72 18.64 -0.46
N GLU C 112 20.53 17.47 -1.08
CA GLU C 112 21.21 17.19 -2.35
C GLU C 112 20.79 18.18 -3.42
N ARG C 113 19.49 18.36 -3.60
CA ARG C 113 18.97 19.25 -4.64
C ARG C 113 19.22 20.72 -4.32
N GLY C 114 19.69 21.04 -3.11
CA GLY C 114 20.10 22.39 -2.78
C GLY C 114 19.31 23.05 -1.66
N ALA C 115 18.38 22.36 -1.00
CA ALA C 115 17.60 23.00 0.05
C ALA C 115 18.47 23.32 1.26
N LYS C 116 18.02 24.30 2.03
CA LYS C 116 18.66 24.66 3.30
C LYS C 116 17.98 23.90 4.44
N ILE C 117 18.78 23.19 5.22
CA ILE C 117 18.30 22.55 6.43
C ILE C 117 18.53 23.52 7.58
N MET C 118 17.44 24.01 8.17
CA MET C 118 17.57 24.90 9.31
C MET C 118 17.99 24.13 10.56
N ARG C 119 17.45 22.93 10.75
CA ARG C 119 17.88 22.06 11.84
C ARG C 119 17.84 20.63 11.35
N GLU C 120 18.98 19.95 11.39
CA GLU C 120 19.05 18.54 11.03
C GLU C 120 18.22 17.72 12.00
N PRO C 121 17.70 16.57 11.55
CA PRO C 121 16.70 15.84 12.35
C PRO C 121 17.18 15.50 13.76
N TRP C 122 16.21 15.42 14.67
CA TRP C 122 16.42 15.01 16.05
C TRP C 122 15.22 14.18 16.49
N VAL C 123 15.23 13.75 17.75
CA VAL C 123 14.18 12.90 18.31
C VAL C 123 13.77 13.47 19.66
N GLU C 124 12.47 13.75 19.81
CA GLU C 124 11.89 14.14 21.08
C GLU C 124 11.28 12.91 21.74
N GLN C 125 11.38 12.87 23.08
CA GLN C 125 10.93 11.70 23.82
C GLN C 125 9.88 12.09 24.85
N ASP C 126 9.00 11.13 25.13
CA ASP C 126 7.85 11.33 26.01
C ASP C 126 7.54 9.99 26.65
N LYS C 127 6.72 10.02 27.70
CA LYS C 127 6.16 8.80 28.27
C LYS C 127 5.10 8.18 27.36
N PHE C 128 5.03 8.62 26.09
CA PHE C 128 4.00 8.19 25.15
C PHE C 128 4.58 7.85 23.78
N GLY C 129 5.90 7.79 23.66
CA GLY C 129 6.58 7.46 22.43
C GLY C 129 7.60 8.52 22.06
N LYS C 130 8.17 8.37 20.87
CA LYS C 130 9.18 9.27 20.34
C LYS C 130 8.71 9.86 19.02
N VAL C 131 9.09 11.12 18.78
CA VAL C 131 8.74 11.83 17.56
C VAL C 131 9.99 12.47 16.98
N LYS C 132 10.10 12.46 15.65
CA LYS C 132 11.24 12.99 14.92
C LYS C 132 10.84 14.28 14.21
N PHE C 133 11.75 15.25 14.20
CA PHE C 133 11.49 16.57 13.60
C PHE C 133 12.66 16.98 12.72
N ALA C 134 12.41 17.98 11.88
CA ALA C 134 13.44 18.63 11.08
C ALA C 134 12.87 19.98 10.63
N VAL C 135 13.76 20.89 10.28
CA VAL C 135 13.36 22.25 9.89
C VAL C 135 14.02 22.60 8.58
N LEU C 136 13.21 22.93 7.57
CA LEU C 136 13.66 23.44 6.29
C LEU C 136 13.25 24.89 6.12
N GLN C 137 14.08 25.66 5.42
CA GLN C 137 13.79 27.06 5.12
C GLN C 137 13.19 27.15 3.72
N THR C 138 12.08 27.90 3.62
CA THR C 138 11.43 28.11 2.33
C THR C 138 11.36 29.60 2.03
N TYR C 139 10.26 30.05 1.44
CA TYR C 139 10.18 31.45 1.02
C TYR C 139 10.04 32.35 2.23
N GLY C 140 10.72 33.50 2.18
CA GLY C 140 10.70 34.43 3.27
C GLY C 140 11.27 33.81 4.54
N ASP C 141 10.66 34.14 5.67
CA ASP C 141 11.03 33.53 6.94
C ASP C 141 10.12 32.35 7.29
N THR C 142 9.28 31.91 6.36
CA THR C 142 8.48 30.72 6.56
C THR C 142 9.39 29.49 6.59
N THR C 143 9.04 28.52 7.42
CA THR C 143 9.79 27.28 7.52
C THR C 143 8.84 26.10 7.37
N HIS C 144 9.43 24.91 7.22
CA HIS C 144 8.68 23.67 7.15
C HIS C 144 9.27 22.68 8.16
N THR C 145 8.44 22.19 9.06
CA THR C 145 8.83 21.18 10.04
C THR C 145 8.08 19.89 9.75
N LEU C 146 8.78 18.77 9.84
CA LEU C 146 8.25 17.45 9.52
C LEU C 146 8.10 16.63 10.79
N VAL C 147 7.03 15.83 10.85
CA VAL C 147 6.66 15.09 12.06
C VAL C 147 6.52 13.62 11.69
N GLU C 148 7.55 12.83 11.97
CA GLU C 148 7.48 11.38 11.82
C GLU C 148 7.26 10.78 13.21
N LYS C 149 6.09 10.19 13.42
CA LYS C 149 5.72 9.66 14.73
C LYS C 149 6.14 8.19 14.81
N MET C 150 7.10 7.90 15.68
CA MET C 150 7.63 6.55 15.85
C MET C 150 6.97 5.94 17.09
N ASN C 151 5.90 5.18 16.86
CA ASN C 151 5.19 4.47 17.93
C ASN C 151 4.81 5.41 19.07
N TYR C 152 4.34 6.61 18.70
CA TYR C 152 4.02 7.66 19.65
C TYR C 152 2.51 7.86 19.69
N ILE C 153 1.95 7.85 20.90
CA ILE C 153 0.50 7.89 21.07
C ILE C 153 0.12 9.05 21.97
N GLY C 154 0.94 10.11 22.00
CA GLY C 154 0.60 11.27 22.80
C GLY C 154 -0.47 12.11 22.15
N GLN C 155 -1.18 12.87 22.98
CA GLN C 155 -2.32 13.64 22.49
C GLN C 155 -1.89 14.67 21.45
N PHE C 156 -0.73 15.29 21.65
CA PHE C 156 -0.18 16.18 20.63
C PHE C 156 1.25 15.76 20.31
N LEU C 157 2.23 16.38 20.95
CA LEU C 157 3.62 16.15 20.67
C LEU C 157 4.40 16.11 21.98
N PRO C 158 5.56 15.47 22.00
CA PRO C 158 6.36 15.43 23.23
C PRO C 158 6.74 16.82 23.70
N GLY C 159 6.78 17.00 25.02
CA GLY C 159 7.10 18.27 25.63
C GLY C 159 5.93 19.19 25.86
N TYR C 160 4.73 18.82 25.40
CA TYR C 160 3.52 19.61 25.60
C TYR C 160 2.66 18.97 26.68
N GLU C 161 1.95 19.82 27.41
CA GLU C 161 1.05 19.37 28.47
C GLU C 161 -0.32 20.00 28.24
N ALA C 162 -1.25 19.70 29.16
CA ALA C 162 -2.64 20.16 29.09
C ALA C 162 -2.71 21.68 28.91
N PRO C 163 -3.82 22.20 28.37
CA PRO C 163 -3.93 23.66 28.20
C PRO C 163 -3.81 24.37 29.53
N ALA C 164 -3.20 25.56 29.49
CA ALA C 164 -2.94 26.31 30.72
C ALA C 164 -4.22 26.80 31.37
N PHE C 165 -5.31 26.92 30.62
CA PHE C 165 -6.57 27.41 31.17
C PHE C 165 -7.68 27.04 30.21
N MET C 166 -8.72 26.38 30.72
CA MET C 166 -9.85 25.98 29.91
C MET C 166 -10.91 27.07 29.96
N ASP C 167 -11.17 27.70 28.81
CA ASP C 167 -12.14 28.79 28.73
C ASP C 167 -13.56 28.24 28.79
N PRO C 168 -14.35 28.60 29.80
CA PRO C 168 -15.70 28.02 29.94
C PRO C 168 -16.75 28.61 29.02
N LEU C 169 -16.46 29.72 28.32
CA LEU C 169 -17.42 30.24 27.36
C LEU C 169 -17.40 29.46 26.05
N LEU C 170 -16.24 28.92 25.68
CA LEU C 170 -16.11 28.21 24.41
C LEU C 170 -17.07 27.02 24.25
N PRO C 171 -17.36 26.21 25.28
CA PRO C 171 -18.24 25.06 25.07
C PRO C 171 -19.64 25.43 24.61
N LYS C 172 -20.22 26.51 25.13
CA LYS C 172 -21.60 26.88 24.81
C LYS C 172 -21.70 27.83 23.61
N LEU C 173 -20.67 27.83 22.72
CA LEU C 173 -20.64 28.55 21.46
C LEU C 173 -20.86 27.60 20.29
N PRO C 174 -21.47 28.07 19.20
CA PRO C 174 -21.89 27.15 18.13
C PRO C 174 -20.71 26.58 17.36
N LYS C 175 -20.81 25.29 17.04
CA LYS C 175 -19.74 24.61 16.30
C LYS C 175 -19.67 25.13 14.88
N CYS C 176 -18.44 25.38 14.41
CA CYS C 176 -18.20 26.00 13.12
C CYS C 176 -17.93 25.00 12.02
N SER C 177 -17.83 23.70 12.33
CA SER C 177 -17.80 22.63 11.34
C SER C 177 -16.64 22.79 10.37
N LEU C 178 -15.44 23.00 10.90
CA LEU C 178 -14.22 23.02 10.12
C LEU C 178 -13.41 21.76 10.41
N GLU C 179 -12.81 21.19 9.38
CA GLU C 179 -12.28 19.83 9.59
C GLU C 179 -10.84 19.64 9.12
N MET C 180 -10.44 20.24 8.00
CA MET C 180 -9.05 20.13 7.61
C MET C 180 -8.64 21.31 6.74
N ILE C 181 -7.35 21.56 6.68
CA ILE C 181 -6.80 22.63 5.86
C ILE C 181 -6.83 22.19 4.40
N ASP C 182 -7.39 23.04 3.54
CA ASP C 182 -7.48 22.73 2.12
C ASP C 182 -6.24 23.16 1.35
N HIS C 183 -5.84 24.42 1.48
CA HIS C 183 -4.62 24.90 0.86
C HIS C 183 -4.06 26.06 1.66
N ILE C 184 -2.77 26.30 1.49
CA ILE C 184 -2.08 27.43 2.10
C ILE C 184 -1.32 28.16 1.00
N VAL C 185 -1.54 29.46 0.89
CA VAL C 185 -0.99 30.27 -0.19
C VAL C 185 0.12 31.15 0.37
N GLY C 186 1.24 31.22 -0.37
CA GLY C 186 2.33 32.11 -0.01
C GLY C 186 2.71 33.07 -1.11
N ASN C 187 2.58 34.37 -0.86
CA ASN C 187 2.85 35.37 -1.88
C ASN C 187 4.35 35.68 -1.94
N GLN C 188 4.83 35.95 -3.14
CA GLN C 188 6.23 36.25 -3.41
C GLN C 188 6.34 37.60 -4.10
N PRO C 189 7.53 38.23 -4.10
CA PRO C 189 7.72 39.44 -4.90
C PRO C 189 7.57 39.17 -6.40
N ASP C 190 7.84 40.17 -7.23
CA ASP C 190 7.79 39.94 -8.67
C ASP C 190 8.93 39.03 -9.09
N GLN C 191 8.71 38.31 -10.19
CA GLN C 191 9.59 37.26 -10.73
C GLN C 191 10.27 36.45 -9.63
N GLU C 192 9.50 36.08 -8.61
CA GLU C 192 9.94 35.14 -7.58
C GLU C 192 8.95 34.01 -7.37
N MET C 193 7.89 33.94 -8.18
CA MET C 193 6.90 32.88 -8.03
C MET C 193 7.42 31.55 -8.54
N VAL C 194 8.05 31.55 -9.72
CA VAL C 194 8.51 30.30 -10.31
C VAL C 194 9.57 29.64 -9.43
N SER C 195 10.43 30.45 -8.80
CA SER C 195 11.48 29.90 -7.95
C SER C 195 10.93 29.34 -6.65
N ALA C 196 9.89 29.96 -6.09
CA ALA C 196 9.29 29.48 -4.86
C ALA C 196 8.51 28.19 -5.07
N SER C 197 7.87 28.04 -6.24
CA SER C 197 7.26 26.77 -6.59
C SER C 197 8.32 25.76 -7.04
N GLU C 198 9.34 26.22 -7.77
CA GLU C 198 10.44 25.33 -8.16
C GLU C 198 11.10 24.69 -6.95
N TRP C 199 11.20 25.45 -5.85
CA TRP C 199 11.81 24.94 -4.63
C TRP C 199 11.18 23.62 -4.20
N TYR C 200 9.84 23.56 -4.22
CA TYR C 200 9.16 22.37 -3.73
C TYR C 200 9.30 21.20 -4.70
N LEU C 201 9.24 21.48 -6.00
CA LEU C 201 9.43 20.43 -6.99
C LEU C 201 10.83 19.83 -6.89
N LYS C 202 11.85 20.69 -6.97
CA LYS C 202 13.24 20.23 -6.99
C LYS C 202 13.62 19.56 -5.67
N ASN C 203 13.26 20.17 -4.54
CA ASN C 203 13.79 19.74 -3.25
C ASN C 203 12.95 18.68 -2.55
N LEU C 204 11.64 18.66 -2.77
CA LEU C 204 10.77 17.70 -2.09
C LEU C 204 10.12 16.72 -3.06
N GLN C 205 10.54 16.71 -4.33
CA GLN C 205 9.89 15.92 -5.38
C GLN C 205 8.40 16.19 -5.42
N PHE C 206 8.05 17.47 -5.49
CA PHE C 206 6.66 17.86 -5.68
C PHE C 206 6.37 18.02 -7.16
N HIS C 207 5.08 18.03 -7.50
CA HIS C 207 4.67 18.20 -8.88
C HIS C 207 3.66 19.33 -8.98
N ARG C 208 3.50 19.86 -10.19
CA ARG C 208 2.60 20.98 -10.42
C ARG C 208 1.15 20.50 -10.41
N PHE C 209 0.32 21.16 -9.61
CA PHE C 209 -1.10 20.83 -9.53
C PHE C 209 -1.85 21.54 -10.65
N TRP C 210 -2.73 20.80 -11.32
CA TRP C 210 -3.43 21.28 -12.51
C TRP C 210 -4.92 21.36 -12.25
N SER C 211 -5.47 22.56 -12.38
CA SER C 211 -6.87 22.83 -12.08
C SER C 211 -7.55 23.49 -13.28
N VAL C 212 -8.88 23.53 -13.23
CA VAL C 212 -9.65 24.21 -14.26
C VAL C 212 -9.30 25.69 -14.34
N ASP C 213 -8.68 26.24 -13.28
CA ASP C 213 -8.26 27.63 -13.29
C ASP C 213 -7.04 27.86 -14.16
N ASP C 214 -6.23 26.83 -14.40
CA ASP C 214 -5.00 27.01 -15.17
C ASP C 214 -5.26 27.25 -16.65
N THR C 215 -6.37 26.75 -17.18
CA THR C 215 -6.64 26.79 -18.62
C THR C 215 -7.27 28.09 -19.09
N GLN C 216 -7.29 29.14 -18.26
CA GLN C 216 -7.80 30.43 -18.68
C GLN C 216 -6.84 31.52 -18.19
N VAL C 217 -7.03 32.73 -18.70
CA VAL C 217 -6.19 33.86 -18.33
C VAL C 217 -7.02 34.89 -17.58
N HIS C 218 -7.05 34.79 -16.25
CA HIS C 218 -7.79 35.71 -15.40
C HIS C 218 -6.92 36.86 -14.90
N THR C 219 -5.70 36.99 -15.42
CA THR C 219 -4.72 37.89 -14.83
C THR C 219 -5.16 39.35 -14.84
N GLU C 220 -6.03 39.75 -15.76
CA GLU C 220 -6.51 41.13 -15.73
C GLU C 220 -7.50 41.37 -14.59
N TYR C 221 -8.06 40.32 -14.02
CA TYR C 221 -8.94 40.45 -12.86
C TYR C 221 -8.29 40.00 -11.57
N SER C 222 -7.37 39.04 -11.62
CA SER C 222 -6.74 38.54 -10.41
C SER C 222 -5.60 39.42 -9.94
N SER C 223 -4.93 40.13 -10.87
CA SER C 223 -3.71 40.87 -10.57
C SER C 223 -2.69 39.98 -9.88
N LEU C 224 -2.58 38.74 -10.36
CA LEU C 224 -1.66 37.76 -9.79
C LEU C 224 -1.47 36.63 -10.78
N ARG C 225 -0.30 36.01 -10.72
CA ARG C 225 -0.02 34.76 -11.41
C ARG C 225 0.19 33.68 -10.37
N SER C 226 -0.31 32.49 -10.65
CA SER C 226 -0.37 31.43 -9.65
C SER C 226 0.24 30.14 -10.19
N ILE C 227 0.92 29.41 -9.32
CA ILE C 227 1.47 28.08 -9.62
C ILE C 227 1.24 27.22 -8.39
N VAL C 228 0.28 26.29 -8.47
CA VAL C 228 -0.04 25.43 -7.34
C VAL C 228 0.97 24.29 -7.28
N VAL C 229 1.54 24.08 -6.10
CA VAL C 229 2.52 23.03 -5.86
C VAL C 229 1.89 22.00 -4.92
N ALA C 230 2.12 20.73 -5.19
CA ALA C 230 1.48 19.67 -4.43
C ALA C 230 2.43 18.49 -4.26
N ASN C 231 2.31 17.81 -3.12
CA ASN C 231 2.93 16.51 -2.96
C ASN C 231 2.26 15.50 -3.88
N TYR C 232 2.93 14.36 -4.07
CA TYR C 232 2.44 13.36 -5.02
C TYR C 232 0.99 12.98 -4.75
N GLU C 233 0.70 12.52 -3.54
CA GLU C 233 -0.66 12.10 -3.22
C GLU C 233 -1.63 13.27 -3.22
N GLU C 234 -1.15 14.50 -3.37
CA GLU C 234 -1.99 15.69 -3.48
C GLU C 234 -2.90 15.84 -2.27
N SER C 235 -2.38 15.47 -1.11
CA SER C 235 -3.07 15.72 0.15
C SER C 235 -2.79 17.10 0.70
N ILE C 236 -1.71 17.73 0.26
CA ILE C 236 -1.42 19.13 0.57
C ILE C 236 -1.22 19.87 -0.74
N LYS C 237 -1.90 21.00 -0.89
CA LYS C 237 -1.79 21.85 -2.06
C LYS C 237 -1.44 23.25 -1.59
N MET C 238 -0.40 23.84 -2.18
CA MET C 238 0.10 25.13 -1.74
C MET C 238 0.39 26.01 -2.95
N PRO C 239 -0.57 26.83 -3.36
CA PRO C 239 -0.33 27.77 -4.46
C PRO C 239 0.79 28.74 -4.12
N ILE C 240 1.46 29.22 -5.16
CA ILE C 240 2.58 30.15 -5.02
C ILE C 240 2.33 31.31 -5.96
N ASN C 241 2.22 32.52 -5.40
CA ASN C 241 1.80 33.69 -6.15
C ASN C 241 2.89 34.75 -6.17
N GLU C 242 2.94 35.47 -7.29
CA GLU C 242 3.64 36.74 -7.45
C GLU C 242 2.64 37.77 -7.98
N PRO C 243 2.92 39.06 -7.83
CA PRO C 243 2.05 40.07 -8.43
C PRO C 243 2.10 40.00 -9.95
N ALA C 244 1.14 40.69 -10.56
CA ALA C 244 0.98 40.69 -12.01
C ALA C 244 0.16 41.89 -12.41
N PRO C 245 0.37 42.43 -13.60
CA PRO C 245 -0.37 43.63 -14.00
C PRO C 245 -1.85 43.35 -14.17
N GLY C 246 -2.69 44.25 -13.64
CA GLY C 246 -4.13 44.05 -13.71
C GLY C 246 -4.87 45.36 -13.64
N LYS C 247 -6.20 45.26 -13.71
CA LYS C 247 -7.04 46.46 -13.72
C LYS C 247 -6.92 47.23 -12.41
N LYS C 248 -6.85 46.52 -11.30
CA LYS C 248 -6.68 47.12 -9.98
C LYS C 248 -5.32 46.74 -9.41
N LYS C 249 -4.88 47.49 -8.40
CA LYS C 249 -3.59 47.24 -7.77
C LYS C 249 -3.51 45.80 -7.27
N SER C 250 -2.33 45.21 -7.40
CA SER C 250 -2.12 43.81 -7.03
C SER C 250 -2.29 43.63 -5.53
N GLN C 251 -3.24 42.77 -5.13
CA GLN C 251 -3.33 42.39 -3.73
C GLN C 251 -2.05 41.72 -3.26
N ILE C 252 -1.38 41.01 -4.16
CA ILE C 252 -0.15 40.29 -3.81
C ILE C 252 0.95 41.29 -3.46
N GLN C 253 1.08 42.34 -4.28
CA GLN C 253 2.09 43.36 -4.01
C GLN C 253 1.83 44.07 -2.70
N GLU C 254 0.55 44.35 -2.40
CA GLU C 254 0.23 44.99 -1.13
C GLU C 254 0.59 44.09 0.05
N TYR C 255 0.41 42.78 -0.12
CA TYR C 255 0.88 41.85 0.92
C TYR C 255 2.39 41.99 1.11
N VAL C 256 3.15 41.90 0.03
CA VAL C 256 4.60 41.97 0.12
C VAL C 256 5.04 43.30 0.70
N ASP C 257 4.40 44.39 0.28
CA ASP C 257 4.71 45.70 0.84
C ASP C 257 4.44 45.72 2.35
N TYR C 258 3.33 45.11 2.77
CA TYR C 258 2.96 45.14 4.18
C TYR C 258 3.55 44.00 4.99
N ASN C 259 3.99 42.92 4.34
CA ASN C 259 4.67 41.84 5.05
C ASN C 259 6.17 42.05 5.12
N GLY C 260 6.72 42.89 4.24
CA GLY C 260 8.15 43.06 4.13
C GLY C 260 8.85 42.01 3.32
N GLY C 261 8.13 41.23 2.53
CA GLY C 261 8.68 40.15 1.74
C GLY C 261 7.67 39.03 1.62
N ALA C 262 8.16 37.87 1.19
CA ALA C 262 7.31 36.71 0.97
C ALA C 262 6.71 36.23 2.28
N GLY C 263 5.62 35.49 2.17
CA GLY C 263 4.95 34.94 3.34
C GLY C 263 3.62 34.34 2.99
N VAL C 264 3.07 33.60 3.95
CA VAL C 264 1.78 32.94 3.77
C VAL C 264 0.68 33.98 3.70
N GLN C 265 -0.05 34.00 2.59
CA GLN C 265 -1.12 34.99 2.42
C GLN C 265 -2.40 34.57 3.15
N HIS C 266 -2.90 33.37 2.88
CA HIS C 266 -4.12 32.93 3.54
C HIS C 266 -4.16 31.42 3.68
N ILE C 267 -4.78 30.96 4.77
CA ILE C 267 -5.02 29.56 5.06
C ILE C 267 -6.48 29.25 4.72
N ALA C 268 -6.70 28.09 4.10
CA ALA C 268 -8.02 27.68 3.67
C ALA C 268 -8.46 26.46 4.46
N LEU C 269 -9.64 26.55 5.07
CA LEU C 269 -10.20 25.49 5.90
C LEU C 269 -11.42 24.92 5.20
N LYS C 270 -11.42 23.61 4.99
CA LYS C 270 -12.49 22.95 4.27
C LYS C 270 -13.62 22.57 5.21
N THR C 271 -14.85 22.72 4.73
CA THR C 271 -16.05 22.39 5.50
C THR C 271 -17.02 21.67 4.61
N GLU C 272 -17.88 20.85 5.23
CA GLU C 272 -18.94 20.14 4.53
C GLU C 272 -20.33 20.66 4.92
N ASP C 273 -20.40 21.90 5.41
CA ASP C 273 -21.66 22.56 5.73
C ASP C 273 -21.41 24.06 5.81
N ILE C 274 -20.94 24.65 4.70
CA ILE C 274 -20.47 26.03 4.69
C ILE C 274 -21.56 27.01 5.08
N ILE C 275 -22.84 26.61 4.99
CA ILE C 275 -23.91 27.51 5.40
C ILE C 275 -23.93 27.65 6.92
N THR C 276 -23.91 26.52 7.63
CA THR C 276 -23.90 26.57 9.09
C THR C 276 -22.57 27.11 9.61
N ALA C 277 -21.47 26.81 8.92
CA ALA C 277 -20.16 27.32 9.32
C ALA C 277 -20.16 28.84 9.37
N ILE C 278 -20.51 29.48 8.25
CA ILE C 278 -20.50 30.94 8.21
C ILE C 278 -21.61 31.51 9.09
N ARG C 279 -22.75 30.81 9.19
CA ARG C 279 -23.82 31.27 10.06
C ARG C 279 -23.34 31.32 11.52
N HIS C 280 -22.67 30.26 11.96
CA HIS C 280 -22.19 30.20 13.33
C HIS C 280 -20.94 31.06 13.54
N LEU C 281 -20.07 31.15 12.52
CA LEU C 281 -18.90 32.00 12.63
C LEU C 281 -19.29 33.46 12.77
N ARG C 282 -20.36 33.88 12.07
CA ARG C 282 -20.81 35.27 12.19
C ARG C 282 -21.37 35.53 13.59
N GLU C 283 -22.08 34.56 14.16
CA GLU C 283 -22.57 34.75 15.52
C GLU C 283 -21.43 34.95 16.50
N ARG C 284 -20.32 34.24 16.29
CA ARG C 284 -19.17 34.36 17.19
C ARG C 284 -18.50 35.72 17.07
N GLY C 285 -18.52 36.31 15.88
CA GLY C 285 -17.99 37.65 15.70
C GLY C 285 -16.95 37.76 14.60
N LEU C 286 -16.77 36.70 13.84
CA LEU C 286 -15.79 36.74 12.76
C LEU C 286 -16.32 37.61 11.63
N GLU C 287 -15.47 38.48 11.10
CA GLU C 287 -15.86 39.40 10.03
C GLU C 287 -15.30 38.91 8.71
N PHE C 288 -16.14 38.94 7.67
CA PHE C 288 -15.77 38.52 6.33
C PHE C 288 -15.80 39.72 5.40
N LEU C 289 -15.40 39.49 4.14
CA LEU C 289 -15.36 40.57 3.16
C LEU C 289 -16.76 40.98 2.75
N SER C 290 -16.87 42.19 2.23
CA SER C 290 -18.15 42.73 1.78
C SER C 290 -18.43 42.28 0.35
N VAL C 291 -19.63 41.77 0.12
CA VAL C 291 -20.07 41.32 -1.20
C VAL C 291 -21.37 42.05 -1.52
N PRO C 292 -21.48 42.70 -2.68
CA PRO C 292 -22.67 43.49 -2.98
C PRO C 292 -23.85 42.60 -3.37
N SER C 293 -25.02 43.23 -3.41
CA SER C 293 -26.24 42.51 -3.79
C SER C 293 -26.24 42.12 -5.25
N THR C 294 -25.54 42.88 -6.10
CA THR C 294 -25.53 42.57 -7.53
C THR C 294 -24.81 41.26 -7.82
N TYR C 295 -23.89 40.84 -6.94
CA TYR C 295 -23.19 39.57 -7.13
C TYR C 295 -24.18 38.42 -7.26
N TYR C 296 -25.26 38.48 -6.49
CA TYR C 296 -26.23 37.39 -6.48
C TYR C 296 -27.35 37.59 -7.49
N LYS C 297 -27.63 38.84 -7.85
CA LYS C 297 -28.45 39.09 -9.04
C LYS C 297 -27.79 38.48 -10.28
N GLN C 298 -26.47 38.61 -10.37
CA GLN C 298 -25.75 38.08 -11.53
C GLN C 298 -25.51 36.58 -11.41
N LEU C 299 -25.38 36.06 -10.19
CA LEU C 299 -25.18 34.62 -10.03
C LEU C 299 -26.39 33.84 -10.49
N ARG C 300 -27.59 34.34 -10.18
CA ARG C 300 -28.82 33.66 -10.57
C ARG C 300 -28.96 33.60 -12.09
N GLU C 301 -28.62 34.69 -12.78
CA GLU C 301 -28.77 34.71 -14.23
C GLU C 301 -27.75 33.84 -14.93
N LYS C 302 -26.53 33.75 -14.39
CA LYS C 302 -25.53 32.87 -14.99
C LYS C 302 -25.89 31.39 -14.81
N LEU C 303 -26.56 31.05 -13.70
CA LEU C 303 -26.92 29.68 -13.43
C LEU C 303 -27.97 29.15 -14.39
N LYS C 304 -28.83 30.03 -14.91
CA LYS C 304 -29.85 29.61 -15.87
C LYS C 304 -29.25 28.98 -17.12
N THR C 305 -27.99 29.31 -17.44
CA THR C 305 -27.35 28.87 -18.67
C THR C 305 -26.20 27.90 -18.41
N ALA C 306 -26.07 27.38 -17.21
CA ALA C 306 -24.99 26.48 -16.85
C ALA C 306 -25.48 25.03 -16.83
N LYS C 307 -24.51 24.11 -16.81
CA LYS C 307 -24.82 22.69 -16.82
C LYS C 307 -25.32 22.21 -15.45
N ILE C 308 -24.68 22.68 -14.39
CA ILE C 308 -24.90 22.14 -13.06
C ILE C 308 -25.96 22.97 -12.33
N LYS C 309 -26.46 22.43 -11.22
CA LYS C 309 -27.27 23.18 -10.26
C LYS C 309 -26.56 23.14 -8.91
N VAL C 310 -27.01 24.00 -8.00
CA VAL C 310 -26.45 24.09 -6.65
C VAL C 310 -27.50 23.62 -5.66
N LYS C 311 -27.13 22.72 -4.77
CA LYS C 311 -28.06 22.27 -3.73
C LYS C 311 -28.36 23.38 -2.74
N GLU C 312 -27.39 24.24 -2.49
CA GLU C 312 -27.51 25.24 -1.44
C GLU C 312 -28.46 26.36 -1.86
N ASN C 313 -29.25 26.83 -0.91
CA ASN C 313 -30.15 27.95 -1.16
C ASN C 313 -29.34 29.22 -1.42
N ILE C 314 -29.74 29.96 -2.44
CA ILE C 314 -28.99 31.17 -2.78
C ILE C 314 -29.39 32.32 -1.86
N ASP C 315 -30.63 32.34 -1.38
CA ASP C 315 -31.01 33.32 -0.37
C ASP C 315 -30.14 33.20 0.88
N ALA C 316 -29.67 31.99 1.17
CA ALA C 316 -28.73 31.80 2.27
C ALA C 316 -27.37 32.37 1.92
N LEU C 317 -26.88 32.10 0.71
CA LEU C 317 -25.59 32.62 0.28
C LEU C 317 -25.61 34.14 0.18
N GLU C 318 -26.70 34.70 -0.36
CA GLU C 318 -26.82 36.15 -0.44
C GLU C 318 -26.81 36.80 0.93
N GLU C 319 -27.27 36.09 1.96
CA GLU C 319 -27.31 36.66 3.29
C GLU C 319 -25.96 36.54 3.99
N LEU C 320 -25.34 35.37 3.91
CA LEU C 320 -24.05 35.12 4.53
C LEU C 320 -22.86 35.52 3.66
N LYS C 321 -23.13 36.05 2.46
CA LYS C 321 -22.09 36.61 1.59
C LYS C 321 -21.06 35.57 1.17
N ILE C 322 -21.49 34.33 0.99
CA ILE C 322 -20.63 33.28 0.46
C ILE C 322 -20.59 33.37 -1.05
N LEU C 323 -19.41 33.19 -1.63
CA LEU C 323 -19.20 33.31 -3.06
C LEU C 323 -19.24 31.94 -3.73
N VAL C 324 -19.56 31.95 -5.02
CA VAL C 324 -19.71 30.73 -5.81
C VAL C 324 -18.87 30.84 -7.08
N ASP C 325 -18.23 29.75 -7.46
CA ASP C 325 -17.51 29.64 -8.73
C ASP C 325 -17.65 28.21 -9.22
N TYR C 326 -18.20 28.02 -10.41
CA TYR C 326 -18.53 26.68 -10.88
C TYR C 326 -17.73 26.32 -12.12
N ASP C 327 -18.07 25.17 -12.69
CA ASP C 327 -17.27 24.53 -13.72
C ASP C 327 -18.24 23.95 -14.76
N GLU C 328 -17.75 23.04 -15.59
CA GLU C 328 -18.63 22.27 -16.47
C GLU C 328 -19.32 21.14 -15.73
N LYS C 329 -18.73 20.65 -14.63
CA LYS C 329 -19.32 19.53 -13.90
C LYS C 329 -19.28 19.71 -12.38
N GLY C 330 -19.03 20.91 -11.88
CA GLY C 330 -18.94 21.09 -10.43
C GLY C 330 -18.91 22.56 -10.07
N TYR C 331 -19.08 22.81 -8.77
CA TYR C 331 -19.06 24.17 -8.22
C TYR C 331 -18.48 24.13 -6.82
N LEU C 332 -17.80 25.20 -6.43
CA LEU C 332 -17.25 25.35 -5.09
C LEU C 332 -17.86 26.59 -4.45
N LEU C 333 -18.02 26.53 -3.13
CA LEU C 333 -18.50 27.66 -2.34
C LEU C 333 -17.36 28.13 -1.45
N GLN C 334 -17.05 29.42 -1.52
CA GLN C 334 -15.91 29.96 -0.80
C GLN C 334 -16.26 31.34 -0.25
N ILE C 335 -15.62 31.67 0.88
CA ILE C 335 -15.78 32.97 1.51
C ILE C 335 -14.46 33.31 2.18
N PHE C 336 -14.12 34.59 2.20
CA PHE C 336 -12.85 35.04 2.74
C PHE C 336 -13.09 36.02 3.87
N THR C 337 -12.34 35.84 4.96
CA THR C 337 -12.47 36.73 6.11
C THR C 337 -11.73 38.03 5.86
N LYS C 338 -12.17 39.08 6.57
CA LYS C 338 -11.32 40.25 6.67
C LYS C 338 -10.05 39.87 7.42
N PRO C 339 -8.92 40.51 7.11
CA PRO C 339 -7.64 40.08 7.70
C PRO C 339 -7.71 40.03 9.22
N VAL C 340 -6.92 39.13 9.80
CA VAL C 340 -6.93 38.93 11.25
C VAL C 340 -5.93 39.87 11.92
N GLN C 341 -5.47 40.87 11.18
CA GLN C 341 -4.65 41.95 11.72
C GLN C 341 -5.13 43.27 11.12
N ASP C 342 -4.49 44.36 11.52
CA ASP C 342 -4.74 45.65 10.89
C ASP C 342 -3.84 45.89 9.69
N ARG C 343 -2.81 45.08 9.50
CA ARG C 343 -2.04 45.09 8.27
C ARG C 343 -2.78 44.24 7.23
N PRO C 344 -2.91 44.73 6.00
CA PRO C 344 -3.55 43.91 4.96
C PRO C 344 -2.67 42.75 4.52
N THR C 345 -2.44 41.77 5.40
CA THR C 345 -1.59 40.64 5.07
C THR C 345 -2.43 39.37 5.17
N LEU C 346 -2.37 38.66 6.30
CA LEU C 346 -2.93 37.32 6.40
C LEU C 346 -4.43 37.35 6.65
N PHE C 347 -5.19 36.71 5.76
CA PHE C 347 -6.60 36.43 5.97
C PHE C 347 -6.78 34.91 5.90
N LEU C 348 -8.04 34.47 5.87
CA LEU C 348 -8.34 33.05 5.80
C LEU C 348 -9.56 32.84 4.90
N GLU C 349 -9.66 31.61 4.38
CA GLU C 349 -10.75 31.24 3.47
C GLU C 349 -11.44 29.99 3.99
N VAL C 350 -12.77 30.00 3.94
CA VAL C 350 -13.58 28.81 4.22
C VAL C 350 -14.20 28.36 2.91
N ILE C 351 -13.91 27.12 2.51
CA ILE C 351 -14.26 26.61 1.20
C ILE C 351 -14.89 25.24 1.33
N GLN C 352 -15.98 25.03 0.58
CA GLN C 352 -16.60 23.73 0.40
C GLN C 352 -16.53 23.36 -1.08
N ARG C 353 -16.30 22.08 -1.35
CA ARG C 353 -16.16 21.60 -2.72
C ARG C 353 -17.33 20.70 -3.10
N HIS C 354 -17.67 20.71 -4.39
CA HIS C 354 -18.67 19.82 -4.97
C HIS C 354 -18.15 19.45 -6.36
N ASN C 355 -17.33 18.39 -6.41
CA ASN C 355 -16.75 17.88 -7.64
C ASN C 355 -15.85 18.91 -8.33
N HIS C 356 -15.45 19.94 -7.61
CA HIS C 356 -14.69 21.07 -8.16
C HIS C 356 -13.34 21.16 -7.45
N GLN C 357 -12.27 20.79 -8.17
CA GLN C 357 -10.90 20.88 -7.66
C GLN C 357 -10.24 22.20 -8.04
N GLY C 358 -11.02 23.26 -8.25
CA GLY C 358 -10.48 24.57 -8.51
C GLY C 358 -10.37 25.42 -7.24
N PHE C 359 -9.87 26.64 -7.44
CA PHE C 359 -9.58 27.56 -6.34
C PHE C 359 -10.46 28.80 -6.34
N GLY C 360 -11.37 28.93 -7.30
CA GLY C 360 -12.20 30.11 -7.40
C GLY C 360 -11.57 31.26 -8.14
N ALA C 361 -10.61 31.00 -9.03
CA ALA C 361 -9.93 32.09 -9.73
C ALA C 361 -10.86 32.85 -10.66
N GLY C 362 -12.02 32.29 -10.99
CA GLY C 362 -13.02 33.04 -11.74
C GLY C 362 -13.78 34.06 -10.93
N ASN C 363 -13.71 33.96 -9.60
CA ASN C 363 -14.41 34.91 -8.73
C ASN C 363 -13.83 36.32 -8.83
N PHE C 364 -12.57 36.45 -9.24
CA PHE C 364 -12.00 37.78 -9.48
C PHE C 364 -12.84 38.54 -10.49
N ASN C 365 -13.11 37.92 -11.64
CA ASN C 365 -13.95 38.55 -12.65
C ASN C 365 -15.39 38.70 -12.14
N SER C 366 -15.87 37.73 -11.36
CA SER C 366 -17.23 37.79 -10.84
C SER C 366 -17.39 38.92 -9.84
N LEU C 367 -16.47 39.02 -8.86
CA LEU C 367 -16.55 40.09 -7.88
C LEU C 367 -16.41 41.46 -8.55
N PHE C 368 -15.52 41.58 -9.54
CA PHE C 368 -15.33 42.85 -10.22
C PHE C 368 -16.56 43.24 -11.03
N LYS C 369 -17.18 42.27 -11.72
CA LYS C 369 -18.43 42.56 -12.41
C LYS C 369 -19.51 42.99 -11.43
N ALA C 370 -19.55 42.36 -10.25
CA ALA C 370 -20.57 42.72 -9.27
C ALA C 370 -20.32 44.10 -8.69
N PHE C 371 -19.04 44.46 -8.50
CA PHE C 371 -18.73 45.79 -7.99
C PHE C 371 -18.93 46.85 -9.07
N GLU C 372 -18.73 46.49 -10.34
CA GLU C 372 -18.92 47.44 -11.42
C GLU C 372 -20.39 47.80 -11.60
N GLU C 373 -21.28 46.81 -11.48
CA GLU C 373 -22.72 47.10 -11.57
C GLU C 373 -23.22 47.86 -10.35
N GLU C 374 -22.59 47.66 -9.20
CA GLU C 374 -23.03 48.36 -7.99
C GLU C 374 -22.65 49.84 -8.04
N GLN C 375 -21.48 50.17 -8.60
CA GLN C 375 -21.12 51.58 -8.75
C GLN C 375 -21.86 52.20 -9.93
N ASN C 376 -22.07 51.43 -10.99
CA ASN C 376 -22.83 51.87 -12.16
C ASN C 376 -24.17 52.43 -11.75
N LEU C 377 -25.07 51.56 -11.29
CA LEU C 377 -26.46 51.91 -11.02
C LEU C 377 -26.70 52.21 -9.55
N ARG C 378 -25.73 52.86 -8.91
CA ARG C 378 -25.95 53.58 -7.66
C ARG C 378 -25.91 55.09 -7.87
N GLY C 379 -26.06 55.54 -9.12
CA GLY C 379 -26.07 56.95 -9.45
C GLY C 379 -27.07 57.31 -10.53
N LYS D 7 -20.05 -0.77 -27.69
CA LYS D 7 -20.16 -0.08 -28.97
C LYS D 7 -21.15 1.08 -28.90
N GLY D 8 -21.26 1.69 -27.73
CA GLY D 8 -22.11 2.85 -27.55
C GLY D 8 -21.29 4.11 -27.35
N ALA D 9 -21.76 4.99 -26.47
CA ALA D 9 -21.01 6.19 -26.08
C ALA D 9 -20.29 5.89 -24.78
N LYS D 10 -18.97 6.06 -24.79
CA LYS D 10 -18.16 5.80 -23.60
C LYS D 10 -18.62 6.67 -22.44
N PRO D 11 -19.00 6.08 -21.31
CA PRO D 11 -19.50 6.89 -20.19
C PRO D 11 -18.49 7.94 -19.74
N GLU D 12 -19.00 9.02 -19.15
CA GLU D 12 -18.16 10.11 -18.69
C GLU D 12 -17.17 9.63 -17.63
N ARG D 13 -17.69 9.08 -16.54
CA ARG D 13 -16.87 8.47 -15.51
C ARG D 13 -17.50 7.15 -15.09
N GLY D 14 -16.88 6.49 -14.11
CA GLY D 14 -17.33 5.19 -13.66
C GLY D 14 -16.92 4.08 -14.61
N ARG D 15 -17.01 2.84 -14.08
CA ARG D 15 -16.66 1.66 -14.85
C ARG D 15 -17.04 0.38 -14.11
N PHE D 16 -17.72 -0.53 -14.80
CA PHE D 16 -18.03 -1.86 -14.26
C PHE D 16 -16.94 -2.82 -14.72
N LEU D 17 -16.15 -3.32 -13.77
CA LEU D 17 -15.03 -4.18 -14.12
C LEU D 17 -15.51 -5.55 -14.58
N HIS D 18 -16.34 -6.21 -13.77
CA HIS D 18 -16.65 -7.62 -13.98
C HIS D 18 -17.74 -8.02 -13.00
N PHE D 19 -18.30 -9.22 -13.21
CA PHE D 19 -19.15 -9.83 -12.20
C PHE D 19 -18.34 -10.02 -10.92
N HIS D 20 -18.84 -9.47 -9.81
CA HIS D 20 -18.18 -9.70 -8.52
C HIS D 20 -18.62 -11.02 -7.91
N SER D 21 -19.92 -11.16 -7.65
CA SER D 21 -20.44 -12.36 -7.01
C SER D 21 -21.93 -12.50 -7.30
N VAL D 22 -22.43 -13.71 -7.10
CA VAL D 22 -23.84 -14.03 -7.25
C VAL D 22 -24.35 -14.54 -5.91
N THR D 23 -25.38 -13.87 -5.38
CA THR D 23 -25.87 -14.12 -4.03
C THR D 23 -27.20 -14.86 -4.09
N PHE D 24 -27.24 -16.04 -3.50
CA PHE D 24 -28.43 -16.88 -3.45
C PHE D 24 -29.13 -16.71 -2.10
N TRP D 25 -30.46 -16.68 -2.13
CA TRP D 25 -31.29 -16.77 -0.94
C TRP D 25 -31.92 -18.15 -0.94
N VAL D 26 -31.56 -18.97 0.05
CA VAL D 26 -31.88 -20.39 0.05
C VAL D 26 -32.33 -20.80 1.44
N GLY D 27 -33.14 -21.86 1.50
CA GLY D 27 -33.66 -22.34 2.76
C GLY D 27 -32.64 -23.02 3.66
N ASN D 28 -31.46 -23.33 3.14
CA ASN D 28 -30.42 -24.00 3.93
C ASN D 28 -29.08 -23.59 3.34
N ALA D 29 -28.50 -22.53 3.88
CA ALA D 29 -27.26 -21.98 3.34
C ALA D 29 -26.13 -23.00 3.35
N LYS D 30 -26.02 -23.80 4.41
CA LYS D 30 -24.90 -24.72 4.47
C LYS D 30 -25.13 -25.97 3.63
N GLN D 31 -26.38 -26.43 3.50
CA GLN D 31 -26.63 -27.56 2.60
C GLN D 31 -26.59 -27.13 1.14
N ALA D 32 -26.84 -25.86 0.85
CA ALA D 32 -26.75 -25.38 -0.52
C ALA D 32 -25.31 -25.27 -0.98
N ALA D 33 -24.44 -24.69 -0.14
CA ALA D 33 -23.03 -24.62 -0.49
C ALA D 33 -22.43 -26.02 -0.59
N SER D 34 -22.87 -26.94 0.27
CA SER D 34 -22.40 -28.32 0.19
C SER D 34 -22.78 -28.98 -1.12
N PHE D 35 -23.95 -28.63 -1.66
CA PHE D 35 -24.33 -29.14 -2.98
C PHE D 35 -23.47 -28.51 -4.07
N TYR D 36 -23.32 -27.19 -4.04
CA TYR D 36 -22.55 -26.52 -5.08
C TYR D 36 -21.07 -26.87 -5.03
N CYS D 37 -20.59 -27.30 -3.86
CA CYS D 37 -19.20 -27.74 -3.76
C CYS D 37 -19.05 -29.21 -4.18
N SER D 38 -19.99 -30.06 -3.77
CA SER D 38 -19.88 -31.49 -4.07
C SER D 38 -20.10 -31.76 -5.55
N LYS D 39 -21.12 -31.14 -6.15
CA LYS D 39 -21.52 -31.46 -7.51
C LYS D 39 -20.86 -30.57 -8.56
N MET D 40 -20.58 -29.31 -8.24
CA MET D 40 -20.12 -28.36 -9.25
C MET D 40 -18.69 -27.90 -9.07
N GLY D 41 -18.01 -28.28 -7.99
CA GLY D 41 -16.59 -28.09 -7.86
C GLY D 41 -16.15 -26.87 -7.07
N PHE D 42 -17.07 -25.99 -6.70
CA PHE D 42 -16.71 -24.82 -5.91
C PHE D 42 -16.05 -25.26 -4.59
N GLU D 43 -15.28 -24.35 -4.00
CA GLU D 43 -14.63 -24.65 -2.73
C GLU D 43 -14.80 -23.49 -1.75
N PRO D 44 -14.92 -23.78 -0.46
CA PRO D 44 -15.29 -22.74 0.51
C PRO D 44 -14.25 -21.63 0.57
N LEU D 45 -14.73 -20.40 0.57
CA LEU D 45 -13.87 -19.21 0.59
C LEU D 45 -14.00 -18.42 1.88
N ALA D 46 -15.22 -18.12 2.30
CA ALA D 46 -15.45 -17.34 3.51
C ALA D 46 -16.82 -17.67 4.07
N TYR D 47 -17.06 -17.22 5.29
CA TYR D 47 -18.31 -17.54 5.98
C TYR D 47 -18.64 -16.45 7.00
N ARG D 48 -19.76 -15.79 6.80
CA ARG D 48 -20.32 -14.85 7.75
C ARG D 48 -21.55 -15.48 8.39
N GLY D 49 -21.53 -15.63 9.70
CA GLY D 49 -22.64 -16.27 10.39
C GLY D 49 -22.70 -15.91 11.86
N LEU D 50 -23.35 -16.80 12.62
CA LEU D 50 -23.51 -16.57 14.05
C LEU D 50 -22.15 -16.53 14.76
N GLU D 51 -21.29 -17.50 14.47
CA GLU D 51 -19.97 -17.54 15.11
C GLU D 51 -19.12 -16.32 14.78
N THR D 52 -19.50 -15.54 13.77
CA THR D 52 -18.69 -14.41 13.30
C THR D 52 -19.35 -13.07 13.61
N GLY D 53 -20.33 -13.05 14.51
CA GLY D 53 -20.93 -11.81 14.97
C GLY D 53 -22.12 -11.31 14.15
N SER D 54 -22.59 -12.07 13.16
CA SER D 54 -23.74 -11.70 12.35
C SER D 54 -24.91 -12.58 12.76
N ARG D 55 -25.95 -11.97 13.34
CA ARG D 55 -27.00 -12.72 14.02
C ARG D 55 -28.32 -12.80 13.27
N GLU D 56 -28.46 -12.13 12.13
CA GLU D 56 -29.70 -12.16 11.35
C GLU D 56 -29.58 -12.99 10.08
N VAL D 57 -28.49 -12.83 9.32
CA VAL D 57 -28.29 -13.50 8.05
C VAL D 57 -26.95 -14.23 8.09
N VAL D 58 -26.97 -15.51 7.68
CA VAL D 58 -25.77 -16.32 7.57
C VAL D 58 -25.40 -16.43 6.10
N SER D 59 -24.10 -16.56 5.83
CA SER D 59 -23.60 -16.62 4.46
C SER D 59 -22.43 -17.57 4.39
N HIS D 60 -22.46 -18.44 3.38
CA HIS D 60 -21.34 -19.32 3.05
C HIS D 60 -20.82 -18.91 1.68
N VAL D 61 -19.60 -18.39 1.64
CA VAL D 61 -18.96 -17.95 0.42
C VAL D 61 -18.10 -19.07 -0.13
N ILE D 62 -18.32 -19.43 -1.40
CA ILE D 62 -17.53 -20.44 -2.09
C ILE D 62 -17.02 -19.85 -3.40
N LYS D 63 -15.97 -20.46 -3.93
CA LYS D 63 -15.26 -19.89 -5.06
C LYS D 63 -14.74 -21.00 -5.99
N GLN D 64 -14.69 -20.67 -7.28
CA GLN D 64 -14.07 -21.54 -8.28
C GLN D 64 -13.60 -20.65 -9.42
N GLY D 65 -12.29 -20.55 -9.61
CA GLY D 65 -11.73 -19.60 -10.55
C GLY D 65 -11.89 -18.17 -10.09
N LYS D 66 -12.66 -17.37 -10.83
CA LYS D 66 -13.05 -16.05 -10.39
C LYS D 66 -14.53 -15.97 -10.02
N ILE D 67 -15.22 -17.12 -10.01
CA ILE D 67 -16.65 -17.19 -9.70
C ILE D 67 -16.82 -17.29 -8.19
N VAL D 68 -17.67 -16.44 -7.64
CA VAL D 68 -17.95 -16.40 -6.21
C VAL D 68 -19.46 -16.52 -6.02
N PHE D 69 -19.90 -17.62 -5.44
CA PHE D 69 -21.29 -17.83 -5.08
C PHE D 69 -21.47 -17.61 -3.59
N VAL D 70 -22.52 -16.89 -3.21
CA VAL D 70 -22.85 -16.64 -1.82
C VAL D 70 -24.22 -17.25 -1.55
N LEU D 71 -24.25 -18.27 -0.72
CA LEU D 71 -25.50 -18.88 -0.28
C LEU D 71 -25.90 -18.24 1.05
N SER D 72 -27.03 -17.55 1.07
CA SER D 72 -27.47 -16.81 2.23
C SER D 72 -28.82 -17.32 2.72
N SER D 73 -28.96 -17.40 4.05
CA SER D 73 -30.20 -17.82 4.68
C SER D 73 -30.43 -16.95 5.91
N ALA D 74 -31.69 -16.88 6.33
CA ALA D 74 -32.06 -16.15 7.53
C ALA D 74 -31.84 -17.02 8.76
N LEU D 75 -31.41 -16.38 9.86
CA LEU D 75 -31.09 -17.10 11.08
C LEU D 75 -32.27 -17.19 12.04
N ASN D 76 -32.96 -16.08 12.26
CA ASN D 76 -34.11 -16.05 13.15
C ASN D 76 -35.39 -16.39 12.41
N PRO D 77 -36.36 -17.01 13.08
CA PRO D 77 -37.65 -17.26 12.44
C PRO D 77 -38.37 -15.96 12.12
N TRP D 78 -39.27 -16.07 11.14
CA TRP D 78 -40.17 -14.98 10.75
C TRP D 78 -39.42 -13.78 10.20
N ASN D 79 -38.43 -14.01 9.35
CA ASN D 79 -37.78 -12.95 8.60
C ASN D 79 -38.69 -12.57 7.44
N LYS D 80 -39.28 -11.38 7.51
CA LYS D 80 -40.32 -11.01 6.54
C LYS D 80 -39.79 -11.03 5.11
N GLU D 81 -38.76 -10.22 4.84
CA GLU D 81 -38.30 -10.07 3.46
C GLU D 81 -37.70 -11.37 2.93
N MET D 82 -36.76 -11.96 3.67
CA MET D 82 -36.15 -13.20 3.21
C MET D 82 -37.15 -14.36 3.22
N GLY D 83 -38.16 -14.29 4.08
CA GLY D 83 -39.17 -15.34 4.15
C GLY D 83 -40.18 -15.26 3.02
N ASP D 84 -40.67 -14.05 2.73
CA ASP D 84 -41.56 -13.89 1.58
C ASP D 84 -40.87 -14.30 0.30
N HIS D 85 -39.59 -13.95 0.16
CA HIS D 85 -38.83 -14.29 -1.04
C HIS D 85 -38.70 -15.80 -1.19
N LEU D 86 -38.67 -16.53 -0.08
CA LEU D 86 -38.46 -17.97 -0.11
C LEU D 86 -39.74 -18.72 -0.46
N VAL D 87 -40.89 -18.24 0.02
CA VAL D 87 -42.17 -18.85 -0.32
C VAL D 87 -42.60 -18.51 -1.74
N LYS D 88 -42.12 -17.39 -2.28
CA LYS D 88 -42.45 -17.01 -3.65
C LYS D 88 -41.62 -17.79 -4.66
N HIS D 89 -40.30 -17.68 -4.58
CA HIS D 89 -39.41 -18.22 -5.61
C HIS D 89 -38.84 -19.59 -5.28
N GLY D 90 -38.59 -19.87 -4.01
CA GLY D 90 -37.76 -21.00 -3.66
C GLY D 90 -36.30 -20.58 -3.62
N ASP D 91 -35.41 -21.56 -3.76
CA ASP D 91 -34.00 -21.26 -3.78
C ASP D 91 -33.62 -20.67 -5.13
N GLY D 92 -33.03 -19.47 -5.12
CA GLY D 92 -32.66 -18.85 -6.37
C GLY D 92 -31.78 -17.64 -6.13
N VAL D 93 -31.55 -16.90 -7.21
CA VAL D 93 -30.68 -15.74 -7.18
C VAL D 93 -31.42 -14.53 -6.62
N LYS D 94 -30.75 -13.78 -5.75
CA LYS D 94 -31.27 -12.54 -5.22
C LYS D 94 -30.52 -11.31 -5.69
N ASP D 95 -29.19 -11.36 -5.73
CA ASP D 95 -28.37 -10.21 -6.07
C ASP D 95 -27.24 -10.63 -7.00
N ILE D 96 -27.06 -9.87 -8.08
CA ILE D 96 -25.89 -10.00 -8.94
C ILE D 96 -24.99 -8.81 -8.66
N ALA D 97 -23.80 -9.08 -8.12
CA ALA D 97 -22.92 -8.05 -7.61
C ALA D 97 -21.90 -7.61 -8.67
N PHE D 98 -21.72 -6.30 -8.80
CA PHE D 98 -20.77 -5.72 -9.74
C PHE D 98 -19.64 -5.07 -8.95
N GLU D 99 -18.40 -5.47 -9.25
CA GLU D 99 -17.26 -4.73 -8.74
C GLU D 99 -16.97 -3.56 -9.68
N VAL D 100 -17.11 -2.35 -9.18
CA VAL D 100 -17.12 -1.16 -10.01
C VAL D 100 -15.95 -0.26 -9.63
N GLU D 101 -15.77 0.80 -10.43
CA GLU D 101 -14.92 1.93 -10.10
C GLU D 101 -15.79 3.18 -10.10
N ASP D 102 -15.58 4.04 -9.10
CA ASP D 102 -16.40 5.23 -8.88
C ASP D 102 -17.85 4.84 -8.56
N CYS D 103 -18.01 4.27 -7.37
CA CYS D 103 -19.34 3.80 -6.94
C CYS D 103 -20.30 4.96 -6.70
N ASP D 104 -19.80 6.11 -6.22
CA ASP D 104 -20.69 7.21 -5.89
C ASP D 104 -21.34 7.79 -7.12
N TYR D 105 -20.58 7.97 -8.21
CA TYR D 105 -21.15 8.51 -9.44
C TYR D 105 -22.20 7.57 -10.02
N ILE D 106 -21.92 6.27 -10.04
CA ILE D 106 -22.81 5.31 -10.68
C ILE D 106 -24.18 5.34 -10.03
N VAL D 107 -24.23 5.31 -8.69
CA VAL D 107 -25.52 5.37 -8.03
C VAL D 107 -26.13 6.76 -8.18
N GLN D 108 -25.30 7.79 -8.27
CA GLN D 108 -25.83 9.14 -8.48
C GLN D 108 -26.38 9.29 -9.88
N LYS D 109 -25.66 8.78 -10.88
CA LYS D 109 -26.19 8.79 -12.24
C LYS D 109 -27.45 7.94 -12.33
N ALA D 110 -27.46 6.77 -11.71
CA ALA D 110 -28.63 5.90 -11.78
C ALA D 110 -29.87 6.55 -11.18
N ARG D 111 -29.69 7.40 -10.17
CA ARG D 111 -30.84 8.01 -9.53
C ARG D 111 -31.45 9.12 -10.39
N GLU D 112 -30.60 9.90 -11.09
CA GLU D 112 -31.12 10.93 -11.97
C GLU D 112 -32.02 10.33 -13.05
N ARG D 113 -31.64 9.16 -13.57
CA ARG D 113 -32.35 8.51 -14.65
C ARG D 113 -33.51 7.64 -14.17
N GLY D 114 -33.74 7.57 -12.86
CA GLY D 114 -34.90 6.90 -12.33
C GLY D 114 -34.69 5.49 -11.82
N ALA D 115 -33.52 5.18 -11.28
CA ALA D 115 -33.32 3.89 -10.62
C ALA D 115 -33.66 4.01 -9.15
N LYS D 116 -34.08 2.90 -8.56
CA LYS D 116 -34.42 2.88 -7.14
C LYS D 116 -33.20 2.40 -6.36
N ILE D 117 -32.71 3.26 -5.46
CA ILE D 117 -31.57 2.93 -4.61
C ILE D 117 -32.11 2.21 -3.38
N MET D 118 -32.07 0.88 -3.41
CA MET D 118 -32.53 0.12 -2.26
C MET D 118 -31.62 0.27 -1.05
N ARG D 119 -30.39 0.75 -1.26
CA ARG D 119 -29.46 1.00 -0.16
C ARG D 119 -28.47 2.06 -0.60
N GLU D 120 -28.45 3.19 0.12
CA GLU D 120 -27.55 4.28 -0.18
C GLU D 120 -26.09 3.83 0.06
N PRO D 121 -25.13 4.50 -0.56
CA PRO D 121 -23.73 4.07 -0.43
C PRO D 121 -23.26 4.10 1.02
N TRP D 122 -22.52 3.07 1.40
CA TRP D 122 -21.95 2.96 2.74
C TRP D 122 -20.63 2.23 2.63
N VAL D 123 -19.83 2.32 3.70
CA VAL D 123 -18.50 1.73 3.74
C VAL D 123 -18.39 0.80 4.94
N GLU D 124 -17.80 -0.37 4.71
CA GLU D 124 -17.45 -1.30 5.77
C GLU D 124 -15.94 -1.41 5.87
N GLN D 125 -15.45 -1.90 7.01
CA GLN D 125 -14.03 -1.78 7.30
C GLN D 125 -13.59 -2.83 8.30
N ASP D 126 -12.56 -3.60 7.93
CA ASP D 126 -11.83 -4.43 8.89
C ASP D 126 -10.33 -4.12 8.78
N LYS D 127 -9.48 -4.98 9.34
CA LYS D 127 -8.05 -4.71 9.32
C LYS D 127 -7.39 -5.03 7.98
N PHE D 128 -8.18 -5.35 6.95
CA PHE D 128 -7.64 -5.67 5.64
C PHE D 128 -7.94 -4.59 4.61
N GLY D 129 -8.53 -3.47 5.02
CA GLY D 129 -8.89 -2.37 4.16
C GLY D 129 -10.35 -2.02 4.34
N LYS D 130 -10.91 -1.36 3.32
CA LYS D 130 -12.28 -0.92 3.35
C LYS D 130 -12.90 -1.01 1.97
N VAL D 131 -14.19 -1.30 1.93
CA VAL D 131 -14.95 -1.44 0.69
C VAL D 131 -16.19 -0.56 0.79
N LYS D 132 -16.61 -0.04 -0.36
CA LYS D 132 -17.81 0.79 -0.47
C LYS D 132 -18.86 0.03 -1.27
N PHE D 133 -20.04 -0.14 -0.68
CA PHE D 133 -21.13 -0.89 -1.30
C PHE D 133 -22.25 0.06 -1.73
N ALA D 134 -23.17 -0.51 -2.51
CA ALA D 134 -24.41 0.14 -2.89
C ALA D 134 -25.31 -0.91 -3.52
N VAL D 135 -26.61 -0.73 -3.39
CA VAL D 135 -27.60 -1.70 -3.87
C VAL D 135 -28.59 -1.01 -4.79
N LEU D 136 -28.77 -1.58 -5.98
CA LEU D 136 -29.77 -1.11 -6.93
C LEU D 136 -30.83 -2.18 -7.14
N GLN D 137 -32.07 -1.75 -7.37
CA GLN D 137 -33.19 -2.64 -7.62
C GLN D 137 -33.39 -2.80 -9.11
N THR D 138 -33.27 -4.04 -9.60
CA THR D 138 -33.47 -4.31 -11.02
C THR D 138 -34.80 -5.05 -11.23
N TYR D 139 -34.84 -5.99 -12.16
CA TYR D 139 -36.10 -6.66 -12.50
C TYR D 139 -36.56 -7.58 -11.38
N GLY D 140 -37.89 -7.67 -11.22
CA GLY D 140 -38.49 -8.59 -10.26
C GLY D 140 -38.11 -8.25 -8.83
N ASP D 141 -37.81 -9.30 -8.06
CA ASP D 141 -37.28 -9.15 -6.71
C ASP D 141 -35.75 -9.15 -6.70
N THR D 142 -35.13 -9.16 -7.88
CA THR D 142 -33.68 -9.22 -7.99
C THR D 142 -33.07 -7.84 -7.75
N THR D 143 -31.80 -7.84 -7.34
CA THR D 143 -31.08 -6.61 -7.02
C THR D 143 -29.67 -6.68 -7.58
N HIS D 144 -29.01 -5.53 -7.60
CA HIS D 144 -27.62 -5.40 -8.00
C HIS D 144 -26.86 -4.71 -6.89
N THR D 145 -25.72 -5.27 -6.51
CA THR D 145 -24.83 -4.67 -5.52
C THR D 145 -23.57 -4.16 -6.21
N LEU D 146 -23.19 -2.93 -5.93
CA LEU D 146 -21.96 -2.36 -6.43
C LEU D 146 -20.88 -2.46 -5.37
N VAL D 147 -19.69 -2.90 -5.79
CA VAL D 147 -18.58 -3.19 -4.88
C VAL D 147 -17.35 -2.44 -5.36
N GLU D 148 -16.87 -1.50 -4.55
CA GLU D 148 -15.70 -0.69 -4.90
C GLU D 148 -14.65 -0.86 -3.81
N LYS D 149 -13.54 -1.52 -4.15
CA LYS D 149 -12.49 -1.80 -3.17
C LYS D 149 -11.63 -0.56 -2.99
N MET D 150 -11.45 -0.15 -1.73
CA MET D 150 -10.64 1.00 -1.36
C MET D 150 -9.41 0.49 -0.62
N ASN D 151 -8.37 0.14 -1.37
CA ASN D 151 -7.13 -0.37 -0.80
C ASN D 151 -7.39 -1.58 0.10
N TYR D 152 -8.32 -2.43 -0.30
CA TYR D 152 -8.68 -3.64 0.43
C TYR D 152 -7.90 -4.82 -0.12
N ILE D 153 -7.20 -5.53 0.77
CA ILE D 153 -6.30 -6.61 0.38
C ILE D 153 -6.69 -7.93 1.05
N GLY D 154 -7.96 -8.08 1.45
CA GLY D 154 -8.42 -9.28 2.10
C GLY D 154 -8.79 -10.37 1.12
N GLN D 155 -9.32 -11.47 1.67
CA GLN D 155 -9.60 -12.63 0.84
C GLN D 155 -10.96 -12.53 0.14
N PHE D 156 -11.88 -11.75 0.68
CA PHE D 156 -13.17 -11.54 0.01
C PHE D 156 -13.74 -10.17 0.32
N LEU D 157 -14.31 -10.01 1.50
CA LEU D 157 -14.90 -8.74 1.93
C LEU D 157 -14.68 -8.61 3.43
N PRO D 158 -14.71 -7.39 3.95
CA PRO D 158 -14.67 -7.23 5.41
C PRO D 158 -15.94 -7.76 6.05
N GLY D 159 -15.79 -8.34 7.23
CA GLY D 159 -16.90 -8.92 7.97
C GLY D 159 -17.06 -10.41 7.77
N TYR D 160 -16.34 -11.01 6.83
CA TYR D 160 -16.35 -12.44 6.59
C TYR D 160 -15.08 -13.06 7.14
N GLU D 161 -15.21 -14.24 7.74
CA GLU D 161 -14.09 -14.97 8.31
C GLU D 161 -13.78 -16.18 7.43
N ALA D 162 -12.89 -17.04 7.92
CA ALA D 162 -12.57 -18.28 7.23
C ALA D 162 -13.79 -19.20 7.22
N PRO D 163 -13.83 -20.15 6.28
CA PRO D 163 -14.94 -21.11 6.25
C PRO D 163 -15.10 -21.84 7.58
N ALA D 164 -16.36 -22.13 7.92
CA ALA D 164 -16.70 -22.72 9.20
C ALA D 164 -16.33 -24.20 9.28
N PHE D 165 -16.32 -24.90 8.15
CA PHE D 165 -15.91 -26.30 8.12
C PHE D 165 -15.40 -26.67 6.73
N MET D 166 -14.22 -27.26 6.69
CA MET D 166 -13.61 -27.74 5.45
C MET D 166 -14.09 -29.15 5.19
N ASP D 167 -14.92 -29.32 4.16
CA ASP D 167 -15.43 -30.62 3.76
C ASP D 167 -14.27 -31.48 3.28
N PRO D 168 -13.90 -32.52 4.04
CA PRO D 168 -12.73 -33.32 3.66
C PRO D 168 -12.91 -34.16 2.42
N LEU D 169 -14.14 -34.26 1.89
CA LEU D 169 -14.34 -35.01 0.65
C LEU D 169 -14.01 -34.18 -0.59
N LEU D 170 -14.17 -32.87 -0.51
CA LEU D 170 -13.97 -32.01 -1.67
C LEU D 170 -12.57 -32.12 -2.28
N PRO D 171 -11.47 -32.09 -1.52
CA PRO D 171 -10.14 -32.20 -2.15
C PRO D 171 -9.88 -33.55 -2.81
N LYS D 172 -10.67 -34.59 -2.49
CA LYS D 172 -10.51 -35.89 -3.12
C LYS D 172 -11.31 -36.02 -4.42
N LEU D 173 -11.98 -34.96 -4.85
CA LEU D 173 -12.79 -34.99 -6.06
C LEU D 173 -12.08 -34.28 -7.22
N PRO D 174 -12.32 -34.71 -8.45
CA PRO D 174 -11.64 -34.09 -9.59
C PRO D 174 -12.03 -32.64 -9.77
N LYS D 175 -11.05 -31.83 -10.17
CA LYS D 175 -11.30 -30.42 -10.42
C LYS D 175 -12.09 -30.22 -11.70
N CYS D 176 -13.02 -29.27 -11.68
CA CYS D 176 -13.96 -29.07 -12.80
C CYS D 176 -13.53 -27.99 -13.77
N SER D 177 -12.56 -27.14 -13.40
CA SER D 177 -11.98 -26.13 -14.30
C SER D 177 -13.06 -25.24 -14.92
N LEU D 178 -13.93 -24.70 -14.07
CA LEU D 178 -14.87 -23.67 -14.46
C LEU D 178 -14.27 -22.33 -14.06
N GLU D 179 -14.04 -21.45 -15.03
CA GLU D 179 -13.12 -20.34 -14.87
C GLU D 179 -13.79 -19.02 -14.51
N MET D 180 -14.87 -18.65 -15.19
CA MET D 180 -15.45 -17.34 -14.92
C MET D 180 -16.92 -17.33 -15.35
N ILE D 181 -17.66 -16.38 -14.80
CA ILE D 181 -19.06 -16.22 -15.18
C ILE D 181 -19.13 -15.61 -16.57
N ASP D 182 -19.67 -16.37 -17.52
CA ASP D 182 -19.86 -15.86 -18.87
C ASP D 182 -21.01 -14.86 -18.91
N HIS D 183 -22.24 -15.33 -18.66
CA HIS D 183 -23.41 -14.45 -18.65
C HIS D 183 -24.45 -15.01 -17.69
N ILE D 184 -25.39 -14.15 -17.31
CA ILE D 184 -26.50 -14.53 -16.45
C ILE D 184 -27.77 -13.99 -17.10
N VAL D 185 -28.68 -14.88 -17.46
CA VAL D 185 -29.88 -14.49 -18.17
C VAL D 185 -30.97 -14.15 -17.16
N GLY D 186 -31.75 -13.11 -17.46
CA GLY D 186 -32.86 -12.74 -16.62
C GLY D 186 -34.16 -12.74 -17.39
N ASN D 187 -35.09 -13.62 -17.02
CA ASN D 187 -36.37 -13.72 -17.72
C ASN D 187 -37.31 -12.62 -17.26
N GLN D 188 -38.26 -12.29 -18.13
CA GLN D 188 -39.32 -11.32 -17.86
C GLN D 188 -40.61 -11.88 -18.42
N PRO D 189 -41.75 -11.45 -17.88
CA PRO D 189 -43.02 -11.76 -18.55
C PRO D 189 -43.20 -10.93 -19.81
N ASP D 190 -44.35 -11.07 -20.48
CA ASP D 190 -44.57 -10.38 -21.74
C ASP D 190 -44.50 -8.87 -21.54
N GLN D 191 -44.03 -8.17 -22.58
CA GLN D 191 -43.96 -6.72 -22.65
C GLN D 191 -43.02 -6.11 -21.61
N GLU D 192 -42.19 -6.91 -20.95
CA GLU D 192 -41.23 -6.40 -19.98
C GLU D 192 -39.79 -6.66 -20.38
N MET D 193 -39.54 -7.29 -21.54
CA MET D 193 -38.16 -7.47 -21.99
C MET D 193 -37.53 -6.14 -22.40
N VAL D 194 -38.31 -5.26 -23.03
CA VAL D 194 -37.77 -3.97 -23.47
C VAL D 194 -37.48 -3.08 -22.27
N SER D 195 -38.38 -3.05 -21.30
CA SER D 195 -38.18 -2.23 -20.11
C SER D 195 -37.01 -2.74 -19.28
N ALA D 196 -36.96 -4.06 -19.04
CA ALA D 196 -35.90 -4.63 -18.24
C ALA D 196 -34.53 -4.33 -18.83
N SER D 197 -34.39 -4.51 -20.15
CA SER D 197 -33.15 -4.17 -20.81
C SER D 197 -32.91 -2.68 -20.84
N GLU D 198 -33.98 -1.88 -20.93
CA GLU D 198 -33.83 -0.43 -20.95
C GLU D 198 -33.34 0.11 -19.61
N TRP D 199 -33.66 -0.57 -18.51
CA TRP D 199 -33.20 -0.14 -17.20
C TRP D 199 -31.68 -0.03 -17.16
N TYR D 200 -30.99 -0.93 -17.86
CA TYR D 200 -29.53 -0.93 -17.84
C TYR D 200 -28.94 0.14 -18.75
N LEU D 201 -29.50 0.31 -19.95
CA LEU D 201 -29.00 1.33 -20.86
C LEU D 201 -29.22 2.73 -20.29
N LYS D 202 -30.36 2.94 -19.63
CA LYS D 202 -30.74 4.28 -19.22
C LYS D 202 -30.13 4.66 -17.87
N ASN D 203 -30.08 3.72 -16.93
CA ASN D 203 -29.63 4.03 -15.57
C ASN D 203 -28.15 3.74 -15.34
N LEU D 204 -27.57 2.78 -16.03
CA LEU D 204 -26.17 2.42 -15.81
C LEU D 204 -25.29 2.63 -17.04
N GLN D 205 -25.85 3.16 -18.13
CA GLN D 205 -25.09 3.48 -19.33
C GLN D 205 -24.43 2.24 -19.93
N PHE D 206 -25.15 1.10 -19.85
CA PHE D 206 -24.80 -0.06 -20.64
C PHE D 206 -25.17 0.19 -22.10
N HIS D 207 -24.87 -0.79 -22.96
CA HIS D 207 -25.34 -0.80 -24.34
C HIS D 207 -25.86 -2.19 -24.66
N ARG D 208 -26.48 -2.33 -25.83
CA ARG D 208 -26.98 -3.62 -26.28
C ARG D 208 -25.86 -4.37 -26.99
N PHE D 209 -25.45 -5.49 -26.42
CA PHE D 209 -24.42 -6.33 -27.01
C PHE D 209 -25.02 -7.11 -28.17
N TRP D 210 -24.46 -6.93 -29.37
CA TRP D 210 -24.95 -7.60 -30.57
C TRP D 210 -24.11 -8.83 -30.87
N SER D 211 -24.76 -9.82 -31.47
CA SER D 211 -24.09 -11.09 -31.79
C SER D 211 -24.72 -11.65 -33.06
N VAL D 212 -24.24 -12.83 -33.45
CA VAL D 212 -24.75 -13.51 -34.63
C VAL D 212 -26.08 -14.19 -34.30
N ASP D 213 -26.58 -13.91 -33.09
CA ASP D 213 -27.88 -14.41 -32.66
C ASP D 213 -29.01 -13.48 -33.07
N ASP D 214 -28.81 -12.16 -32.95
CA ASP D 214 -29.80 -11.21 -33.39
C ASP D 214 -29.89 -11.10 -34.90
N THR D 215 -29.04 -11.84 -35.63
CA THR D 215 -29.02 -11.84 -37.09
C THR D 215 -29.99 -12.85 -37.69
N GLN D 216 -30.83 -13.49 -36.87
CA GLN D 216 -31.76 -14.48 -37.37
C GLN D 216 -32.92 -14.61 -36.39
N VAL D 217 -34.03 -15.11 -36.89
CA VAL D 217 -35.22 -15.36 -36.09
C VAL D 217 -35.23 -16.85 -35.72
N HIS D 218 -35.03 -17.14 -34.44
CA HIS D 218 -35.10 -18.50 -33.92
C HIS D 218 -36.36 -18.74 -33.10
N THR D 219 -37.21 -17.72 -32.99
CA THR D 219 -38.43 -17.72 -32.17
C THR D 219 -39.25 -18.99 -32.33
N GLU D 220 -39.35 -19.48 -33.57
CA GLU D 220 -40.12 -20.67 -33.86
C GLU D 220 -39.74 -21.85 -32.96
N TYR D 221 -38.46 -21.94 -32.58
CA TYR D 221 -37.98 -22.99 -31.70
C TYR D 221 -37.55 -22.48 -30.33
N SER D 222 -37.14 -21.22 -30.23
CA SER D 222 -36.68 -20.69 -28.95
C SER D 222 -37.82 -20.33 -28.02
N SER D 223 -38.98 -19.94 -28.59
CA SER D 223 -40.12 -19.52 -27.79
C SER D 223 -39.75 -18.35 -26.88
N LEU D 224 -38.73 -17.58 -27.26
CA LEU D 224 -38.26 -16.49 -26.44
C LEU D 224 -37.78 -15.36 -27.33
N ARG D 225 -37.52 -14.22 -26.70
CA ARG D 225 -36.97 -13.03 -27.34
C ARG D 225 -35.93 -12.44 -26.40
N SER D 226 -34.73 -12.21 -26.90
CA SER D 226 -33.61 -11.80 -26.06
C SER D 226 -33.11 -10.41 -26.42
N ILE D 227 -32.58 -9.72 -25.40
CA ILE D 227 -31.78 -8.52 -25.56
C ILE D 227 -30.59 -8.64 -24.62
N VAL D 228 -29.41 -8.92 -25.17
CA VAL D 228 -28.20 -9.02 -24.35
C VAL D 228 -27.69 -7.62 -24.09
N VAL D 229 -27.71 -7.21 -22.83
CA VAL D 229 -27.20 -5.92 -22.41
C VAL D 229 -25.82 -6.12 -21.80
N ALA D 230 -24.91 -5.18 -22.06
CA ALA D 230 -23.55 -5.33 -21.61
C ALA D 230 -22.98 -4.00 -21.16
N ASN D 231 -22.06 -4.05 -20.20
CA ASN D 231 -21.31 -2.85 -19.84
C ASN D 231 -20.41 -2.44 -21.00
N TYR D 232 -19.90 -1.21 -20.92
CA TYR D 232 -19.19 -0.64 -22.06
C TYR D 232 -18.00 -1.50 -22.46
N GLU D 233 -17.23 -1.99 -21.49
CA GLU D 233 -16.10 -2.85 -21.77
C GLU D 233 -16.52 -4.27 -22.14
N GLU D 234 -17.81 -4.60 -21.99
CA GLU D 234 -18.39 -5.86 -22.41
C GLU D 234 -17.79 -7.06 -21.68
N SER D 235 -17.24 -6.83 -20.48
CA SER D 235 -16.92 -7.95 -19.60
C SER D 235 -18.19 -8.56 -19.02
N ILE D 236 -19.21 -7.74 -18.83
CA ILE D 236 -20.47 -8.16 -18.20
C ILE D 236 -21.53 -8.20 -19.30
N LYS D 237 -21.99 -9.40 -19.64
CA LYS D 237 -23.08 -9.59 -20.59
C LYS D 237 -24.26 -10.22 -19.85
N MET D 238 -25.45 -9.69 -20.07
CA MET D 238 -26.65 -10.13 -19.33
C MET D 238 -27.85 -10.20 -20.27
N PRO D 239 -28.13 -11.39 -20.82
CA PRO D 239 -29.29 -11.52 -21.69
C PRO D 239 -30.60 -11.33 -20.92
N ILE D 240 -31.57 -10.70 -21.61
CA ILE D 240 -32.86 -10.35 -21.03
C ILE D 240 -33.94 -10.94 -21.92
N ASN D 241 -34.78 -11.81 -21.37
CA ASN D 241 -35.72 -12.61 -22.15
C ASN D 241 -37.17 -12.33 -21.78
N GLU D 242 -38.04 -12.49 -22.77
CA GLU D 242 -39.48 -12.54 -22.59
C GLU D 242 -40.02 -13.66 -23.47
N PRO D 243 -41.19 -14.22 -23.13
CA PRO D 243 -41.72 -15.33 -23.93
C PRO D 243 -42.08 -14.89 -25.33
N ALA D 244 -42.40 -15.88 -26.17
CA ALA D 244 -42.82 -15.66 -27.54
C ALA D 244 -43.37 -16.96 -28.09
N PRO D 245 -44.24 -16.89 -29.09
CA PRO D 245 -44.77 -18.12 -29.69
C PRO D 245 -43.67 -18.95 -30.32
N GLY D 246 -43.64 -20.23 -29.96
CA GLY D 246 -42.74 -21.19 -30.55
C GLY D 246 -43.44 -22.53 -30.64
N LYS D 247 -42.71 -23.53 -31.12
CA LYS D 247 -43.30 -24.85 -31.32
C LYS D 247 -43.82 -25.43 -30.01
N LYS D 248 -43.03 -25.35 -28.95
CA LYS D 248 -43.34 -25.99 -27.68
C LYS D 248 -43.41 -24.94 -26.58
N LYS D 249 -43.74 -25.41 -25.37
CA LYS D 249 -43.92 -24.58 -24.19
C LYS D 249 -42.78 -23.58 -24.01
N SER D 250 -43.14 -22.31 -23.86
CA SER D 250 -42.15 -21.26 -23.63
C SER D 250 -41.55 -21.45 -22.25
N GLN D 251 -40.27 -21.86 -22.21
CA GLN D 251 -39.60 -22.04 -20.93
C GLN D 251 -39.57 -20.74 -20.13
N ILE D 252 -39.62 -19.59 -20.81
CA ILE D 252 -39.73 -18.31 -20.13
C ILE D 252 -41.05 -18.23 -19.38
N GLN D 253 -42.13 -18.68 -20.01
CA GLN D 253 -43.44 -18.63 -19.37
C GLN D 253 -43.49 -19.53 -18.16
N GLU D 254 -43.07 -20.79 -18.31
CA GLU D 254 -43.10 -21.73 -17.18
C GLU D 254 -42.13 -21.32 -16.09
N TYR D 255 -41.06 -20.59 -16.43
CA TYR D 255 -40.22 -20.01 -15.39
C TYR D 255 -40.99 -18.97 -14.59
N VAL D 256 -41.59 -18.00 -15.28
CA VAL D 256 -42.37 -16.96 -14.62
C VAL D 256 -43.54 -17.57 -13.86
N ASP D 257 -44.11 -18.67 -14.38
CA ASP D 257 -45.16 -19.38 -13.66
C ASP D 257 -44.67 -19.90 -12.31
N TYR D 258 -43.49 -20.52 -12.29
CA TYR D 258 -42.95 -21.09 -11.07
C TYR D 258 -42.16 -20.10 -10.21
N ASN D 259 -41.86 -18.91 -10.75
CA ASN D 259 -41.13 -17.91 -10.00
C ASN D 259 -42.04 -16.84 -9.42
N GLY D 260 -43.23 -16.65 -9.96
CA GLY D 260 -44.10 -15.59 -9.47
C GLY D 260 -43.70 -14.23 -9.98
N GLY D 261 -42.95 -14.18 -11.07
CA GLY D 261 -42.50 -12.95 -11.67
C GLY D 261 -41.15 -13.14 -12.30
N ALA D 262 -40.55 -12.02 -12.69
CA ALA D 262 -39.24 -12.05 -13.34
C ALA D 262 -38.17 -12.51 -12.36
N GLY D 263 -37.16 -13.16 -12.90
CA GLY D 263 -36.06 -13.67 -12.10
C GLY D 263 -34.83 -13.94 -12.95
N VAL D 264 -33.97 -14.83 -12.45
CA VAL D 264 -32.71 -15.19 -13.10
C VAL D 264 -32.84 -16.64 -13.56
N GLN D 265 -32.83 -16.86 -14.87
CA GLN D 265 -33.11 -18.20 -15.36
C GLN D 265 -31.92 -19.13 -15.17
N HIS D 266 -30.75 -18.73 -15.65
CA HIS D 266 -29.57 -19.59 -15.51
C HIS D 266 -28.32 -18.74 -15.39
N ILE D 267 -27.25 -19.41 -14.93
CA ILE D 267 -25.92 -18.83 -14.79
C ILE D 267 -25.00 -19.59 -15.72
N ALA D 268 -24.32 -18.87 -16.61
CA ALA D 268 -23.38 -19.48 -17.55
C ALA D 268 -21.97 -19.38 -17.00
N LEU D 269 -21.26 -20.50 -16.97
CA LEU D 269 -19.92 -20.57 -16.42
C LEU D 269 -18.96 -21.00 -17.51
N LYS D 270 -17.94 -20.19 -17.76
CA LYS D 270 -17.01 -20.45 -18.86
C LYS D 270 -15.91 -21.39 -18.41
N THR D 271 -15.59 -22.37 -19.25
CA THR D 271 -14.45 -23.23 -19.03
C THR D 271 -13.58 -23.22 -20.27
N GLU D 272 -12.30 -23.54 -20.09
CA GLU D 272 -11.37 -23.63 -21.20
C GLU D 272 -11.11 -25.06 -21.64
N ASP D 273 -11.80 -26.02 -21.04
CA ASP D 273 -11.72 -27.43 -21.44
C ASP D 273 -13.03 -28.09 -21.02
N ILE D 274 -13.99 -28.15 -21.95
CA ILE D 274 -15.34 -28.57 -21.60
C ILE D 274 -15.49 -30.08 -21.45
N ILE D 275 -14.62 -30.88 -22.07
CA ILE D 275 -14.78 -32.33 -22.02
C ILE D 275 -14.46 -32.87 -20.63
N THR D 276 -13.34 -32.43 -20.05
CA THR D 276 -13.01 -32.86 -18.69
C THR D 276 -13.89 -32.18 -17.65
N ALA D 277 -14.31 -30.93 -17.93
CA ALA D 277 -15.24 -30.26 -17.03
C ALA D 277 -16.50 -31.08 -16.81
N ILE D 278 -17.18 -31.46 -17.90
CA ILE D 278 -18.41 -32.22 -17.78
C ILE D 278 -18.13 -33.60 -17.24
N ARG D 279 -17.04 -34.23 -17.69
CA ARG D 279 -16.73 -35.59 -17.27
C ARG D 279 -16.58 -35.67 -15.75
N HIS D 280 -15.83 -34.73 -15.17
CA HIS D 280 -15.68 -34.70 -13.72
C HIS D 280 -16.97 -34.24 -13.04
N LEU D 281 -17.69 -33.31 -13.67
CA LEU D 281 -19.00 -32.90 -13.14
C LEU D 281 -19.96 -34.08 -13.08
N ARG D 282 -19.97 -34.94 -14.10
CA ARG D 282 -20.82 -36.12 -14.05
C ARG D 282 -20.31 -37.11 -13.01
N GLU D 283 -18.99 -37.27 -12.91
CA GLU D 283 -18.41 -38.12 -11.87
C GLU D 283 -18.86 -37.66 -10.49
N ARG D 284 -18.95 -36.34 -10.28
CA ARG D 284 -19.38 -35.79 -9.01
C ARG D 284 -20.87 -35.94 -8.77
N GLY D 285 -21.68 -36.05 -9.81
CA GLY D 285 -23.09 -36.32 -9.63
C GLY D 285 -24.00 -35.17 -10.04
N LEU D 286 -23.56 -34.35 -10.96
CA LEU D 286 -24.36 -33.25 -11.49
C LEU D 286 -25.09 -33.75 -12.73
N GLU D 287 -26.42 -33.71 -12.69
CA GLU D 287 -27.24 -34.22 -13.78
C GLU D 287 -27.49 -33.14 -14.83
N PHE D 288 -27.26 -33.48 -16.09
CA PHE D 288 -27.42 -32.56 -17.21
C PHE D 288 -28.65 -32.94 -18.04
N LEU D 289 -29.02 -32.02 -18.93
CA LEU D 289 -30.14 -32.28 -19.82
C LEU D 289 -29.80 -33.39 -20.80
N SER D 290 -30.76 -34.26 -21.06
CA SER D 290 -30.57 -35.35 -22.00
C SER D 290 -30.51 -34.80 -23.43
N VAL D 291 -29.83 -35.56 -24.29
CA VAL D 291 -29.73 -35.24 -25.71
C VAL D 291 -29.83 -36.54 -26.49
N PRO D 292 -30.75 -36.64 -27.45
CA PRO D 292 -30.88 -37.89 -28.22
C PRO D 292 -29.65 -38.13 -29.07
N SER D 293 -29.42 -39.41 -29.37
CA SER D 293 -28.29 -39.79 -30.21
C SER D 293 -28.39 -39.19 -31.61
N THR D 294 -29.60 -38.84 -32.05
CA THR D 294 -29.78 -38.27 -33.38
C THR D 294 -29.20 -36.87 -33.50
N TYR D 295 -29.04 -36.16 -32.38
CA TYR D 295 -28.46 -34.82 -32.43
C TYR D 295 -27.05 -34.84 -32.98
N TYR D 296 -26.30 -35.91 -32.69
CA TYR D 296 -24.91 -36.00 -33.10
C TYR D 296 -24.73 -36.59 -34.49
N LYS D 297 -25.63 -37.49 -34.91
CA LYS D 297 -25.60 -37.93 -36.31
C LYS D 297 -25.89 -36.77 -37.23
N GLN D 298 -26.72 -35.81 -36.80
CA GLN D 298 -26.93 -34.58 -37.57
C GLN D 298 -25.75 -33.65 -37.44
N LEU D 299 -25.17 -33.54 -36.24
CA LEU D 299 -23.97 -32.74 -36.05
C LEU D 299 -22.83 -33.25 -36.90
N ARG D 300 -22.74 -34.57 -37.08
CA ARG D 300 -21.68 -35.16 -37.90
C ARG D 300 -21.84 -34.78 -39.37
N GLU D 301 -23.04 -35.01 -39.93
CA GLU D 301 -23.25 -34.76 -41.35
C GLU D 301 -23.31 -33.26 -41.65
N LYS D 302 -23.79 -32.45 -40.71
CA LYS D 302 -23.75 -31.00 -40.92
C LYS D 302 -22.31 -30.50 -40.98
N LEU D 303 -21.43 -31.09 -40.19
CA LEU D 303 -20.04 -30.64 -40.09
C LEU D 303 -19.19 -31.06 -41.28
N LYS D 304 -19.71 -31.92 -42.17
CA LYS D 304 -18.98 -32.19 -43.40
C LYS D 304 -18.98 -30.97 -44.32
N THR D 305 -20.05 -30.19 -44.29
CA THR D 305 -20.22 -29.01 -45.14
C THR D 305 -19.85 -27.72 -44.44
N ALA D 306 -19.40 -27.79 -43.19
CA ALA D 306 -19.11 -26.58 -42.44
C ALA D 306 -17.83 -25.92 -42.95
N LYS D 307 -17.72 -24.62 -42.67
CA LYS D 307 -16.51 -23.88 -43.00
C LYS D 307 -15.45 -23.99 -41.92
N ILE D 308 -15.88 -24.13 -40.66
CA ILE D 308 -14.95 -24.20 -39.53
C ILE D 308 -14.67 -25.66 -39.19
N LYS D 309 -13.80 -25.90 -38.20
CA LYS D 309 -13.41 -27.24 -37.82
C LYS D 309 -13.37 -27.32 -36.30
N VAL D 310 -14.25 -28.15 -35.73
CA VAL D 310 -14.29 -28.32 -34.28
C VAL D 310 -13.10 -29.18 -33.86
N LYS D 311 -12.33 -28.68 -32.89
CA LYS D 311 -11.14 -29.39 -32.44
C LYS D 311 -11.48 -30.53 -31.48
N GLU D 312 -12.55 -30.39 -30.71
CA GLU D 312 -12.84 -31.35 -29.65
C GLU D 312 -13.34 -32.67 -30.24
N ASN D 313 -13.14 -33.74 -29.46
CA ASN D 313 -13.54 -35.08 -29.88
C ASN D 313 -15.07 -35.18 -29.93
N ILE D 314 -15.60 -35.52 -31.09
CA ILE D 314 -17.05 -35.57 -31.27
C ILE D 314 -17.66 -36.74 -30.50
N ASP D 315 -16.95 -37.87 -30.41
CA ASP D 315 -17.44 -39.00 -29.65
C ASP D 315 -17.56 -38.69 -28.16
N ALA D 316 -16.64 -37.89 -27.61
CA ALA D 316 -16.77 -37.50 -26.21
C ALA D 316 -17.87 -36.45 -26.03
N LEU D 317 -18.17 -35.68 -27.07
CA LEU D 317 -19.35 -34.83 -27.05
C LEU D 317 -20.61 -35.69 -26.97
N GLU D 318 -20.67 -36.75 -27.78
CA GLU D 318 -21.86 -37.59 -27.82
C GLU D 318 -22.10 -38.30 -26.50
N GLU D 319 -21.03 -38.67 -25.79
CA GLU D 319 -21.19 -39.39 -24.54
C GLU D 319 -21.43 -38.47 -23.35
N LEU D 320 -20.84 -37.28 -23.36
CA LEU D 320 -21.05 -36.30 -22.32
C LEU D 320 -22.21 -35.35 -22.62
N LYS D 321 -22.80 -35.49 -23.82
CA LYS D 321 -24.01 -34.76 -24.22
C LYS D 321 -23.79 -33.24 -24.21
N ILE D 322 -22.67 -32.82 -24.78
CA ILE D 322 -22.39 -31.40 -24.96
C ILE D 322 -22.93 -30.96 -26.31
N LEU D 323 -23.31 -29.70 -26.43
CA LEU D 323 -23.91 -29.15 -27.65
C LEU D 323 -22.92 -28.30 -28.42
N VAL D 324 -23.25 -28.00 -29.67
CA VAL D 324 -22.39 -27.21 -30.55
C VAL D 324 -23.24 -26.19 -31.30
N ASP D 325 -22.68 -25.01 -31.52
CA ASP D 325 -23.28 -24.00 -32.39
C ASP D 325 -22.16 -23.20 -33.02
N TYR D 326 -22.26 -22.97 -34.33
CA TYR D 326 -21.17 -22.38 -35.09
C TYR D 326 -21.72 -21.41 -36.14
N ASP D 327 -20.83 -20.55 -36.63
CA ASP D 327 -21.11 -19.75 -37.81
C ASP D 327 -19.99 -19.95 -38.82
N GLU D 328 -19.63 -18.90 -39.56
CA GLU D 328 -18.57 -19.01 -40.54
C GLU D 328 -17.18 -18.90 -39.94
N LYS D 329 -17.05 -18.27 -38.77
CA LYS D 329 -15.75 -17.88 -38.23
C LYS D 329 -15.47 -18.44 -36.84
N GLY D 330 -16.26 -19.37 -36.33
CA GLY D 330 -16.00 -19.92 -35.02
C GLY D 330 -17.15 -20.78 -34.55
N TYR D 331 -17.04 -21.25 -33.31
CA TYR D 331 -18.09 -22.08 -32.72
C TYR D 331 -18.00 -22.03 -31.20
N LEU D 332 -18.98 -22.66 -30.56
CA LEU D 332 -19.02 -22.79 -29.11
C LEU D 332 -19.58 -24.16 -28.74
N LEU D 333 -19.29 -24.58 -27.52
CA LEU D 333 -19.82 -25.81 -26.96
C LEU D 333 -20.51 -25.50 -25.65
N GLN D 334 -21.69 -26.06 -25.45
CA GLN D 334 -22.50 -25.73 -24.30
C GLN D 334 -23.23 -26.98 -23.81
N ILE D 335 -23.68 -26.91 -22.55
CA ILE D 335 -24.50 -27.96 -21.96
C ILE D 335 -25.26 -27.33 -20.81
N PHE D 336 -26.37 -27.95 -20.43
CA PHE D 336 -27.30 -27.35 -19.48
C PHE D 336 -27.70 -28.37 -18.43
N THR D 337 -27.57 -27.98 -17.16
CA THR D 337 -27.91 -28.86 -16.06
C THR D 337 -29.42 -28.98 -15.91
N LYS D 338 -29.85 -30.10 -15.32
CA LYS D 338 -31.20 -30.17 -14.79
C LYS D 338 -31.36 -29.07 -13.74
N PRO D 339 -32.59 -28.57 -13.54
CA PRO D 339 -32.80 -27.49 -12.58
C PRO D 339 -32.18 -27.79 -11.21
N VAL D 340 -31.51 -26.77 -10.66
CA VAL D 340 -30.82 -26.90 -9.39
C VAL D 340 -31.79 -27.20 -8.26
N GLN D 341 -33.08 -26.97 -8.48
CA GLN D 341 -34.10 -27.17 -7.47
C GLN D 341 -35.30 -27.88 -8.12
N ASP D 342 -36.22 -28.33 -7.27
CA ASP D 342 -37.35 -29.12 -7.78
C ASP D 342 -38.31 -28.28 -8.61
N ARG D 343 -38.48 -27.01 -8.27
CA ARG D 343 -39.24 -26.13 -9.13
C ARG D 343 -38.52 -26.02 -10.47
N PRO D 344 -39.23 -26.04 -11.60
CA PRO D 344 -38.56 -25.80 -12.88
C PRO D 344 -38.17 -24.34 -13.05
N THR D 345 -37.16 -23.87 -12.32
CA THR D 345 -36.79 -22.45 -12.37
C THR D 345 -35.32 -22.27 -12.74
N LEU D 346 -34.44 -22.29 -11.75
CA LEU D 346 -33.02 -22.02 -11.95
C LEU D 346 -32.27 -23.26 -12.41
N PHE D 347 -31.38 -23.08 -13.39
CA PHE D 347 -30.40 -24.07 -13.78
C PHE D 347 -29.11 -23.32 -14.09
N LEU D 348 -28.12 -24.03 -14.62
CA LEU D 348 -26.85 -23.41 -14.96
C LEU D 348 -26.38 -23.88 -16.34
N GLU D 349 -25.55 -23.06 -16.95
CA GLU D 349 -24.91 -23.35 -18.22
C GLU D 349 -23.40 -23.32 -18.03
N VAL D 350 -22.71 -24.27 -18.64
CA VAL D 350 -21.25 -24.22 -18.73
C VAL D 350 -20.91 -24.26 -20.21
N ILE D 351 -20.16 -23.24 -20.66
CA ILE D 351 -19.97 -22.97 -22.07
C ILE D 351 -18.49 -22.77 -22.35
N GLN D 352 -18.02 -23.35 -23.45
CA GLN D 352 -16.68 -23.12 -23.96
C GLN D 352 -16.79 -22.48 -25.33
N ARG D 353 -16.05 -21.39 -25.55
CA ARG D 353 -16.11 -20.65 -26.79
C ARG D 353 -14.85 -20.89 -27.62
N HIS D 354 -14.99 -20.74 -28.95
CA HIS D 354 -13.86 -20.81 -29.90
C HIS D 354 -14.11 -19.75 -30.97
N ASN D 355 -13.86 -18.49 -30.60
CA ASN D 355 -14.06 -17.34 -31.48
C ASN D 355 -15.50 -17.27 -31.98
N HIS D 356 -16.44 -17.21 -31.04
CA HIS D 356 -17.86 -17.15 -31.35
C HIS D 356 -18.56 -16.46 -30.19
N GLN D 357 -19.29 -15.38 -30.49
CA GLN D 357 -19.86 -14.52 -29.47
C GLN D 357 -21.36 -14.72 -29.27
N GLY D 358 -21.94 -15.75 -29.86
CA GLY D 358 -23.34 -16.05 -29.67
C GLY D 358 -23.60 -16.70 -28.33
N PHE D 359 -24.78 -17.31 -28.22
CA PHE D 359 -25.14 -18.02 -26.99
C PHE D 359 -25.80 -19.36 -27.27
N GLY D 360 -25.78 -19.85 -28.50
CA GLY D 360 -26.42 -21.10 -28.83
C GLY D 360 -27.88 -20.98 -29.23
N ALA D 361 -28.28 -19.85 -29.82
CA ALA D 361 -29.65 -19.71 -30.27
C ALA D 361 -29.94 -20.65 -31.45
N GLY D 362 -28.95 -20.88 -32.30
CA GLY D 362 -29.11 -21.83 -33.39
C GLY D 362 -29.18 -23.27 -32.92
N ASN D 363 -29.16 -23.47 -31.61
CA ASN D 363 -29.30 -24.80 -31.03
C ASN D 363 -30.75 -25.15 -30.69
N PHE D 364 -31.62 -24.15 -30.55
CA PHE D 364 -33.05 -24.43 -30.44
C PHE D 364 -33.54 -25.18 -31.66
N ASN D 365 -33.24 -24.64 -32.85
CA ASN D 365 -33.50 -25.34 -34.09
C ASN D 365 -32.80 -26.71 -34.10
N SER D 366 -31.52 -26.72 -33.73
CA SER D 366 -30.71 -27.94 -33.85
C SER D 366 -31.17 -29.02 -32.88
N LEU D 367 -31.65 -28.64 -31.69
CA LEU D 367 -32.15 -29.64 -30.75
C LEU D 367 -33.55 -30.09 -31.07
N PHE D 368 -34.38 -29.20 -31.64
CA PHE D 368 -35.73 -29.60 -32.03
C PHE D 368 -35.69 -30.65 -33.11
N LYS D 369 -34.88 -30.43 -34.15
CA LYS D 369 -34.72 -31.43 -35.20
C LYS D 369 -34.21 -32.74 -34.63
N ALA D 370 -33.50 -32.70 -33.50
CA ALA D 370 -32.98 -33.92 -32.89
C ALA D 370 -34.06 -34.69 -32.16
N PHE D 371 -34.89 -33.99 -31.36
CA PHE D 371 -36.02 -34.67 -30.73
C PHE D 371 -37.11 -34.97 -31.74
N GLU D 372 -37.25 -34.15 -32.78
CA GLU D 372 -38.19 -34.44 -33.86
C GLU D 372 -37.83 -35.74 -34.55
N GLU D 373 -36.55 -35.91 -34.89
CA GLU D 373 -36.13 -37.11 -35.60
C GLU D 373 -36.25 -38.36 -34.73
N GLU D 374 -35.96 -38.22 -33.42
CA GLU D 374 -36.09 -39.36 -32.53
C GLU D 374 -37.56 -39.67 -32.23
N GLN D 375 -38.39 -38.64 -32.11
CA GLN D 375 -39.83 -38.85 -31.99
C GLN D 375 -40.39 -39.53 -33.24
N ASN D 376 -40.03 -39.02 -34.42
CA ASN D 376 -40.55 -39.52 -35.69
C ASN D 376 -40.08 -40.93 -36.02
N LEU D 377 -39.38 -41.59 -35.11
CA LEU D 377 -38.97 -42.97 -35.32
C LEU D 377 -40.13 -43.93 -35.08
N LYS E 7 8.95 -4.38 10.41
CA LYS E 7 8.69 -4.53 8.97
C LYS E 7 7.86 -5.78 8.70
N GLY E 8 7.26 -6.33 9.75
CA GLY E 8 6.36 -7.46 9.63
C GLY E 8 5.09 -7.25 10.45
N ALA E 9 4.62 -8.32 11.09
CA ALA E 9 3.49 -8.23 11.99
C ALA E 9 3.96 -7.94 13.41
N LYS E 10 3.27 -7.04 14.09
CA LYS E 10 3.62 -6.73 15.48
C LYS E 10 3.16 -7.86 16.39
N PRO E 11 4.00 -8.33 17.32
CA PRO E 11 3.57 -9.37 18.25
C PRO E 11 2.49 -8.85 19.19
N GLU E 12 1.63 -9.78 19.62
CA GLU E 12 0.53 -9.42 20.51
C GLU E 12 1.08 -8.92 21.85
N ARG E 13 1.69 -9.82 22.61
CA ARG E 13 2.31 -9.47 23.88
C ARG E 13 3.83 -9.42 23.73
N GLY E 14 4.49 -9.00 24.80
CA GLY E 14 5.95 -8.99 24.84
C GLY E 14 6.61 -7.94 23.97
N ARG E 15 7.85 -7.59 24.33
CA ARG E 15 8.63 -6.61 23.58
C ARG E 15 10.10 -6.63 24.01
N PHE E 16 11.00 -6.81 23.05
CA PHE E 16 12.43 -6.72 23.31
C PHE E 16 12.84 -5.25 23.26
N LEU E 17 13.19 -4.70 24.42
CA LEU E 17 13.53 -3.28 24.50
C LEU E 17 14.82 -2.98 23.77
N HIS E 18 15.93 -3.52 24.27
CA HIS E 18 17.24 -3.23 23.68
C HIS E 18 18.25 -4.21 24.28
N PHE E 19 19.45 -4.19 23.73
CA PHE E 19 20.56 -4.92 24.33
C PHE E 19 20.74 -4.48 25.78
N HIS E 20 20.91 -5.46 26.67
CA HIS E 20 21.16 -5.17 28.07
C HIS E 20 22.64 -5.28 28.43
N SER E 21 23.31 -6.32 27.96
CA SER E 21 24.70 -6.56 28.30
C SER E 21 25.27 -7.72 27.50
N VAL E 22 26.58 -7.69 27.24
CA VAL E 22 27.29 -8.83 26.68
C VAL E 22 28.18 -9.40 27.78
N THR E 23 28.22 -10.73 27.90
CA THR E 23 28.96 -11.41 28.95
C THR E 23 30.07 -12.25 28.34
N PHE E 24 31.32 -11.89 28.64
CA PHE E 24 32.48 -12.62 28.19
C PHE E 24 32.84 -13.69 29.21
N TRP E 25 33.12 -14.90 28.73
CA TRP E 25 33.76 -15.93 29.53
C TRP E 25 35.26 -15.92 29.21
N VAL E 26 36.07 -15.55 30.19
CA VAL E 26 37.49 -15.32 29.98
C VAL E 26 38.27 -16.16 30.98
N GLY E 27 39.57 -16.32 30.69
CA GLY E 27 40.43 -17.07 31.59
C GLY E 27 40.82 -16.29 32.83
N ASN E 28 40.92 -14.97 32.70
CA ASN E 28 41.34 -14.09 33.80
C ASN E 28 40.46 -12.84 33.74
N ALA E 29 39.37 -12.86 34.48
CA ALA E 29 38.42 -11.74 34.43
C ALA E 29 39.07 -10.45 34.91
N LYS E 30 39.92 -10.53 35.93
CA LYS E 30 40.60 -9.36 36.46
C LYS E 30 41.34 -8.62 35.35
N GLN E 31 42.23 -9.31 34.65
CA GLN E 31 42.98 -8.71 33.56
C GLN E 31 42.13 -8.52 32.30
N ALA E 32 41.01 -9.24 32.19
CA ALA E 32 40.11 -9.04 31.06
C ALA E 32 39.34 -7.73 31.19
N ALA E 33 38.87 -7.41 32.40
CA ALA E 33 38.17 -6.14 32.58
C ALA E 33 39.14 -4.97 32.54
N SER E 34 40.34 -5.15 33.08
CA SER E 34 41.37 -4.11 33.01
C SER E 34 41.71 -3.77 31.56
N PHE E 35 41.79 -4.78 30.70
CA PHE E 35 42.13 -4.55 29.30
C PHE E 35 41.06 -3.70 28.60
N TYR E 36 39.78 -3.95 28.90
CA TYR E 36 38.73 -3.17 28.26
C TYR E 36 38.56 -1.80 28.90
N CYS E 37 38.86 -1.68 30.19
CA CYS E 37 38.82 -0.36 30.82
C CYS E 37 39.96 0.52 30.34
N SER E 38 41.15 -0.07 30.17
CA SER E 38 42.33 0.69 29.80
C SER E 38 42.28 1.10 28.33
N LYS E 39 42.19 0.13 27.43
CA LYS E 39 42.37 0.36 26.00
C LYS E 39 41.06 0.41 25.23
N MET E 40 39.91 0.49 25.92
CA MET E 40 38.63 0.51 25.22
C MET E 40 37.60 1.47 25.83
N GLY E 41 37.95 2.23 26.86
CA GLY E 41 37.09 3.28 27.36
C GLY E 41 36.05 2.87 28.38
N PHE E 42 36.13 1.67 28.92
CA PHE E 42 35.15 1.22 29.90
C PHE E 42 35.60 1.56 31.32
N GLU E 43 34.64 1.52 32.24
CA GLU E 43 34.85 1.88 33.64
C GLU E 43 34.06 0.91 34.52
N PRO E 44 34.54 0.61 35.71
CA PRO E 44 33.91 -0.43 36.54
C PRO E 44 32.52 -0.03 37.01
N LEU E 45 31.67 -1.03 37.21
CA LEU E 45 30.29 -0.79 37.63
C LEU E 45 29.91 -1.67 38.82
N ALA E 46 30.06 -2.99 38.68
CA ALA E 46 29.60 -3.91 39.72
C ALA E 46 30.53 -5.11 39.77
N TYR E 47 30.29 -5.99 40.75
CA TYR E 47 31.24 -7.06 41.02
C TYR E 47 30.55 -8.21 41.76
N ARG E 48 30.86 -9.43 41.33
CA ARG E 48 30.47 -10.66 42.03
C ARG E 48 31.73 -11.49 42.24
N GLY E 49 32.11 -11.68 43.50
CA GLY E 49 33.30 -12.46 43.80
C GLY E 49 33.25 -13.12 45.16
N LEU E 50 34.38 -13.72 45.57
CA LEU E 50 34.48 -14.31 46.90
C LEU E 50 34.13 -13.30 47.98
N GLU E 51 34.37 -12.02 47.71
CA GLU E 51 34.14 -10.96 48.69
C GLU E 51 32.67 -10.66 48.88
N THR E 52 31.82 -11.07 47.93
CA THR E 52 30.39 -10.78 47.97
C THR E 52 29.54 -11.99 48.34
N GLY E 53 30.16 -13.13 48.61
CA GLY E 53 29.45 -14.37 48.82
C GLY E 53 29.38 -15.26 47.59
N SER E 54 29.83 -14.77 46.44
CA SER E 54 29.90 -15.57 45.22
C SER E 54 31.19 -16.38 45.26
N ARG E 55 31.08 -17.65 45.65
CA ARG E 55 32.27 -18.48 45.82
C ARG E 55 32.62 -19.30 44.59
N GLU E 56 31.77 -19.30 43.55
CA GLU E 56 31.94 -20.18 42.41
C GLU E 56 32.43 -19.45 41.16
N VAL E 57 31.82 -18.33 40.79
CA VAL E 57 32.23 -17.60 39.59
C VAL E 57 32.47 -16.13 39.94
N VAL E 58 33.33 -15.49 39.16
CA VAL E 58 33.58 -14.05 39.25
C VAL E 58 32.82 -13.36 38.13
N SER E 59 32.49 -12.10 38.36
CA SER E 59 31.89 -11.27 37.33
C SER E 59 32.27 -9.82 37.60
N HIS E 60 33.16 -9.28 36.78
CA HIS E 60 33.44 -7.85 36.77
C HIS E 60 32.52 -7.20 35.74
N VAL E 61 31.78 -6.18 36.17
CA VAL E 61 30.84 -5.47 35.30
C VAL E 61 31.44 -4.11 34.99
N ILE E 62 31.62 -3.82 33.71
CA ILE E 62 32.17 -2.55 33.25
C ILE E 62 31.14 -1.89 32.33
N LYS E 63 31.32 -0.60 32.09
CA LYS E 63 30.29 0.17 31.40
C LYS E 63 30.91 1.34 30.64
N GLN E 64 30.37 1.59 29.46
CA GLN E 64 30.62 2.83 28.73
C GLN E 64 29.35 3.18 27.98
N GLY E 65 28.87 4.41 28.15
CA GLY E 65 27.57 4.74 27.61
C GLY E 65 26.52 3.84 28.22
N LYS E 66 25.68 3.25 27.37
CA LYS E 66 24.76 2.21 27.79
C LYS E 66 25.36 0.81 27.70
N ILE E 67 26.52 0.67 27.03
CA ILE E 67 27.16 -0.63 26.87
C ILE E 67 27.54 -1.20 28.23
N VAL E 68 27.30 -2.49 28.40
CA VAL E 68 27.68 -3.20 29.62
C VAL E 68 28.38 -4.50 29.22
N PHE E 69 29.64 -4.65 29.63
CA PHE E 69 30.38 -5.89 29.47
C PHE E 69 30.53 -6.57 30.82
N VAL E 70 30.54 -7.90 30.80
CA VAL E 70 30.70 -8.71 32.02
C VAL E 70 31.78 -9.74 31.77
N LEU E 71 32.88 -9.64 32.50
CA LEU E 71 34.02 -10.55 32.38
C LEU E 71 33.96 -11.57 33.51
N SER E 72 33.79 -12.85 33.15
CA SER E 72 33.55 -13.90 34.12
C SER E 72 34.61 -14.99 34.05
N SER E 73 34.82 -15.64 35.20
CA SER E 73 35.74 -16.76 35.32
C SER E 73 35.27 -17.67 36.45
N ALA E 74 35.80 -18.88 36.46
CA ALA E 74 35.53 -19.82 37.54
C ALA E 74 36.59 -19.65 38.62
N LEU E 75 36.14 -19.53 39.87
CA LEU E 75 37.09 -19.41 40.98
C LEU E 75 37.62 -20.78 41.38
N ASN E 76 36.74 -21.76 41.50
CA ASN E 76 37.11 -23.10 41.90
C ASN E 76 37.67 -23.89 40.72
N PRO E 77 38.38 -24.97 40.98
CA PRO E 77 38.79 -25.87 39.90
C PRO E 77 37.69 -26.88 39.57
N TRP E 78 37.94 -27.65 38.51
CA TRP E 78 37.03 -28.70 38.03
C TRP E 78 35.69 -28.12 37.60
N ASN E 79 35.68 -26.89 37.09
CA ASN E 79 34.45 -26.34 36.54
C ASN E 79 34.34 -26.85 35.11
N LYS E 80 33.46 -27.82 34.89
CA LYS E 80 33.34 -28.41 33.56
C LYS E 80 32.69 -27.45 32.57
N GLU E 81 31.65 -26.75 33.01
CA GLU E 81 30.93 -25.84 32.11
C GLU E 81 31.85 -24.74 31.60
N MET E 82 32.41 -23.94 32.52
CA MET E 82 33.28 -22.84 32.12
C MET E 82 34.63 -23.34 31.61
N GLY E 83 35.09 -24.48 32.12
CA GLY E 83 36.39 -24.98 31.71
C GLY E 83 36.41 -25.46 30.26
N ASP E 84 35.42 -26.27 29.88
CA ASP E 84 35.39 -26.76 28.51
C ASP E 84 35.15 -25.63 27.53
N HIS E 85 34.33 -24.65 27.93
CA HIS E 85 34.11 -23.48 27.08
C HIS E 85 35.42 -22.71 26.85
N LEU E 86 36.32 -22.73 27.84
CA LEU E 86 37.57 -22.01 27.73
C LEU E 86 38.56 -22.70 26.80
N VAL E 87 38.69 -24.03 26.90
CA VAL E 87 39.60 -24.75 26.03
C VAL E 87 39.02 -24.88 24.63
N LYS E 88 37.68 -24.86 24.51
CA LYS E 88 37.04 -24.93 23.20
C LYS E 88 37.21 -23.61 22.44
N HIS E 89 36.82 -22.50 23.06
CA HIS E 89 36.80 -21.21 22.39
C HIS E 89 38.02 -20.36 22.72
N GLY E 90 38.38 -20.28 23.99
CA GLY E 90 39.25 -19.23 24.48
C GLY E 90 38.43 -18.15 25.16
N ASP E 91 39.04 -16.98 25.28
CA ASP E 91 38.32 -15.82 25.77
C ASP E 91 37.33 -15.35 24.70
N GLY E 92 36.04 -15.35 25.04
CA GLY E 92 35.06 -15.01 24.04
C GLY E 92 33.72 -14.68 24.66
N VAL E 93 32.77 -14.36 23.79
CA VAL E 93 31.43 -13.98 24.21
C VAL E 93 30.63 -15.24 24.54
N LYS E 94 30.07 -15.29 25.76
CA LYS E 94 29.25 -16.41 26.20
C LYS E 94 27.75 -16.12 26.08
N ASP E 95 27.30 -14.94 26.49
CA ASP E 95 25.88 -14.64 26.53
C ASP E 95 25.63 -13.23 26.03
N ILE E 96 24.53 -13.05 25.30
CA ILE E 96 24.04 -11.74 24.89
C ILE E 96 22.69 -11.53 25.56
N ALA E 97 22.57 -10.45 26.34
CA ALA E 97 21.40 -10.21 27.17
C ALA E 97 20.50 -9.14 26.55
N PHE E 98 19.19 -9.41 26.58
CA PHE E 98 18.19 -8.45 26.14
C PHE E 98 17.36 -8.01 27.33
N GLU E 99 17.01 -6.72 27.36
CA GLU E 99 16.01 -6.25 28.31
C GLU E 99 14.64 -6.37 27.65
N VAL E 100 13.72 -7.06 28.33
CA VAL E 100 12.44 -7.40 27.74
C VAL E 100 11.32 -6.88 28.64
N GLU E 101 10.13 -6.77 28.04
CA GLU E 101 8.88 -6.60 28.76
C GLU E 101 8.10 -7.89 28.63
N ASP E 102 7.55 -8.37 29.75
CA ASP E 102 6.83 -9.63 29.80
C ASP E 102 7.77 -10.78 29.49
N CYS E 103 8.57 -11.19 30.47
CA CYS E 103 9.56 -12.25 30.24
C CYS E 103 8.93 -13.63 30.17
N ASP E 104 7.82 -13.85 30.90
CA ASP E 104 7.22 -15.18 30.95
C ASP E 104 6.60 -15.56 29.62
N TYR E 105 6.02 -14.60 28.91
CA TYR E 105 5.37 -14.90 27.63
C TYR E 105 6.40 -15.16 26.54
N ILE E 106 7.52 -14.42 26.53
CA ILE E 106 8.56 -14.68 25.56
C ILE E 106 9.08 -16.11 25.68
N VAL E 107 9.36 -16.54 26.92
CA VAL E 107 9.83 -17.89 27.15
C VAL E 107 8.76 -18.90 26.79
N GLN E 108 7.50 -18.57 27.04
CA GLN E 108 6.42 -19.49 26.71
C GLN E 108 6.27 -19.65 25.20
N LYS E 109 6.26 -18.54 24.47
CA LYS E 109 6.14 -18.62 23.02
C LYS E 109 7.35 -19.30 22.40
N ALA E 110 8.54 -19.05 22.95
CA ALA E 110 9.74 -19.69 22.42
C ALA E 110 9.76 -21.19 22.73
N ARG E 111 9.29 -21.58 23.92
CA ARG E 111 9.24 -23.00 24.23
C ARG E 111 8.28 -23.73 23.28
N GLU E 112 7.10 -23.15 23.06
CA GLU E 112 6.14 -23.72 22.11
C GLU E 112 6.79 -23.94 20.75
N ARG E 113 7.47 -22.92 20.25
CA ARG E 113 8.11 -22.99 18.94
C ARG E 113 9.31 -23.94 18.91
N GLY E 114 9.77 -24.41 20.07
CA GLY E 114 10.85 -25.36 20.13
C GLY E 114 12.18 -24.84 20.61
N ALA E 115 12.26 -23.62 21.12
CA ALA E 115 13.50 -23.12 21.68
C ALA E 115 13.86 -23.91 22.93
N LYS E 116 15.14 -24.26 23.06
CA LYS E 116 15.61 -25.01 24.22
C LYS E 116 15.76 -24.05 25.38
N ILE E 117 14.86 -24.16 26.35
CA ILE E 117 14.91 -23.33 27.55
C ILE E 117 16.02 -23.85 28.45
N MET E 118 17.01 -23.01 28.73
CA MET E 118 18.13 -23.47 29.54
C MET E 118 17.92 -23.23 31.03
N ARG E 119 17.35 -22.09 31.40
CA ARG E 119 16.98 -21.83 32.79
C ARG E 119 15.66 -21.10 32.81
N GLU E 120 14.64 -21.74 33.40
CA GLU E 120 13.30 -21.18 33.48
C GLU E 120 13.33 -19.86 34.27
N PRO E 121 12.32 -19.01 34.07
CA PRO E 121 12.35 -17.69 34.73
C PRO E 121 12.54 -17.77 36.24
N TRP E 122 13.29 -16.80 36.77
CA TRP E 122 13.54 -16.71 38.19
C TRP E 122 13.64 -15.23 38.57
N VAL E 123 13.50 -14.95 39.86
CA VAL E 123 13.45 -13.59 40.38
C VAL E 123 14.55 -13.42 41.41
N GLU E 124 15.59 -12.69 41.05
CA GLU E 124 16.59 -12.24 41.99
C GLU E 124 16.21 -10.86 42.50
N GLN E 125 16.53 -10.60 43.77
CA GLN E 125 15.99 -9.42 44.44
C GLN E 125 16.95 -8.94 45.52
N ASP E 126 17.36 -7.67 45.41
CA ASP E 126 18.01 -6.96 46.51
C ASP E 126 17.10 -5.81 46.93
N LYS E 127 17.62 -4.94 47.82
CA LYS E 127 16.80 -3.86 48.34
C LYS E 127 16.30 -2.92 47.26
N PHE E 128 17.00 -2.84 46.13
CA PHE E 128 16.61 -1.92 45.07
C PHE E 128 15.50 -2.45 44.18
N GLY E 129 15.14 -3.72 44.29
CA GLY E 129 14.02 -4.26 43.55
C GLY E 129 14.27 -5.71 43.18
N LYS E 130 13.49 -6.17 42.20
CA LYS E 130 13.54 -7.54 41.73
C LYS E 130 13.59 -7.57 40.21
N VAL E 131 14.41 -8.46 39.67
CA VAL E 131 14.58 -8.62 38.23
C VAL E 131 14.24 -10.05 37.85
N LYS E 132 13.61 -10.22 36.69
CA LYS E 132 13.24 -11.53 36.18
C LYS E 132 14.14 -11.88 35.01
N PHE E 133 14.88 -12.98 35.14
CA PHE E 133 15.74 -13.49 34.08
C PHE E 133 15.17 -14.78 33.50
N ALA E 134 15.77 -15.20 32.39
CA ALA E 134 15.48 -16.44 31.70
C ALA E 134 16.47 -16.62 30.57
N VAL E 135 16.97 -17.84 30.40
CA VAL E 135 18.11 -18.12 29.54
C VAL E 135 17.64 -19.03 28.41
N LEU E 136 17.79 -18.55 27.18
CA LEU E 136 17.63 -19.33 25.96
C LEU E 136 19.00 -19.63 25.37
N GLN E 137 19.11 -20.81 24.74
CA GLN E 137 20.31 -21.16 24.00
C GLN E 137 20.15 -20.76 22.54
N THR E 138 21.25 -20.33 21.92
CA THR E 138 21.23 -20.02 20.49
C THR E 138 22.35 -20.78 19.79
N TYR E 139 22.93 -20.17 18.75
CA TYR E 139 23.92 -20.87 17.95
C TYR E 139 25.17 -21.17 18.79
N GLY E 140 25.85 -22.26 18.42
CA GLY E 140 27.04 -22.67 19.13
C GLY E 140 26.73 -22.91 20.59
N ASP E 141 27.53 -22.31 21.46
CA ASP E 141 27.28 -22.30 22.89
C ASP E 141 26.69 -20.98 23.37
N THR E 142 26.42 -20.04 22.47
CA THR E 142 25.92 -18.72 22.85
C THR E 142 24.49 -18.82 23.38
N THR E 143 24.27 -18.29 24.58
CA THR E 143 22.95 -18.21 25.15
C THR E 143 22.41 -16.79 25.04
N HIS E 144 21.16 -16.61 25.43
CA HIS E 144 20.52 -15.31 25.53
C HIS E 144 19.84 -15.19 26.89
N THR E 145 20.30 -14.25 27.70
CA THR E 145 19.64 -13.96 28.97
C THR E 145 18.61 -12.87 28.74
N LEU E 146 17.37 -13.15 29.13
CA LEU E 146 16.31 -12.16 29.08
C LEU E 146 16.23 -11.46 30.43
N VAL E 147 16.09 -10.14 30.41
CA VAL E 147 16.09 -9.33 31.62
C VAL E 147 14.86 -8.43 31.61
N GLU E 148 14.09 -8.47 32.70
CA GLU E 148 12.97 -7.55 32.90
C GLU E 148 13.04 -7.02 34.32
N LYS E 149 13.16 -5.69 34.43
CA LYS E 149 13.31 -5.03 35.73
C LYS E 149 11.94 -4.66 36.25
N MET E 150 11.32 -5.59 36.98
CA MET E 150 10.03 -5.34 37.60
C MET E 150 10.26 -4.62 38.92
N ASN E 151 10.23 -3.29 38.87
CA ASN E 151 10.40 -2.42 40.04
C ASN E 151 11.80 -2.55 40.64
N TYR E 152 12.82 -2.56 39.77
CA TYR E 152 14.21 -2.52 40.19
C TYR E 152 14.84 -1.22 39.72
N ILE E 153 15.45 -0.49 40.66
CA ILE E 153 16.00 0.83 40.36
C ILE E 153 17.46 0.92 40.80
N GLY E 154 18.15 -0.21 40.82
CA GLY E 154 19.54 -0.25 41.21
C GLY E 154 20.47 0.27 40.11
N GLN E 155 21.78 0.10 40.36
CA GLN E 155 22.79 0.54 39.40
C GLN E 155 23.06 -0.49 38.31
N PHE E 156 22.78 -1.77 38.57
CA PHE E 156 23.01 -2.81 37.57
C PHE E 156 21.98 -3.93 37.71
N LEU E 157 22.24 -4.86 38.64
CA LEU E 157 21.34 -5.97 38.89
C LEU E 157 21.44 -6.32 40.37
N PRO E 158 20.40 -6.93 40.94
CA PRO E 158 20.46 -7.29 42.35
C PRO E 158 21.55 -8.31 42.63
N GLY E 159 22.28 -8.10 43.72
CA GLY E 159 23.39 -8.96 44.07
C GLY E 159 24.66 -8.65 43.30
N TYR E 160 25.04 -7.37 43.29
CA TYR E 160 26.24 -6.92 42.59
C TYR E 160 26.80 -5.73 43.37
N GLU E 161 27.82 -5.99 44.18
CA GLU E 161 28.36 -4.98 45.07
C GLU E 161 29.19 -3.98 44.29
N ALA E 162 29.91 -3.11 45.02
CA ALA E 162 30.73 -2.10 44.40
C ALA E 162 31.98 -2.75 43.80
N PRO E 163 32.50 -2.20 42.71
CA PRO E 163 33.70 -2.78 42.06
C PRO E 163 34.82 -3.03 43.06
N ALA E 164 35.55 -4.12 42.82
CA ALA E 164 36.57 -4.58 43.75
C ALA E 164 37.71 -3.58 43.93
N PHE E 165 37.92 -2.69 42.96
CA PHE E 165 39.05 -1.77 43.00
C PHE E 165 38.84 -0.69 41.94
N MET E 166 39.20 0.54 42.28
CA MET E 166 39.05 1.69 41.39
C MET E 166 40.44 2.11 40.92
N ASP E 167 40.70 1.94 39.62
CA ASP E 167 42.03 2.22 39.07
C ASP E 167 42.26 3.73 38.99
N PRO E 168 43.36 4.24 39.57
CA PRO E 168 43.64 5.68 39.44
C PRO E 168 43.87 6.14 38.00
N LEU E 169 44.29 5.23 37.11
CA LEU E 169 44.64 5.63 35.74
C LEU E 169 43.40 5.86 34.87
N LEU E 170 42.30 5.14 35.13
CA LEU E 170 41.15 5.22 34.24
C LEU E 170 40.60 6.63 34.07
N PRO E 171 40.38 7.42 35.13
CA PRO E 171 39.94 8.81 34.91
C PRO E 171 41.02 9.73 34.34
N LYS E 172 42.26 9.26 34.21
CA LYS E 172 43.34 10.08 33.66
C LYS E 172 43.42 10.00 32.14
N LEU E 173 42.74 9.05 31.52
CA LEU E 173 42.75 8.82 30.09
C LEU E 173 41.56 9.51 29.43
N PRO E 174 41.63 9.78 28.12
CA PRO E 174 40.52 10.47 27.46
C PRO E 174 39.33 9.55 27.18
N LYS E 175 38.12 10.09 27.35
CA LYS E 175 36.91 9.32 27.15
C LYS E 175 36.69 9.03 25.67
N CYS E 176 36.16 7.84 25.38
CA CYS E 176 36.03 7.37 24.00
C CYS E 176 34.62 7.52 23.44
N SER E 177 33.64 7.89 24.26
CA SER E 177 32.31 8.33 23.79
C SER E 177 31.63 7.28 22.92
N LEU E 178 31.74 6.02 23.33
CA LEU E 178 31.00 4.96 22.69
C LEU E 178 29.63 4.84 23.36
N GLU E 179 28.58 4.89 22.54
CA GLU E 179 27.22 5.09 23.05
C GLU E 179 26.54 3.78 23.43
N MET E 180 26.44 2.84 22.49
CA MET E 180 25.60 1.66 22.68
C MET E 180 26.01 0.59 21.70
N ILE E 181 25.59 -0.65 21.97
CA ILE E 181 25.77 -1.72 21.00
C ILE E 181 24.91 -1.42 19.78
N ASP E 182 25.54 -1.42 18.61
CA ASP E 182 24.81 -1.22 17.36
C ASP E 182 24.35 -2.54 16.76
N HIS E 183 25.26 -3.51 16.68
CA HIS E 183 24.92 -4.86 16.25
C HIS E 183 25.96 -5.83 16.79
N ILE E 184 25.63 -7.12 16.74
CA ILE E 184 26.50 -8.20 17.18
C ILE E 184 26.36 -9.36 16.20
N VAL E 185 27.47 -9.79 15.60
CA VAL E 185 27.47 -10.76 14.51
C VAL E 185 27.92 -12.10 15.03
N GLY E 186 27.13 -13.13 14.76
CA GLY E 186 27.47 -14.49 15.12
C GLY E 186 27.78 -15.27 13.85
N ASN E 187 28.99 -15.84 13.80
CA ASN E 187 29.41 -16.63 12.66
C ASN E 187 28.91 -18.06 12.81
N GLN E 188 28.59 -18.68 11.67
CA GLN E 188 28.11 -20.04 11.63
C GLN E 188 29.01 -20.88 10.72
N PRO E 189 29.10 -22.18 10.94
CA PRO E 189 29.71 -23.07 9.94
C PRO E 189 28.87 -23.10 8.68
N ASP E 190 29.46 -23.65 7.62
CA ASP E 190 28.83 -23.56 6.31
C ASP E 190 27.52 -24.34 6.27
N GLN E 191 26.51 -23.75 5.61
CA GLN E 191 25.16 -24.26 5.49
C GLN E 191 24.34 -24.14 6.78
N GLU E 192 24.73 -23.25 7.69
CA GLU E 192 24.02 -23.08 8.95
C GLU E 192 23.55 -21.65 9.19
N MET E 193 23.70 -20.75 8.22
CA MET E 193 23.22 -19.39 8.38
C MET E 193 21.70 -19.34 8.53
N VAL E 194 20.99 -20.12 7.72
CA VAL E 194 19.54 -20.07 7.72
C VAL E 194 18.99 -20.57 9.04
N SER E 195 19.52 -21.69 9.52
CA SER E 195 19.06 -22.24 10.80
C SER E 195 19.24 -21.23 11.93
N ALA E 196 20.43 -20.65 12.04
CA ALA E 196 20.67 -19.67 13.09
C ALA E 196 19.73 -18.48 12.96
N SER E 197 19.44 -18.05 11.73
CA SER E 197 18.54 -16.94 11.53
C SER E 197 17.10 -17.34 11.80
N GLU E 198 16.71 -18.54 11.36
CA GLU E 198 15.35 -19.01 11.60
C GLU E 198 15.06 -19.21 13.07
N TRP E 199 16.10 -19.43 13.88
CA TRP E 199 15.92 -19.53 15.32
C TRP E 199 15.26 -18.27 15.88
N TYR E 200 15.67 -17.10 15.38
CA TYR E 200 15.15 -15.85 15.92
C TYR E 200 13.78 -15.50 15.36
N LEU E 201 13.55 -15.80 14.08
CA LEU E 201 12.24 -15.55 13.48
C LEU E 201 11.16 -16.42 14.12
N LYS E 202 11.42 -17.72 14.21
CA LYS E 202 10.42 -18.68 14.68
C LYS E 202 10.22 -18.60 16.19
N ASN E 203 11.29 -18.49 16.97
CA ASN E 203 11.19 -18.56 18.42
C ASN E 203 10.92 -17.20 19.06
N LEU E 204 11.55 -16.13 18.55
CA LEU E 204 11.48 -14.82 19.19
C LEU E 204 10.65 -13.81 18.41
N GLN E 205 10.03 -14.22 17.31
CA GLN E 205 9.17 -13.35 16.49
C GLN E 205 9.97 -12.14 15.99
N PHE E 206 11.16 -12.40 15.49
CA PHE E 206 11.95 -11.39 14.82
C PHE E 206 11.61 -11.39 13.33
N HIS E 207 12.13 -10.40 12.62
CA HIS E 207 12.01 -10.35 11.17
C HIS E 207 13.38 -10.07 10.57
N ARG E 208 13.52 -10.44 9.30
CA ARG E 208 14.76 -10.15 8.58
C ARG E 208 14.86 -8.64 8.35
N PHE E 209 16.02 -8.08 8.69
CA PHE E 209 16.29 -6.66 8.50
C PHE E 209 17.00 -6.46 7.17
N TRP E 210 16.39 -5.67 6.28
CA TRP E 210 16.91 -5.44 4.94
C TRP E 210 17.65 -4.11 4.88
N SER E 211 18.82 -4.12 4.24
CA SER E 211 19.63 -2.93 4.07
C SER E 211 20.13 -2.87 2.62
N VAL E 212 21.10 -1.98 2.38
CA VAL E 212 21.62 -1.81 1.04
C VAL E 212 22.51 -2.99 0.65
N ASP E 213 23.15 -3.63 1.64
CA ASP E 213 24.05 -4.74 1.36
C ASP E 213 23.31 -5.98 0.88
N ASP E 214 22.01 -6.08 1.16
CA ASP E 214 21.22 -7.19 0.64
C ASP E 214 21.07 -7.13 -0.87
N THR E 215 21.18 -5.95 -1.47
CA THR E 215 21.10 -5.76 -2.91
C THR E 215 22.47 -5.45 -3.51
N GLN E 216 23.53 -5.88 -2.85
CA GLN E 216 24.90 -5.64 -3.29
C GLN E 216 25.65 -6.97 -3.30
N VAL E 217 25.85 -7.53 -4.50
CA VAL E 217 26.61 -8.76 -4.65
C VAL E 217 28.04 -8.51 -4.19
N HIS E 218 28.43 -9.13 -3.08
CA HIS E 218 29.74 -8.94 -2.50
C HIS E 218 30.45 -10.26 -2.20
N THR E 219 29.90 -11.38 -2.67
CA THR E 219 30.35 -12.69 -2.18
C THR E 219 31.77 -13.00 -2.60
N GLU E 220 32.20 -12.53 -3.77
CA GLU E 220 33.56 -12.85 -4.20
C GLU E 220 34.60 -12.04 -3.45
N TYR E 221 34.22 -10.90 -2.87
CA TYR E 221 35.12 -10.11 -2.05
C TYR E 221 34.95 -10.36 -0.56
N SER E 222 33.73 -10.67 -0.12
CA SER E 222 33.46 -10.90 1.29
C SER E 222 33.70 -12.33 1.71
N SER E 223 33.46 -13.30 0.82
CA SER E 223 33.54 -14.72 1.14
C SER E 223 32.59 -15.09 2.27
N LEU E 224 31.37 -14.55 2.20
CA LEU E 224 30.39 -14.79 3.25
C LEU E 224 29.00 -14.41 2.75
N ARG E 225 27.99 -14.99 3.38
CA ARG E 225 26.60 -14.57 3.23
C ARG E 225 26.10 -14.05 4.57
N SER E 226 25.07 -13.22 4.52
CA SER E 226 24.55 -12.59 5.72
C SER E 226 23.03 -12.48 5.65
N ILE E 227 22.37 -12.94 6.70
CA ILE E 227 20.96 -12.67 6.95
C ILE E 227 20.87 -11.96 8.29
N VAL E 228 20.45 -10.70 8.26
CA VAL E 228 20.41 -9.86 9.46
C VAL E 228 19.04 -10.00 10.11
N VAL E 229 19.03 -10.30 11.40
CA VAL E 229 17.81 -10.49 12.17
C VAL E 229 17.65 -9.33 13.13
N ALA E 230 16.40 -8.85 13.26
CA ALA E 230 16.09 -7.73 14.15
C ALA E 230 14.72 -7.92 14.74
N ASN E 231 14.55 -7.48 15.98
CA ASN E 231 13.24 -7.47 16.61
C ASN E 231 12.34 -6.44 15.92
N TYR E 232 11.06 -6.45 16.28
CA TYR E 232 10.09 -5.61 15.57
C TYR E 232 10.49 -4.14 15.61
N GLU E 233 10.72 -3.60 16.81
CA GLU E 233 11.11 -2.20 16.93
C GLU E 233 12.48 -1.93 16.32
N GLU E 234 13.24 -2.97 15.99
CA GLU E 234 14.52 -2.85 15.28
C GLU E 234 15.54 -2.04 16.08
N SER E 235 15.51 -2.20 17.40
CA SER E 235 16.58 -1.70 18.24
C SER E 235 17.69 -2.72 18.45
N ILE E 236 17.43 -3.98 18.15
CA ILE E 236 18.38 -5.08 18.32
C ILE E 236 18.73 -5.60 16.93
N LYS E 237 19.99 -5.45 16.54
CA LYS E 237 20.47 -5.88 15.23
C LYS E 237 21.43 -7.05 15.41
N MET E 238 21.20 -8.13 14.66
CA MET E 238 21.91 -9.39 14.85
C MET E 238 22.21 -10.05 13.51
N PRO E 239 23.30 -9.65 12.86
CA PRO E 239 23.67 -10.28 11.58
C PRO E 239 24.19 -11.70 11.80
N ILE E 240 23.86 -12.57 10.86
CA ILE E 240 24.23 -13.99 10.92
C ILE E 240 25.03 -14.31 9.65
N ASN E 241 26.31 -14.61 9.84
CA ASN E 241 27.22 -14.88 8.72
C ASN E 241 27.55 -16.36 8.64
N GLU E 242 27.74 -16.84 7.43
CA GLU E 242 28.18 -18.20 7.15
C GLU E 242 29.30 -18.14 6.10
N PRO E 243 30.13 -19.18 6.03
CA PRO E 243 31.21 -19.18 5.03
C PRO E 243 30.67 -19.38 3.62
N ALA E 244 31.12 -18.54 2.70
CA ALA E 244 30.84 -18.68 1.28
C ALA E 244 32.14 -18.59 0.51
N PRO E 245 32.22 -19.23 -0.65
CA PRO E 245 33.46 -19.16 -1.42
C PRO E 245 33.63 -17.80 -2.08
N GLY E 246 34.89 -17.44 -2.33
CA GLY E 246 35.19 -16.17 -2.94
C GLY E 246 36.60 -16.17 -3.50
N LYS E 247 37.09 -14.96 -3.79
CA LYS E 247 38.44 -14.80 -4.33
C LYS E 247 39.50 -15.22 -3.32
N LYS E 248 39.21 -15.08 -2.04
CA LYS E 248 40.14 -15.46 -0.98
C LYS E 248 39.46 -16.43 -0.03
N LYS E 249 40.28 -17.07 0.81
CA LYS E 249 39.77 -18.01 1.80
C LYS E 249 38.90 -17.26 2.81
N SER E 250 37.83 -17.94 3.25
CA SER E 250 36.81 -17.26 4.04
C SER E 250 37.32 -16.95 5.44
N GLN E 251 37.13 -15.70 5.86
CA GLN E 251 37.41 -15.33 7.24
C GLN E 251 36.35 -15.89 8.18
N ILE E 252 35.14 -16.10 7.68
CA ILE E 252 34.10 -16.76 8.48
C ILE E 252 34.49 -18.20 8.76
N GLN E 253 35.00 -18.89 7.75
CA GLN E 253 35.48 -20.25 7.93
C GLN E 253 36.63 -20.31 8.93
N GLU E 254 37.59 -19.41 8.78
CA GLU E 254 38.72 -19.38 9.71
C GLU E 254 38.25 -19.15 11.14
N TYR E 255 37.25 -18.29 11.33
CA TYR E 255 36.68 -18.06 12.64
C TYR E 255 36.22 -19.37 13.27
N VAL E 256 35.25 -20.04 12.63
CA VAL E 256 34.65 -21.26 13.17
C VAL E 256 35.73 -22.30 13.48
N ASP E 257 36.78 -22.36 12.66
CA ASP E 257 37.86 -23.30 12.89
C ASP E 257 38.59 -22.98 14.21
N TYR E 258 38.93 -21.71 14.43
CA TYR E 258 39.63 -21.33 15.65
C TYR E 258 38.70 -21.13 16.84
N ASN E 259 37.39 -20.94 16.60
CA ASN E 259 36.42 -20.94 17.69
C ASN E 259 35.91 -22.34 18.01
N GLY E 260 36.11 -23.30 17.11
CA GLY E 260 35.60 -24.64 17.35
C GLY E 260 34.10 -24.74 17.22
N GLY E 261 33.50 -24.00 16.30
CA GLY E 261 32.06 -23.99 16.10
C GLY E 261 31.52 -22.59 16.06
N ALA E 262 30.21 -22.49 16.17
CA ALA E 262 29.54 -21.20 16.03
C ALA E 262 29.80 -20.32 17.24
N GLY E 263 29.83 -19.01 17.00
CA GLY E 263 30.03 -18.04 18.06
C GLY E 263 30.02 -16.64 17.51
N VAL E 264 29.96 -15.68 18.42
CA VAL E 264 29.93 -14.27 18.05
C VAL E 264 31.24 -13.88 17.39
N GLN E 265 31.15 -13.23 16.23
CA GLN E 265 32.35 -12.81 15.51
C GLN E 265 32.87 -11.45 15.95
N HIS E 266 31.98 -10.45 16.03
CA HIS E 266 32.42 -9.12 16.45
C HIS E 266 31.26 -8.36 17.08
N ILE E 267 31.62 -7.35 17.87
CA ILE E 267 30.68 -6.46 18.54
C ILE E 267 30.90 -5.06 17.98
N ALA E 268 29.82 -4.39 17.59
CA ALA E 268 29.88 -3.06 17.02
C ALA E 268 29.31 -2.06 18.01
N LEU E 269 30.09 -1.04 18.34
CA LEU E 269 29.70 -0.02 19.30
C LEU E 269 29.55 1.32 18.60
N LYS E 270 28.40 1.95 18.80
CA LYS E 270 28.06 3.16 18.07
C LYS E 270 28.67 4.40 18.74
N THR E 271 28.93 5.41 17.92
CA THR E 271 29.41 6.70 18.40
C THR E 271 28.73 7.80 17.60
N GLU E 272 28.99 9.05 17.99
CA GLU E 272 28.48 10.21 17.27
C GLU E 272 29.55 11.26 17.05
N ASP E 273 30.81 10.95 17.34
CA ASP E 273 31.99 11.76 17.08
C ASP E 273 33.13 10.78 16.83
N ILE E 274 33.03 10.05 15.72
CA ILE E 274 33.88 8.88 15.50
C ILE E 274 35.36 9.27 15.44
N ILE E 275 35.67 10.49 15.05
CA ILE E 275 37.07 10.89 14.90
C ILE E 275 37.74 10.94 16.28
N THR E 276 37.21 11.76 17.19
CA THR E 276 37.76 11.84 18.54
C THR E 276 37.62 10.51 19.27
N ALA E 277 36.58 9.74 18.94
CA ALA E 277 36.43 8.41 19.52
C ALA E 277 37.61 7.52 19.17
N ILE E 278 37.92 7.40 17.88
CA ILE E 278 39.04 6.55 17.47
C ILE E 278 40.35 7.19 17.89
N ARG E 279 40.45 8.53 17.85
CA ARG E 279 41.66 9.21 18.28
C ARG E 279 42.03 8.82 19.70
N HIS E 280 41.09 8.99 20.63
CA HIS E 280 41.34 8.64 22.03
C HIS E 280 41.47 7.13 22.23
N LEU E 281 40.89 6.33 21.33
CA LEU E 281 41.11 4.89 21.42
C LEU E 281 42.54 4.52 21.06
N ARG E 282 43.13 5.21 20.09
CA ARG E 282 44.48 4.89 19.65
C ARG E 282 45.50 5.20 20.75
N GLU E 283 45.34 6.37 21.40
CA GLU E 283 46.28 6.75 22.46
C GLU E 283 46.38 5.67 23.52
N ARG E 284 45.23 5.12 23.93
CA ARG E 284 45.20 4.17 25.02
C ARG E 284 45.92 2.88 24.69
N GLY E 285 46.05 2.55 23.40
CA GLY E 285 46.81 1.38 23.01
C GLY E 285 46.02 0.35 22.22
N LEU E 286 44.80 0.69 21.81
CA LEU E 286 44.01 -0.24 21.03
C LEU E 286 44.55 -0.34 19.62
N GLU E 287 44.72 -1.57 19.13
CA GLU E 287 45.24 -1.82 17.79
C GLU E 287 44.09 -2.11 16.82
N PHE E 288 44.04 -1.36 15.73
CA PHE E 288 43.07 -1.55 14.67
C PHE E 288 43.75 -2.18 13.45
N LEU E 289 42.94 -2.50 12.45
CA LEU E 289 43.46 -3.12 11.24
C LEU E 289 44.11 -2.10 10.34
N SER E 290 45.19 -2.50 9.68
CA SER E 290 45.91 -1.60 8.78
C SER E 290 45.11 -1.34 7.52
N VAL E 291 45.14 -0.10 7.06
CA VAL E 291 44.45 0.30 5.83
C VAL E 291 45.46 0.96 4.91
N PRO E 292 45.51 0.58 3.63
CA PRO E 292 46.52 1.15 2.73
C PRO E 292 46.26 2.62 2.46
N SER E 293 47.35 3.36 2.24
CA SER E 293 47.25 4.77 1.88
C SER E 293 46.62 4.96 0.51
N THR E 294 46.49 3.89 -0.28
CA THR E 294 45.80 3.97 -1.56
C THR E 294 44.29 4.01 -1.38
N TYR E 295 43.79 3.48 -0.26
CA TYR E 295 42.36 3.48 0.00
C TYR E 295 41.79 4.90 -0.01
N TYR E 296 42.55 5.85 0.52
CA TYR E 296 42.06 7.22 0.68
C TYR E 296 42.35 8.08 -0.54
N LYS E 297 43.45 7.82 -1.25
CA LYS E 297 43.64 8.42 -2.55
C LYS E 297 42.46 8.13 -3.47
N GLN E 298 41.95 6.89 -3.43
CA GLN E 298 40.82 6.53 -4.26
C GLN E 298 39.50 7.06 -3.71
N LEU E 299 39.31 6.98 -2.38
CA LEU E 299 38.06 7.45 -1.79
C LEU E 299 37.83 8.93 -2.09
N ARG E 300 38.88 9.75 -1.96
CA ARG E 300 38.76 11.16 -2.33
C ARG E 300 38.37 11.32 -3.80
N GLU E 301 38.72 10.35 -4.64
CA GLU E 301 38.30 10.39 -6.04
C GLU E 301 36.83 10.02 -6.18
N LYS E 302 36.36 8.99 -5.47
CA LYS E 302 34.97 8.58 -5.59
C LYS E 302 34.02 9.67 -5.12
N LEU E 303 34.44 10.47 -4.14
CA LEU E 303 33.55 11.42 -3.49
C LEU E 303 33.35 12.70 -4.30
N LYS E 304 34.03 12.85 -5.44
CA LYS E 304 33.64 13.89 -6.39
C LYS E 304 32.43 13.45 -7.19
N THR E 305 32.28 12.14 -7.38
CA THR E 305 31.17 11.58 -8.14
C THR E 305 29.90 11.41 -7.29
N ALA E 306 30.08 11.13 -6.00
CA ALA E 306 28.97 10.68 -5.17
C ALA E 306 27.95 11.81 -4.94
N LYS E 307 26.72 11.40 -4.65
CA LYS E 307 25.61 12.31 -4.44
C LYS E 307 25.41 12.68 -2.97
N ILE E 308 26.36 12.35 -2.10
CA ILE E 308 26.30 12.71 -0.70
C ILE E 308 27.57 13.44 -0.31
N LYS E 309 27.60 13.94 0.92
CA LYS E 309 28.73 14.72 1.43
C LYS E 309 29.15 14.14 2.77
N VAL E 310 30.43 13.79 2.88
CA VAL E 310 31.00 13.28 4.12
C VAL E 310 31.43 14.48 4.95
N LYS E 311 30.66 14.78 6.00
CA LYS E 311 30.90 15.97 6.81
C LYS E 311 32.08 15.82 7.76
N GLU E 312 32.83 14.73 7.69
CA GLU E 312 34.02 14.52 8.49
C GLU E 312 35.25 14.74 7.64
N ASN E 313 36.23 15.44 8.21
CA ASN E 313 37.47 15.71 7.50
C ASN E 313 38.15 14.41 7.11
N ILE E 314 38.41 14.25 5.81
CA ILE E 314 38.98 13.01 5.31
C ILE E 314 40.43 12.85 5.76
N ASP E 315 41.16 13.97 5.92
CA ASP E 315 42.51 13.89 6.45
C ASP E 315 42.52 13.33 7.86
N ALA E 316 41.46 13.59 8.63
CA ALA E 316 41.34 12.97 9.95
C ALA E 316 41.11 11.47 9.83
N LEU E 317 40.29 11.06 8.87
CA LEU E 317 39.97 9.64 8.71
C LEU E 317 41.17 8.86 8.20
N GLU E 318 41.84 9.37 7.16
CA GLU E 318 43.01 8.67 6.62
C GLU E 318 44.09 8.52 7.69
N GLU E 319 44.27 9.54 8.52
CA GLU E 319 45.25 9.45 9.60
C GLU E 319 44.84 8.40 10.63
N LEU E 320 43.54 8.32 10.94
CA LEU E 320 43.03 7.40 11.94
C LEU E 320 42.59 6.05 11.39
N LYS E 321 42.76 5.82 10.08
CA LYS E 321 42.50 4.53 9.45
C LYS E 321 41.02 4.13 9.53
N ILE E 322 40.12 5.13 9.40
CA ILE E 322 38.69 4.88 9.38
C ILE E 322 38.26 4.58 7.95
N LEU E 323 37.29 3.69 7.81
CA LEU E 323 36.72 3.33 6.51
C LEU E 323 35.41 4.08 6.29
N VAL E 324 35.04 4.20 5.02
CA VAL E 324 33.78 4.83 4.63
C VAL E 324 33.04 3.90 3.67
N ASP E 325 31.74 3.78 3.86
CA ASP E 325 30.86 3.08 2.93
C ASP E 325 29.57 3.89 2.81
N TYR E 326 29.05 4.01 1.60
CA TYR E 326 27.94 4.92 1.38
C TYR E 326 27.08 4.43 0.22
N ASP E 327 26.00 5.17 -0.02
CA ASP E 327 25.14 5.00 -1.19
C ASP E 327 24.56 6.37 -1.57
N GLU E 328 23.35 6.38 -2.11
CA GLU E 328 22.78 7.65 -2.54
C GLU E 328 22.21 8.45 -1.36
N LYS E 329 21.70 7.76 -0.34
CA LYS E 329 20.93 8.40 0.71
C LYS E 329 21.76 8.77 1.94
N GLY E 330 23.02 8.32 2.03
CA GLY E 330 23.82 8.64 3.19
C GLY E 330 25.08 7.78 3.22
N TYR E 331 25.81 7.91 4.33
CA TYR E 331 27.07 7.21 4.48
C TYR E 331 27.25 6.76 5.93
N LEU E 332 28.21 5.87 6.12
CA LEU E 332 28.63 5.44 7.46
C LEU E 332 30.15 5.36 7.49
N LEU E 333 30.68 5.35 8.71
CA LEU E 333 32.13 5.23 8.94
C LEU E 333 32.35 4.10 9.92
N GLN E 334 33.27 3.20 9.60
CA GLN E 334 33.52 2.02 10.41
C GLN E 334 35.02 1.74 10.45
N ILE E 335 35.45 1.11 11.54
CA ILE E 335 36.85 0.74 11.75
C ILE E 335 36.88 -0.43 12.71
N PHE E 336 37.76 -1.39 12.43
CA PHE E 336 37.78 -2.67 13.15
C PHE E 336 39.11 -2.85 13.87
N THR E 337 39.05 -3.47 15.05
CA THR E 337 40.24 -3.76 15.83
C THR E 337 40.83 -5.09 15.43
N LYS E 338 42.14 -5.23 15.65
CA LYS E 338 42.77 -6.54 15.60
C LYS E 338 42.10 -7.44 16.65
N PRO E 339 42.06 -8.76 16.44
CA PRO E 339 41.41 -9.65 17.40
C PRO E 339 41.88 -9.40 18.83
N VAL E 340 40.91 -9.31 19.75
CA VAL E 340 41.16 -8.95 21.14
C VAL E 340 41.82 -10.11 21.88
N GLN E 341 42.06 -11.20 21.17
CA GLN E 341 42.84 -12.31 21.69
C GLN E 341 43.83 -12.70 20.59
N ASP E 342 44.58 -13.78 20.81
CA ASP E 342 45.54 -14.22 19.82
C ASP E 342 44.97 -15.19 18.80
N ARG E 343 43.88 -15.89 19.14
CA ARG E 343 43.15 -16.63 18.12
C ARG E 343 42.48 -15.65 17.17
N PRO E 344 42.54 -15.88 15.85
CA PRO E 344 41.83 -15.00 14.92
C PRO E 344 40.31 -15.18 15.01
N THR E 345 39.73 -14.80 16.15
CA THR E 345 38.33 -15.10 16.45
C THR E 345 37.51 -13.82 16.61
N LEU E 346 37.40 -13.30 17.83
CA LEU E 346 36.56 -12.16 18.12
C LEU E 346 37.33 -10.85 17.94
N PHE E 347 36.65 -9.85 17.38
CA PHE E 347 37.17 -8.49 17.32
C PHE E 347 36.04 -7.52 17.64
N LEU E 348 36.32 -6.22 17.56
CA LEU E 348 35.35 -5.19 17.86
C LEU E 348 35.34 -4.14 16.75
N GLU E 349 34.25 -3.37 16.71
CA GLU E 349 34.01 -2.39 15.67
C GLU E 349 33.43 -1.12 16.27
N VAL E 350 33.87 0.02 15.76
CA VAL E 350 33.31 1.31 16.09
C VAL E 350 32.69 1.90 14.82
N ILE E 351 31.48 2.45 14.95
CA ILE E 351 30.70 2.84 13.78
C ILE E 351 29.88 4.08 14.11
N GLN E 352 29.94 5.07 13.22
CA GLN E 352 29.06 6.24 13.27
C GLN E 352 28.26 6.31 11.98
N ARG E 353 26.95 6.53 12.11
CA ARG E 353 26.04 6.51 10.99
C ARG E 353 25.53 7.91 10.68
N HIS E 354 25.23 8.14 9.39
CA HIS E 354 24.67 9.40 8.91
C HIS E 354 23.67 9.06 7.81
N ASN E 355 22.47 8.63 8.23
CA ASN E 355 21.39 8.26 7.31
C ASN E 355 21.80 7.08 6.44
N HIS E 356 22.05 5.94 7.10
CA HIS E 356 22.50 4.74 6.40
C HIS E 356 22.33 3.57 7.35
N GLN E 357 21.62 2.54 6.89
CA GLN E 357 21.29 1.38 7.73
C GLN E 357 22.10 0.14 7.39
N GLY E 358 23.19 0.27 6.63
CA GLY E 358 23.98 -0.87 6.23
C GLY E 358 25.03 -1.25 7.25
N PHE E 359 25.94 -2.14 6.83
CA PHE E 359 27.00 -2.62 7.71
C PHE E 359 28.38 -2.52 7.06
N GLY E 360 28.48 -1.88 5.90
CA GLY E 360 29.77 -1.68 5.25
C GLY E 360 30.20 -2.78 4.33
N ALA E 361 29.27 -3.57 3.79
CA ALA E 361 29.64 -4.64 2.87
C ALA E 361 30.26 -4.10 1.59
N GLY E 362 30.00 -2.84 1.24
CA GLY E 362 30.72 -2.23 0.13
C GLY E 362 32.20 -2.08 0.37
N ASN E 363 32.63 -2.05 1.63
CA ASN E 363 34.02 -1.87 1.97
C ASN E 363 34.87 -3.13 1.78
N PHE E 364 34.24 -4.29 1.52
CA PHE E 364 35.03 -5.45 1.14
C PHE E 364 35.70 -5.24 -0.21
N ASN E 365 34.91 -4.87 -1.23
CA ASN E 365 35.49 -4.58 -2.54
C ASN E 365 36.36 -3.34 -2.50
N SER E 366 35.97 -2.35 -1.69
CA SER E 366 36.76 -1.12 -1.59
C SER E 366 38.13 -1.41 -0.98
N LEU E 367 38.16 -2.12 0.15
CA LEU E 367 39.44 -2.44 0.78
C LEU E 367 40.29 -3.33 -0.09
N PHE E 368 39.67 -4.29 -0.78
CA PHE E 368 40.44 -5.29 -1.51
C PHE E 368 40.90 -4.78 -2.87
N LYS E 369 40.30 -3.70 -3.37
CA LYS E 369 40.83 -3.04 -4.56
C LYS E 369 41.97 -2.10 -4.20
N ALA E 370 41.88 -1.43 -3.05
CA ALA E 370 42.99 -0.61 -2.58
C ALA E 370 44.22 -1.46 -2.30
N PHE E 371 44.03 -2.71 -1.89
CA PHE E 371 45.14 -3.65 -1.79
C PHE E 371 45.71 -3.97 -3.16
N GLU E 372 44.83 -4.10 -4.17
CA GLU E 372 45.31 -4.35 -5.52
C GLU E 372 46.13 -3.18 -6.05
N GLU E 373 45.63 -1.96 -5.89
CA GLU E 373 46.35 -0.79 -6.37
C GLU E 373 47.57 -0.47 -5.52
N GLU E 374 47.61 -0.92 -4.27
CA GLU E 374 48.78 -0.69 -3.43
C GLU E 374 49.99 -1.44 -3.97
N GLN E 375 49.76 -2.58 -4.61
CA GLN E 375 50.84 -3.32 -5.26
C GLN E 375 50.83 -3.04 -6.77
N LYS F 7 -1.15 -3.53 50.31
CA LYS F 7 -0.95 -3.97 51.68
C LYS F 7 -1.17 -5.46 51.83
N GLY F 8 -0.11 -6.23 51.58
CA GLY F 8 -0.15 -7.68 51.70
C GLY F 8 1.11 -8.31 51.15
N ALA F 9 1.03 -8.83 49.93
CA ALA F 9 2.19 -9.27 49.17
C ALA F 9 2.04 -8.77 47.74
N LYS F 10 3.18 -8.45 47.13
CA LYS F 10 3.10 -7.85 45.80
C LYS F 10 2.80 -8.92 44.73
N PRO F 11 1.86 -8.65 43.83
CA PRO F 11 1.61 -9.59 42.73
C PRO F 11 2.71 -9.50 41.68
N GLU F 12 3.03 -10.65 41.07
CA GLU F 12 4.20 -10.74 40.22
C GLU F 12 3.96 -10.08 38.87
N ARG F 13 2.83 -10.37 38.23
CA ARG F 13 2.57 -9.89 36.88
C ARG F 13 1.08 -9.66 36.66
N GLY F 14 0.40 -9.11 37.66
CA GLY F 14 -1.01 -8.76 37.54
C GLY F 14 -1.31 -7.38 38.07
N ARG F 15 -1.62 -6.45 37.17
CA ARG F 15 -1.77 -5.04 37.53
C ARG F 15 -3.15 -4.55 37.09
N PHE F 16 -3.93 -4.06 38.04
CA PHE F 16 -5.22 -3.42 37.78
C PHE F 16 -5.03 -1.92 37.98
N LEU F 17 -4.96 -1.17 36.88
CA LEU F 17 -4.70 0.27 36.96
C LEU F 17 -5.76 0.99 37.77
N HIS F 18 -7.00 0.98 37.30
CA HIS F 18 -8.07 1.75 37.94
C HIS F 18 -9.41 1.23 37.42
N PHE F 19 -10.45 2.05 37.53
CA PHE F 19 -11.72 1.78 36.89
C PHE F 19 -11.70 2.33 35.47
N HIS F 20 -12.38 1.64 34.57
CA HIS F 20 -12.57 2.15 33.21
C HIS F 20 -13.98 2.68 33.00
N SER F 21 -15.00 1.91 33.39
CA SER F 21 -16.37 2.29 33.11
C SER F 21 -17.32 1.44 33.95
N VAL F 22 -18.50 1.99 34.18
CA VAL F 22 -19.62 1.27 34.78
C VAL F 22 -20.75 1.28 33.77
N THR F 23 -21.22 0.09 33.38
CA THR F 23 -22.33 -0.01 32.44
C THR F 23 -23.57 -0.57 33.11
N PHE F 24 -24.72 -0.01 32.77
CA PHE F 24 -26.00 -0.33 33.38
C PHE F 24 -26.88 -1.06 32.37
N TRP F 25 -27.66 -2.01 32.86
CA TRP F 25 -28.73 -2.62 32.06
C TRP F 25 -30.03 -1.92 32.44
N VAL F 26 -30.37 -0.89 31.66
CA VAL F 26 -31.54 -0.07 31.93
C VAL F 26 -32.61 -0.44 30.91
N GLY F 27 -33.83 0.07 31.16
CA GLY F 27 -34.93 -0.19 30.24
C GLY F 27 -34.93 0.71 29.03
N ASN F 28 -34.39 1.93 29.16
CA ASN F 28 -34.38 2.92 28.08
C ASN F 28 -33.01 3.62 28.13
N ALA F 29 -32.03 3.00 27.46
CA ALA F 29 -30.67 3.52 27.50
C ALA F 29 -30.59 4.96 26.99
N LYS F 30 -31.45 5.31 26.05
CA LYS F 30 -31.45 6.68 25.54
C LYS F 30 -31.90 7.67 26.61
N GLN F 31 -32.86 7.28 27.46
CA GLN F 31 -33.35 8.15 28.51
C GLN F 31 -32.62 7.99 29.84
N ALA F 32 -31.90 6.89 30.03
CA ALA F 32 -31.04 6.77 31.21
C ALA F 32 -29.79 7.63 31.05
N ALA F 33 -29.21 7.66 29.85
CA ALA F 33 -28.04 8.50 29.62
C ALA F 33 -28.39 9.98 29.73
N SER F 34 -29.57 10.36 29.24
CA SER F 34 -29.99 11.75 29.34
C SER F 34 -30.05 12.20 30.80
N PHE F 35 -30.63 11.35 31.66
CA PHE F 35 -30.75 11.71 33.07
C PHE F 35 -29.37 11.85 33.73
N TYR F 36 -28.47 10.92 33.46
CA TYR F 36 -27.16 10.95 34.09
C TYR F 36 -26.35 12.17 33.64
N CYS F 37 -26.51 12.57 32.37
CA CYS F 37 -25.90 13.81 31.92
C CYS F 37 -26.62 15.02 32.51
N SER F 38 -27.93 15.12 32.27
CA SER F 38 -28.68 16.33 32.60
C SER F 38 -28.69 16.61 34.09
N LYS F 39 -28.54 15.59 34.93
CA LYS F 39 -28.61 15.77 36.38
C LYS F 39 -27.25 15.70 37.05
N MET F 40 -26.36 14.81 36.60
CA MET F 40 -25.17 14.47 37.36
C MET F 40 -23.87 14.90 36.68
N GLY F 41 -23.94 15.75 35.64
CA GLY F 41 -22.76 16.41 35.12
C GLY F 41 -22.06 15.73 33.96
N PHE F 42 -22.52 14.55 33.55
CA PHE F 42 -21.81 13.78 32.53
C PHE F 42 -21.96 14.43 31.16
N GLU F 43 -21.46 13.74 30.13
CA GLU F 43 -21.40 14.26 28.77
C GLU F 43 -21.27 13.08 27.82
N PRO F 44 -21.96 13.08 26.68
CA PRO F 44 -21.89 11.93 25.78
C PRO F 44 -20.48 11.78 25.21
N LEU F 45 -19.97 10.55 25.26
CA LEU F 45 -18.63 10.24 24.76
C LEU F 45 -18.66 9.43 23.48
N ALA F 46 -19.39 8.32 23.47
CA ALA F 46 -19.43 7.45 22.31
C ALA F 46 -20.75 6.71 22.27
N TYR F 47 -21.35 6.64 21.09
CA TYR F 47 -22.58 5.91 20.87
C TYR F 47 -22.31 4.70 19.98
N ARG F 48 -23.07 3.62 20.21
CA ARG F 48 -23.10 2.51 19.28
C ARG F 48 -24.45 1.82 19.39
N GLY F 49 -25.12 1.65 18.26
CA GLY F 49 -26.42 0.99 18.19
C GLY F 49 -26.72 0.52 16.79
N LEU F 50 -27.99 0.61 16.37
CA LEU F 50 -28.32 0.28 14.99
C LEU F 50 -27.60 1.19 14.02
N GLU F 51 -27.55 2.49 14.33
CA GLU F 51 -26.92 3.47 13.45
C GLU F 51 -25.42 3.24 13.27
N THR F 52 -24.83 2.31 14.03
CA THR F 52 -23.42 1.98 13.91
C THR F 52 -23.17 0.57 13.43
N GLY F 53 -24.21 -0.23 13.27
CA GLY F 53 -24.07 -1.61 12.86
C GLY F 53 -24.12 -2.62 13.99
N SER F 54 -24.83 -2.33 15.08
CA SER F 54 -25.01 -3.24 16.20
C SER F 54 -26.49 -3.54 16.31
N ARG F 55 -26.89 -4.75 15.92
CA ARG F 55 -28.32 -5.05 15.77
C ARG F 55 -28.98 -5.44 17.08
N GLU F 56 -28.24 -6.10 17.99
CA GLU F 56 -28.87 -6.63 19.19
C GLU F 56 -28.90 -5.62 20.34
N VAL F 57 -27.77 -5.02 20.67
CA VAL F 57 -27.63 -4.19 21.86
C VAL F 57 -27.21 -2.78 21.46
N VAL F 58 -27.85 -1.79 22.08
CA VAL F 58 -27.48 -0.38 21.94
C VAL F 58 -26.79 0.05 23.22
N SER F 59 -25.76 0.88 23.09
CA SER F 59 -25.03 1.39 24.24
C SER F 59 -24.75 2.87 24.05
N HIS F 60 -25.01 3.65 25.11
CA HIS F 60 -24.65 5.06 25.19
C HIS F 60 -23.63 5.19 26.31
N VAL F 61 -22.39 5.54 25.95
CA VAL F 61 -21.35 5.77 26.96
C VAL F 61 -21.21 7.28 27.16
N ILE F 62 -21.06 7.68 28.42
CA ILE F 62 -20.88 9.09 28.77
C ILE F 62 -19.69 9.20 29.71
N LYS F 63 -19.07 10.38 29.71
CA LYS F 63 -17.86 10.59 30.47
C LYS F 63 -17.89 11.93 31.19
N GLN F 64 -17.47 11.91 32.45
CA GLN F 64 -17.23 13.13 33.22
C GLN F 64 -15.92 12.98 33.96
N GLY F 65 -14.98 13.87 33.70
CA GLY F 65 -13.66 13.75 34.31
C GLY F 65 -13.00 12.47 33.87
N LYS F 66 -12.78 11.57 34.81
CA LYS F 66 -12.25 10.23 34.52
C LYS F 66 -13.32 9.16 34.70
N ILE F 67 -14.58 9.54 34.85
CA ILE F 67 -15.69 8.62 35.08
C ILE F 67 -16.35 8.33 33.74
N VAL F 68 -16.55 7.05 33.45
CA VAL F 68 -17.26 6.62 32.24
C VAL F 68 -18.47 5.81 32.67
N PHE F 69 -19.65 6.26 32.26
CA PHE F 69 -20.91 5.54 32.44
C PHE F 69 -21.39 5.05 31.09
N VAL F 70 -22.00 3.86 31.07
CA VAL F 70 -22.50 3.26 29.83
C VAL F 70 -23.91 2.74 30.10
N LEU F 71 -24.88 3.17 29.30
CA LEU F 71 -26.27 2.78 29.45
C LEU F 71 -26.63 1.85 28.30
N SER F 72 -27.11 0.65 28.64
CA SER F 72 -27.37 -0.39 27.64
C SER F 72 -28.74 -1.00 27.83
N SER F 73 -29.42 -1.25 26.71
CA SER F 73 -30.68 -1.98 26.71
C SER F 73 -30.77 -2.75 25.39
N ALA F 74 -31.57 -3.81 25.41
CA ALA F 74 -31.74 -4.63 24.22
C ALA F 74 -32.58 -3.90 23.18
N LEU F 75 -32.38 -4.28 21.92
CA LEU F 75 -33.06 -3.62 20.81
C LEU F 75 -34.16 -4.44 20.18
N ASN F 76 -34.17 -5.76 20.36
CA ASN F 76 -35.23 -6.57 19.77
C ASN F 76 -36.14 -7.12 20.87
N PRO F 77 -37.42 -7.35 20.57
CA PRO F 77 -38.31 -7.89 21.59
C PRO F 77 -37.89 -9.28 22.05
N TRP F 78 -38.15 -9.55 23.33
CA TRP F 78 -38.00 -10.88 23.94
C TRP F 78 -36.54 -11.31 24.06
N ASN F 79 -35.66 -10.37 24.40
CA ASN F 79 -34.31 -10.74 24.84
C ASN F 79 -34.42 -11.51 26.15
N LYS F 80 -33.78 -12.65 26.26
CA LYS F 80 -33.72 -13.30 27.54
C LYS F 80 -32.84 -12.64 28.56
N GLU F 81 -31.64 -12.32 28.15
CA GLU F 81 -30.63 -12.03 29.12
C GLU F 81 -30.96 -10.76 29.78
N MET F 82 -31.03 -9.75 28.95
CA MET F 82 -31.31 -8.45 29.37
C MET F 82 -32.74 -8.36 29.86
N GLY F 83 -33.61 -9.01 29.16
CA GLY F 83 -35.02 -8.95 29.47
C GLY F 83 -35.35 -9.51 30.85
N ASP F 84 -34.85 -10.70 31.15
CA ASP F 84 -35.11 -11.32 32.44
C ASP F 84 -34.43 -10.57 33.57
N HIS F 85 -33.29 -9.93 33.30
CA HIS F 85 -32.68 -9.04 34.27
C HIS F 85 -33.63 -7.90 34.64
N LEU F 86 -34.21 -7.27 33.61
CA LEU F 86 -35.03 -6.08 33.82
C LEU F 86 -36.27 -6.38 34.64
N VAL F 87 -36.87 -7.56 34.46
CA VAL F 87 -38.02 -7.95 35.27
C VAL F 87 -37.57 -8.35 36.67
N LYS F 88 -36.29 -8.69 36.83
CA LYS F 88 -35.76 -9.12 38.12
C LYS F 88 -35.38 -7.92 38.98
N HIS F 89 -34.44 -7.09 38.49
CA HIS F 89 -33.89 -6.00 39.27
C HIS F 89 -34.49 -4.64 38.93
N GLY F 90 -34.71 -4.37 37.66
CA GLY F 90 -35.02 -3.03 37.20
C GLY F 90 -33.82 -2.35 36.59
N ASP F 91 -33.91 -1.03 36.46
CA ASP F 91 -32.78 -0.24 35.98
C ASP F 91 -31.61 -0.36 36.95
N GLY F 92 -30.71 -1.32 36.70
CA GLY F 92 -29.66 -1.64 37.64
C GLY F 92 -28.31 -1.79 36.97
N VAL F 93 -27.30 -2.01 37.80
CA VAL F 93 -25.90 -2.05 37.38
C VAL F 93 -25.55 -3.45 36.89
N LYS F 94 -24.62 -3.52 35.94
CA LYS F 94 -24.24 -4.77 35.28
C LYS F 94 -22.76 -5.08 35.36
N ASP F 95 -21.88 -4.10 35.15
CA ASP F 95 -20.47 -4.38 34.90
C ASP F 95 -19.58 -3.31 35.49
N ILE F 96 -18.51 -3.75 36.16
CA ILE F 96 -17.46 -2.89 36.68
C ILE F 96 -16.20 -3.15 35.86
N ALA F 97 -15.69 -2.12 35.19
CA ALA F 97 -14.56 -2.26 34.28
C ALA F 97 -13.28 -1.77 34.95
N PHE F 98 -12.28 -2.64 35.01
CA PHE F 98 -10.93 -2.25 35.42
C PHE F 98 -10.04 -2.15 34.19
N GLU F 99 -9.31 -1.05 34.07
CA GLU F 99 -8.23 -0.98 33.09
C GLU F 99 -7.01 -1.67 33.69
N VAL F 100 -6.44 -2.64 32.96
CA VAL F 100 -5.52 -3.60 33.54
C VAL F 100 -4.28 -3.74 32.67
N GLU F 101 -3.35 -4.56 33.15
CA GLU F 101 -2.21 -5.07 32.39
C GLU F 101 -2.13 -6.57 32.59
N ASP F 102 -1.53 -7.25 31.62
CA ASP F 102 -1.48 -8.71 31.59
C ASP F 102 -2.88 -9.31 31.72
N CYS F 103 -3.68 -9.05 30.69
CA CYS F 103 -5.07 -9.51 30.67
C CYS F 103 -5.15 -11.03 30.71
N ASP F 104 -4.23 -11.70 30.01
CA ASP F 104 -4.26 -13.16 29.96
C ASP F 104 -3.81 -13.77 31.28
N TYR F 105 -2.83 -13.14 31.95
CA TYR F 105 -2.39 -13.64 33.24
C TYR F 105 -3.52 -13.58 34.27
N ILE F 106 -4.18 -12.41 34.37
CA ILE F 106 -5.28 -12.24 35.30
C ILE F 106 -6.41 -13.20 34.99
N VAL F 107 -6.66 -13.46 33.70
CA VAL F 107 -7.61 -14.51 33.32
C VAL F 107 -7.11 -15.87 33.76
N GLN F 108 -5.85 -16.18 33.45
CA GLN F 108 -5.30 -17.50 33.75
C GLN F 108 -5.34 -17.79 35.24
N LYS F 109 -4.84 -16.86 36.05
CA LYS F 109 -4.87 -17.05 37.50
C LYS F 109 -6.24 -16.74 38.10
N ALA F 110 -7.24 -16.51 37.27
CA ALA F 110 -8.63 -16.54 37.72
C ALA F 110 -9.22 -17.94 37.57
N ARG F 111 -8.97 -18.58 36.42
CA ARG F 111 -9.38 -19.97 36.23
C ARG F 111 -8.74 -20.89 37.28
N GLU F 112 -7.53 -20.57 37.71
CA GLU F 112 -6.78 -21.47 38.59
C GLU F 112 -7.35 -21.50 40.01
N ARG F 113 -8.16 -20.54 40.39
CA ARG F 113 -8.78 -20.52 41.71
C ARG F 113 -10.21 -21.04 41.70
N GLY F 114 -10.76 -21.38 40.53
CA GLY F 114 -12.13 -21.82 40.42
C GLY F 114 -13.11 -20.75 39.97
N ALA F 115 -12.62 -19.63 39.44
CA ALA F 115 -13.48 -18.55 38.97
C ALA F 115 -14.03 -18.88 37.59
N LYS F 116 -15.33 -18.69 37.42
CA LYS F 116 -16.03 -19.13 36.20
C LYS F 116 -15.96 -18.02 35.16
N ILE F 117 -14.98 -18.14 34.26
CA ILE F 117 -14.89 -17.21 33.14
C ILE F 117 -16.18 -17.24 32.32
N MET F 118 -16.52 -16.09 31.74
CA MET F 118 -17.69 -15.96 30.88
C MET F 118 -17.35 -15.78 29.41
N ARG F 119 -16.29 -15.03 29.11
CA ARG F 119 -15.83 -14.80 27.74
C ARG F 119 -14.31 -14.72 27.74
N GLU F 120 -13.65 -15.68 27.07
CA GLU F 120 -12.20 -15.69 26.99
C GLU F 120 -11.71 -14.40 26.31
N PRO F 121 -10.47 -14.00 26.60
CA PRO F 121 -9.94 -12.76 26.02
C PRO F 121 -10.07 -12.71 24.50
N TRP F 122 -10.23 -11.48 23.99
CA TRP F 122 -10.29 -11.25 22.56
C TRP F 122 -9.90 -9.80 22.29
N VAL F 123 -9.63 -9.51 21.01
CA VAL F 123 -9.15 -8.19 20.59
C VAL F 123 -10.18 -7.59 19.63
N GLU F 124 -10.53 -6.33 19.85
CA GLU F 124 -11.38 -5.56 18.95
C GLU F 124 -10.51 -4.51 18.29
N GLN F 125 -10.32 -4.62 16.97
CA GLN F 125 -9.49 -3.69 16.24
C GLN F 125 -10.34 -2.59 15.62
N ASP F 126 -9.75 -1.39 15.54
CA ASP F 126 -10.34 -0.27 14.83
C ASP F 126 -9.23 0.46 14.10
N LYS F 127 -9.59 1.50 13.35
CA LYS F 127 -8.59 2.30 12.65
C LYS F 127 -7.81 3.22 13.57
N PHE F 128 -7.89 3.00 14.89
CA PHE F 128 -7.16 3.81 15.85
C PHE F 128 -6.55 2.96 16.97
N GLY F 129 -6.20 1.71 16.67
CA GLY F 129 -5.48 0.85 17.59
C GLY F 129 -6.21 -0.46 17.81
N LYS F 130 -5.78 -1.19 18.83
CA LYS F 130 -6.40 -2.45 19.24
C LYS F 130 -6.58 -2.45 20.75
N VAL F 131 -7.50 -3.31 21.21
CA VAL F 131 -7.86 -3.37 22.62
C VAL F 131 -8.15 -4.83 22.98
N LYS F 132 -7.63 -5.28 24.13
CA LYS F 132 -7.84 -6.63 24.62
C LYS F 132 -8.88 -6.64 25.74
N PHE F 133 -9.87 -7.52 25.63
CA PHE F 133 -10.96 -7.64 26.59
C PHE F 133 -10.91 -8.98 27.29
N ALA F 134 -11.79 -9.15 28.28
CA ALA F 134 -11.95 -10.37 29.06
C ALA F 134 -13.09 -10.20 30.07
N VAL F 135 -14.04 -11.12 30.07
CA VAL F 135 -15.27 -10.99 30.85
C VAL F 135 -15.28 -12.04 31.95
N LEU F 136 -15.54 -11.59 33.19
CA LEU F 136 -15.66 -12.45 34.36
C LEU F 136 -16.85 -11.99 35.18
N GLN F 137 -17.40 -12.91 35.97
CA GLN F 137 -18.58 -12.70 36.80
C GLN F 137 -18.18 -12.36 38.24
N THR F 138 -19.20 -12.02 39.04
CA THR F 138 -19.07 -11.95 40.49
C THR F 138 -20.42 -12.25 41.13
N TYR F 139 -20.80 -11.52 42.18
CA TYR F 139 -22.02 -11.81 42.91
C TYR F 139 -23.24 -11.50 42.06
N GLY F 140 -24.27 -12.34 42.21
CA GLY F 140 -25.47 -12.17 41.42
C GLY F 140 -25.17 -12.22 39.93
N ASP F 141 -25.72 -11.26 39.19
CA ASP F 141 -25.52 -11.17 37.75
C ASP F 141 -24.57 -10.03 37.39
N THR F 142 -23.54 -9.81 38.19
CA THR F 142 -22.58 -8.74 37.96
C THR F 142 -21.37 -9.29 37.22
N THR F 143 -20.71 -8.41 36.46
CA THR F 143 -19.54 -8.80 35.69
C THR F 143 -18.42 -7.79 35.91
N HIS F 144 -17.19 -8.23 35.64
CA HIS F 144 -16.02 -7.36 35.67
C HIS F 144 -15.26 -7.54 34.37
N THR F 145 -15.11 -6.45 33.62
CA THR F 145 -14.49 -6.47 32.30
C THR F 145 -13.16 -5.72 32.36
N LEU F 146 -12.12 -6.31 31.78
CA LEU F 146 -10.78 -5.75 31.83
C LEU F 146 -10.39 -5.21 30.47
N VAL F 147 -9.73 -4.05 30.47
CA VAL F 147 -9.39 -3.32 29.25
C VAL F 147 -7.88 -3.12 29.25
N GLU F 148 -7.15 -3.94 28.50
CA GLU F 148 -5.71 -3.77 28.30
C GLU F 148 -5.50 -3.11 26.94
N LYS F 149 -5.42 -1.78 26.96
CA LYS F 149 -5.31 -1.00 25.73
C LYS F 149 -3.92 -1.17 25.12
N MET F 150 -3.89 -1.66 23.87
CA MET F 150 -2.64 -1.89 23.14
C MET F 150 -2.44 -0.75 22.15
N ASN F 151 -1.91 0.36 22.67
CA ASN F 151 -1.62 1.55 21.86
C ASN F 151 -2.84 1.98 21.05
N TYR F 152 -3.92 2.26 21.77
CA TYR F 152 -5.19 2.69 21.18
C TYR F 152 -5.32 4.19 21.35
N ILE F 153 -5.31 4.93 20.24
CA ILE F 153 -5.33 6.38 20.26
C ILE F 153 -6.74 6.93 19.99
N GLY F 154 -7.78 6.12 20.22
CA GLY F 154 -9.14 6.55 20.01
C GLY F 154 -9.77 7.19 21.23
N GLN F 155 -11.03 7.59 21.08
CA GLN F 155 -11.71 8.35 22.13
C GLN F 155 -11.98 7.49 23.35
N PHE F 156 -12.51 6.28 23.13
CA PHE F 156 -12.93 5.43 24.24
C PHE F 156 -12.64 3.96 23.96
N LEU F 157 -13.37 3.36 23.03
CA LEU F 157 -13.21 1.96 22.66
C LEU F 157 -13.36 1.83 21.15
N PRO F 158 -12.86 0.75 20.58
CA PRO F 158 -13.16 0.45 19.17
C PRO F 158 -14.59 -0.02 18.99
N GLY F 159 -15.16 0.35 17.85
CA GLY F 159 -16.54 0.00 17.56
C GLY F 159 -17.56 0.93 18.19
N TYR F 160 -17.18 2.17 18.45
CA TYR F 160 -18.06 3.17 19.07
C TYR F 160 -17.96 4.46 18.25
N GLU F 161 -19.06 4.82 17.59
CA GLU F 161 -19.10 6.07 16.84
C GLU F 161 -19.09 7.26 17.80
N ALA F 162 -19.11 8.47 17.22
CA ALA F 162 -19.40 9.65 18.01
C ALA F 162 -20.81 9.55 18.57
N PRO F 163 -21.11 10.26 19.66
CA PRO F 163 -22.47 10.23 20.19
C PRO F 163 -23.50 10.62 19.14
N ALA F 164 -24.58 9.86 19.08
CA ALA F 164 -25.60 10.07 18.06
C ALA F 164 -26.18 11.47 18.15
N PHE F 165 -26.43 11.95 19.37
CA PHE F 165 -27.00 13.26 19.59
C PHE F 165 -26.20 14.02 20.64
N MET F 166 -25.90 15.28 20.35
CA MET F 166 -25.17 16.16 21.26
C MET F 166 -26.17 17.14 21.87
N ASP F 167 -26.51 16.92 23.15
CA ASP F 167 -27.56 17.70 23.80
C ASP F 167 -27.12 19.16 23.94
N PRO F 168 -27.84 20.10 23.35
CA PRO F 168 -27.42 21.51 23.42
C PRO F 168 -27.73 22.20 24.74
N LEU F 169 -28.50 21.58 25.64
CA LEU F 169 -28.68 22.17 26.96
C LEU F 169 -27.49 21.90 27.89
N LEU F 170 -26.81 20.75 27.70
CA LEU F 170 -25.68 20.38 28.55
C LEU F 170 -24.63 21.48 28.70
N PRO F 171 -24.13 22.11 27.62
CA PRO F 171 -23.09 23.15 27.83
C PRO F 171 -23.58 24.33 28.65
N LYS F 172 -24.86 24.68 28.55
CA LYS F 172 -25.43 25.77 29.33
C LYS F 172 -25.75 25.37 30.77
N LEU F 173 -25.53 24.10 31.14
CA LEU F 173 -25.84 23.67 32.49
C LEU F 173 -24.60 23.71 33.38
N PRO F 174 -24.77 23.91 34.69
CA PRO F 174 -23.61 24.14 35.56
C PRO F 174 -22.67 22.95 35.63
N LYS F 175 -21.37 23.25 35.68
CA LYS F 175 -20.36 22.21 35.85
C LYS F 175 -20.46 21.63 37.25
N CYS F 176 -20.27 20.31 37.35
CA CYS F 176 -20.44 19.59 38.61
C CYS F 176 -19.14 19.13 39.24
N SER F 177 -18.03 19.14 38.51
CA SER F 177 -16.69 18.96 39.07
C SER F 177 -16.55 17.62 39.83
N LEU F 178 -17.14 16.57 39.28
CA LEU F 178 -16.93 15.21 39.77
C LEU F 178 -15.85 14.56 38.93
N GLU F 179 -14.86 13.95 39.58
CA GLU F 179 -13.60 13.63 38.92
C GLU F 179 -13.42 12.14 38.62
N MET F 180 -13.35 11.28 39.63
CA MET F 180 -13.18 9.86 39.34
C MET F 180 -13.89 9.02 40.40
N ILE F 181 -14.15 7.76 40.05
CA ILE F 181 -14.81 6.84 40.96
C ILE F 181 -13.94 6.63 42.20
N ASP F 182 -14.57 6.63 43.36
CA ASP F 182 -13.88 6.42 44.63
C ASP F 182 -14.00 4.99 45.14
N HIS F 183 -15.19 4.40 45.04
CA HIS F 183 -15.42 3.00 45.38
C HIS F 183 -16.83 2.64 44.93
N ILE F 184 -17.12 1.33 44.91
CA ILE F 184 -18.44 0.84 44.57
C ILE F 184 -18.78 -0.31 45.53
N VAL F 185 -20.02 -0.33 46.00
CA VAL F 185 -20.44 -1.17 47.12
C VAL F 185 -21.38 -2.25 46.60
N GLY F 186 -21.14 -3.49 47.02
CA GLY F 186 -21.97 -4.61 46.61
C GLY F 186 -22.75 -5.23 47.76
N ASN F 187 -24.06 -5.35 47.58
CA ASN F 187 -24.96 -5.85 48.61
C ASN F 187 -25.24 -7.33 48.38
N GLN F 188 -25.20 -8.11 49.45
CA GLN F 188 -25.33 -9.56 49.42
C GLN F 188 -26.43 -10.01 50.37
N PRO F 189 -27.01 -11.19 50.16
CA PRO F 189 -27.99 -11.72 51.12
C PRO F 189 -27.39 -12.09 52.47
N ASP F 190 -28.22 -12.65 53.34
CA ASP F 190 -27.78 -13.02 54.68
C ASP F 190 -26.76 -14.15 54.63
N GLN F 191 -25.69 -14.02 55.42
CA GLN F 191 -24.60 -14.98 55.46
C GLN F 191 -23.98 -15.17 54.08
N GLU F 192 -23.61 -14.05 53.45
CA GLU F 192 -23.04 -14.09 52.10
C GLU F 192 -21.96 -13.04 51.87
N MET F 193 -21.64 -12.21 52.85
CA MET F 193 -20.52 -11.29 52.69
C MET F 193 -19.19 -12.04 52.65
N VAL F 194 -19.13 -13.20 53.31
CA VAL F 194 -17.94 -14.03 53.28
C VAL F 194 -17.55 -14.35 51.84
N SER F 195 -18.51 -14.85 51.06
CA SER F 195 -18.24 -15.31 49.71
C SER F 195 -17.75 -14.17 48.81
N ALA F 196 -18.55 -13.12 48.71
CA ALA F 196 -18.30 -12.07 47.71
C ALA F 196 -16.95 -11.38 47.96
N SER F 197 -16.58 -11.20 49.22
CA SER F 197 -15.30 -10.57 49.52
C SER F 197 -14.14 -11.55 49.36
N GLU F 198 -14.34 -12.82 49.75
CA GLU F 198 -13.36 -13.86 49.46
C GLU F 198 -12.97 -13.86 47.99
N TRP F 199 -13.96 -13.62 47.12
CA TRP F 199 -13.77 -13.73 45.68
C TRP F 199 -12.64 -12.82 45.20
N TYR F 200 -12.77 -11.52 45.46
CA TYR F 200 -11.77 -10.56 44.98
C TYR F 200 -10.41 -10.81 45.61
N LEU F 201 -10.38 -11.16 46.90
CA LEU F 201 -9.13 -11.41 47.58
C LEU F 201 -8.40 -12.62 46.98
N LYS F 202 -9.16 -13.64 46.57
CA LYS F 202 -8.56 -14.90 46.12
C LYS F 202 -8.09 -14.83 44.68
N ASN F 203 -9.04 -14.88 43.73
CA ASN F 203 -8.69 -15.07 42.33
C ASN F 203 -8.06 -13.84 41.68
N LEU F 204 -8.36 -12.63 42.17
CA LEU F 204 -7.81 -11.41 41.61
C LEU F 204 -6.60 -10.88 42.38
N GLN F 205 -6.13 -11.60 43.40
CA GLN F 205 -4.96 -11.21 44.17
C GLN F 205 -5.14 -9.83 44.81
N PHE F 206 -6.28 -9.64 45.44
CA PHE F 206 -6.57 -8.43 46.20
C PHE F 206 -6.50 -8.74 47.70
N HIS F 207 -6.66 -7.70 48.50
CA HIS F 207 -6.59 -7.82 49.95
C HIS F 207 -7.77 -7.08 50.57
N ARG F 208 -8.01 -7.33 51.85
CA ARG F 208 -8.99 -6.53 52.57
C ARG F 208 -8.38 -5.17 52.88
N PHE F 209 -9.01 -4.12 52.37
CA PHE F 209 -8.65 -2.76 52.72
C PHE F 209 -9.17 -2.45 54.11
N TRP F 210 -8.31 -1.87 54.95
CA TRP F 210 -8.64 -1.61 56.35
C TRP F 210 -8.70 -0.10 56.59
N SER F 211 -9.75 0.32 57.27
CA SER F 211 -10.02 1.73 57.51
C SER F 211 -10.39 1.94 58.97
N VAL F 212 -10.47 3.21 59.37
CA VAL F 212 -10.95 3.54 60.71
C VAL F 212 -12.42 3.21 60.91
N ASP F 213 -13.12 2.83 59.83
CA ASP F 213 -14.53 2.46 59.93
C ASP F 213 -14.71 1.07 60.53
N ASP F 214 -13.79 0.14 60.27
CA ASP F 214 -13.87 -1.17 60.88
C ASP F 214 -13.38 -1.18 62.32
N THR F 215 -12.67 -0.14 62.74
CA THR F 215 -12.25 0.02 64.13
C THR F 215 -13.39 0.45 65.06
N GLN F 216 -14.63 0.35 64.61
CA GLN F 216 -15.78 0.81 65.39
C GLN F 216 -16.91 -0.19 65.28
N VAL F 217 -17.53 -0.50 66.42
CA VAL F 217 -18.73 -1.33 66.43
C VAL F 217 -19.92 -0.42 66.09
N HIS F 218 -20.56 -0.69 64.95
CA HIS F 218 -21.66 0.13 64.48
C HIS F 218 -22.83 -0.70 64.00
N THR F 219 -22.79 -2.02 64.17
CA THR F 219 -23.89 -2.88 63.71
C THR F 219 -25.22 -2.46 64.33
N GLU F 220 -25.19 -1.91 65.54
CA GLU F 220 -26.41 -1.49 66.20
C GLU F 220 -27.16 -0.43 65.38
N TYR F 221 -26.44 0.41 64.65
CA TYR F 221 -27.05 1.49 63.87
C TYR F 221 -26.91 1.31 62.37
N SER F 222 -25.87 0.60 61.91
CA SER F 222 -25.71 0.36 60.48
C SER F 222 -26.60 -0.77 59.99
N SER F 223 -26.91 -1.74 60.85
CA SER F 223 -27.74 -2.88 60.50
C SER F 223 -27.11 -3.73 59.41
N LEU F 224 -25.77 -3.72 59.33
CA LEU F 224 -25.09 -4.48 58.29
C LEU F 224 -23.68 -4.83 58.74
N ARG F 225 -23.10 -5.81 58.04
CA ARG F 225 -21.69 -6.15 58.14
C ARG F 225 -21.02 -5.80 56.81
N SER F 226 -19.75 -5.45 56.87
CA SER F 226 -19.08 -4.89 55.71
C SER F 226 -17.62 -5.31 55.64
N ILE F 227 -17.13 -5.53 54.42
CA ILE F 227 -15.72 -5.81 54.16
C ILE F 227 -15.32 -5.08 52.88
N VAL F 228 -14.35 -4.18 52.98
CA VAL F 228 -13.82 -3.46 51.82
C VAL F 228 -12.69 -4.28 51.22
N VAL F 229 -12.62 -4.31 49.89
CA VAL F 229 -11.56 -5.01 49.18
C VAL F 229 -11.00 -4.06 48.12
N ALA F 230 -9.67 -4.02 48.03
CA ALA F 230 -9.00 -3.11 47.10
C ALA F 230 -7.86 -3.85 46.42
N ASN F 231 -7.39 -3.27 45.31
CA ASN F 231 -6.22 -3.82 44.63
C ASN F 231 -4.95 -3.48 45.42
N TYR F 232 -3.82 -4.01 44.93
CA TYR F 232 -2.56 -3.80 45.64
C TYR F 232 -2.20 -2.32 45.73
N GLU F 233 -2.38 -1.59 44.63
CA GLU F 233 -2.18 -0.14 44.66
C GLU F 233 -3.34 0.61 45.31
N GLU F 234 -4.42 -0.10 45.67
CA GLU F 234 -5.60 0.49 46.29
C GLU F 234 -6.22 1.60 45.44
N SER F 235 -6.02 1.51 44.12
CA SER F 235 -6.69 2.46 43.23
C SER F 235 -8.18 2.17 43.15
N ILE F 236 -8.56 0.89 43.06
CA ILE F 236 -9.95 0.47 43.09
C ILE F 236 -10.23 -0.10 44.48
N LYS F 237 -11.30 0.37 45.10
CA LYS F 237 -11.78 -0.16 46.37
C LYS F 237 -13.24 -0.58 46.18
N MET F 238 -13.61 -1.73 46.73
CA MET F 238 -14.95 -2.28 46.54
C MET F 238 -15.43 -2.95 47.81
N PRO F 239 -16.22 -2.27 48.63
CA PRO F 239 -16.77 -2.89 49.83
C PRO F 239 -17.83 -3.93 49.50
N ILE F 240 -18.09 -4.78 50.49
CA ILE F 240 -19.05 -5.88 50.38
C ILE F 240 -19.90 -5.89 51.63
N ASN F 241 -21.22 -5.73 51.48
CA ASN F 241 -22.14 -5.65 52.59
C ASN F 241 -23.05 -6.88 52.65
N GLU F 242 -23.59 -7.13 53.84
CA GLU F 242 -24.58 -8.16 54.09
C GLU F 242 -25.40 -7.76 55.30
N PRO F 243 -26.60 -8.30 55.45
CA PRO F 243 -27.47 -7.83 56.54
C PRO F 243 -26.96 -8.23 57.91
N ALA F 244 -27.48 -7.52 58.92
CA ALA F 244 -27.12 -7.75 60.31
C ALA F 244 -28.19 -7.13 61.18
N PRO F 245 -28.54 -7.74 62.31
CA PRO F 245 -29.56 -7.14 63.19
C PRO F 245 -29.13 -5.75 63.64
N GLY F 246 -30.05 -4.81 63.55
CA GLY F 246 -29.71 -3.44 63.89
C GLY F 246 -30.89 -2.70 64.48
N LYS F 247 -30.67 -1.40 64.69
CA LYS F 247 -31.69 -0.49 65.20
C LYS F 247 -33.03 -0.66 64.48
N LYS F 248 -33.01 -0.53 63.16
CA LYS F 248 -34.23 -0.63 62.37
C LYS F 248 -34.08 -1.69 61.28
N LYS F 249 -34.98 -1.65 60.30
CA LYS F 249 -34.99 -2.63 59.22
C LYS F 249 -33.64 -2.66 58.52
N SER F 250 -33.16 -3.88 58.24
CA SER F 250 -31.88 -4.07 57.58
C SER F 250 -31.99 -3.52 56.16
N GLN F 251 -31.45 -2.31 55.97
CA GLN F 251 -31.51 -1.65 54.66
C GLN F 251 -30.98 -2.56 53.56
N ILE F 252 -29.98 -3.37 53.89
CA ILE F 252 -29.38 -4.26 52.91
C ILE F 252 -30.38 -5.32 52.46
N GLN F 253 -31.17 -5.86 53.40
CA GLN F 253 -32.15 -6.86 53.01
C GLN F 253 -33.33 -6.22 52.28
N GLU F 254 -33.67 -4.98 52.63
CA GLU F 254 -34.61 -4.22 51.80
C GLU F 254 -34.09 -4.11 50.38
N TYR F 255 -32.78 -3.97 50.21
CA TYR F 255 -32.19 -4.01 48.89
C TYR F 255 -32.39 -5.38 48.25
N VAL F 256 -31.98 -6.45 48.96
CA VAL F 256 -32.06 -7.79 48.39
C VAL F 256 -33.49 -8.20 48.13
N ASP F 257 -34.44 -7.70 48.93
CA ASP F 257 -35.85 -7.99 48.68
C ASP F 257 -36.30 -7.42 47.34
N TYR F 258 -36.10 -6.12 47.14
CA TYR F 258 -36.55 -5.49 45.92
C TYR F 258 -35.73 -5.88 44.70
N ASN F 259 -34.48 -6.28 44.90
CA ASN F 259 -33.59 -6.55 43.77
C ASN F 259 -33.68 -7.97 43.26
N GLY F 260 -34.23 -8.90 44.04
CA GLY F 260 -34.19 -10.30 43.66
C GLY F 260 -32.80 -10.89 43.79
N GLY F 261 -32.09 -10.58 44.87
CA GLY F 261 -30.75 -11.08 45.02
C GLY F 261 -29.69 -10.00 45.18
N ALA F 262 -28.42 -10.40 45.05
CA ALA F 262 -27.32 -9.48 45.27
C ALA F 262 -27.15 -8.50 44.10
N GLY F 263 -26.29 -7.52 44.31
CA GLY F 263 -26.02 -6.51 43.31
C GLY F 263 -25.41 -5.28 43.94
N VAL F 264 -24.74 -4.49 43.09
CA VAL F 264 -24.08 -3.28 43.56
C VAL F 264 -25.14 -2.28 44.02
N GLN F 265 -24.95 -1.74 45.22
CA GLN F 265 -25.90 -0.82 45.84
C GLN F 265 -25.65 0.65 45.50
N HIS F 266 -24.40 1.11 45.50
CA HIS F 266 -24.18 2.50 45.15
C HIS F 266 -22.77 2.70 44.60
N ILE F 267 -22.59 3.84 43.93
CA ILE F 267 -21.32 4.24 43.33
C ILE F 267 -20.84 5.50 44.05
N ALA F 268 -19.53 5.56 44.29
CA ALA F 268 -18.92 6.71 44.96
C ALA F 268 -17.98 7.41 43.99
N LEU F 269 -18.33 8.62 43.60
CA LEU F 269 -17.45 9.48 42.84
C LEU F 269 -16.85 10.52 43.77
N LYS F 270 -15.56 10.77 43.62
CA LYS F 270 -14.85 11.73 44.44
C LYS F 270 -14.69 13.06 43.70
N THR F 271 -14.79 14.15 44.45
CA THR F 271 -14.56 15.49 43.89
C THR F 271 -13.52 16.23 44.72
N GLU F 272 -13.32 17.52 44.44
CA GLU F 272 -12.46 18.35 45.26
C GLU F 272 -13.10 19.68 45.61
N ASP F 273 -14.31 19.95 45.12
CA ASP F 273 -15.08 21.12 45.51
C ASP F 273 -16.51 20.65 45.80
N ILE F 274 -16.66 19.87 46.87
CA ILE F 274 -17.94 19.24 47.17
C ILE F 274 -19.02 20.26 47.49
N ILE F 275 -18.65 21.48 47.91
CA ILE F 275 -19.66 22.50 48.15
C ILE F 275 -20.20 23.02 46.82
N THR F 276 -19.30 23.36 45.89
CA THR F 276 -19.73 23.79 44.56
C THR F 276 -20.38 22.64 43.80
N ALA F 277 -19.87 21.42 43.98
CA ALA F 277 -20.39 20.27 43.27
C ALA F 277 -21.87 20.05 43.58
N ILE F 278 -22.19 19.85 44.86
CA ILE F 278 -23.58 19.61 45.25
C ILE F 278 -24.45 20.83 44.97
N ARG F 279 -23.89 22.03 45.12
CA ARG F 279 -24.61 23.25 44.77
C ARG F 279 -25.12 23.18 43.34
N HIS F 280 -24.27 22.74 42.41
CA HIS F 280 -24.67 22.73 41.02
C HIS F 280 -25.45 21.45 40.69
N LEU F 281 -25.08 20.31 41.30
CA LEU F 281 -25.90 19.11 41.20
C LEU F 281 -27.34 19.41 41.59
N ARG F 282 -27.54 20.16 42.68
CA ARG F 282 -28.88 20.55 43.08
C ARG F 282 -29.50 21.54 42.10
N GLU F 283 -28.66 22.31 41.38
CA GLU F 283 -29.20 23.17 40.34
C GLU F 283 -29.65 22.37 39.13
N ARG F 284 -28.89 21.33 38.76
CA ARG F 284 -29.29 20.48 37.64
C ARG F 284 -30.61 19.78 37.92
N GLY F 285 -30.88 19.46 39.19
CA GLY F 285 -32.15 18.91 39.58
C GLY F 285 -32.06 17.58 40.29
N LEU F 286 -30.88 17.26 40.82
CA LEU F 286 -30.69 16.02 41.54
C LEU F 286 -31.21 16.15 42.96
N GLU F 287 -31.80 15.06 43.48
CA GLU F 287 -32.34 15.04 44.83
C GLU F 287 -31.47 14.18 45.72
N PHE F 288 -31.05 14.75 46.85
CA PHE F 288 -30.21 14.07 47.82
C PHE F 288 -31.02 13.66 49.04
N LEU F 289 -30.38 12.86 49.90
CA LEU F 289 -31.07 12.33 51.06
C LEU F 289 -31.38 13.43 52.06
N SER F 290 -32.55 13.33 52.68
CA SER F 290 -32.96 14.31 53.69
C SER F 290 -32.07 14.19 54.92
N VAL F 291 -31.64 15.34 55.43
CA VAL F 291 -30.89 15.42 56.69
C VAL F 291 -31.59 16.47 57.56
N PRO F 292 -31.77 16.21 58.85
CA PRO F 292 -32.50 17.18 59.69
C PRO F 292 -31.71 18.42 60.04
N SER F 293 -32.26 19.25 60.92
CA SER F 293 -31.56 20.45 61.36
C SER F 293 -30.63 20.15 62.51
N THR F 294 -31.01 19.22 63.39
CA THR F 294 -30.21 18.93 64.58
C THR F 294 -28.83 18.41 64.21
N TYR F 295 -28.71 17.75 63.05
CA TYR F 295 -27.45 17.14 62.67
C TYR F 295 -26.31 18.13 62.71
N TYR F 296 -26.59 19.38 62.34
CA TYR F 296 -25.57 20.42 62.33
C TYR F 296 -25.52 21.20 63.64
N LYS F 297 -26.61 21.22 64.41
CA LYS F 297 -26.52 21.61 65.81
C LYS F 297 -25.63 20.63 66.58
N GLN F 298 -25.83 19.32 66.35
CA GLN F 298 -24.99 18.32 67.00
C GLN F 298 -23.56 18.36 66.48
N LEU F 299 -23.36 18.76 65.23
CA LEU F 299 -22.02 18.68 64.64
C LEU F 299 -21.12 19.79 65.19
N ARG F 300 -21.62 21.02 65.23
CA ARG F 300 -20.80 22.14 65.69
C ARG F 300 -20.35 21.97 67.14
N GLU F 301 -21.09 21.20 67.94
CA GLU F 301 -20.64 20.90 69.30
C GLU F 301 -19.63 19.76 69.29
N LYS F 302 -19.80 18.77 68.41
CA LYS F 302 -18.78 17.75 68.24
C LYS F 302 -17.47 18.36 67.76
N LEU F 303 -17.55 19.51 67.08
CA LEU F 303 -16.38 20.13 66.48
C LEU F 303 -15.71 21.15 67.40
N LYS F 304 -16.33 21.51 68.52
CA LYS F 304 -15.64 22.32 69.52
C LYS F 304 -14.50 21.54 70.16
N THR F 305 -14.79 20.33 70.64
CA THR F 305 -13.81 19.43 71.23
C THR F 305 -12.98 18.70 70.18
N ALA F 306 -13.28 18.89 68.91
CA ALA F 306 -12.62 18.14 67.84
C ALA F 306 -11.13 18.46 67.79
N LYS F 307 -10.40 17.63 67.04
CA LYS F 307 -8.97 17.77 66.88
C LYS F 307 -8.58 18.36 65.53
N ILE F 308 -9.52 18.47 64.59
CA ILE F 308 -9.27 19.05 63.29
C ILE F 308 -10.30 20.14 63.04
N LYS F 309 -9.93 21.11 62.22
CA LYS F 309 -10.90 22.07 61.68
C LYS F 309 -11.29 21.64 60.28
N VAL F 310 -12.53 21.97 59.90
CA VAL F 310 -13.01 21.71 58.54
C VAL F 310 -12.96 23.03 57.77
N LYS F 311 -12.39 22.98 56.57
CA LYS F 311 -12.18 24.18 55.77
C LYS F 311 -13.44 24.64 55.06
N GLU F 312 -14.53 23.88 55.17
CA GLU F 312 -15.78 24.17 54.49
C GLU F 312 -16.79 24.72 55.50
N ASN F 313 -17.43 25.82 55.12
CA ASN F 313 -18.41 26.47 56.00
C ASN F 313 -19.51 25.50 56.39
N ILE F 314 -19.77 25.40 57.70
CA ILE F 314 -20.87 24.57 58.18
C ILE F 314 -22.20 25.12 57.70
N ASP F 315 -22.36 26.45 57.73
CA ASP F 315 -23.59 27.05 57.20
C ASP F 315 -23.83 26.64 55.75
N ALA F 316 -22.76 26.39 55.00
CA ALA F 316 -22.91 25.91 53.62
C ALA F 316 -23.29 24.44 53.59
N LEU F 317 -22.67 23.61 54.45
CA LEU F 317 -23.07 22.21 54.55
C LEU F 317 -24.48 22.08 55.12
N GLU F 318 -24.87 22.98 56.03
CA GLU F 318 -26.23 22.95 56.56
C GLU F 318 -27.26 23.32 55.49
N GLU F 319 -26.83 23.98 54.41
CA GLU F 319 -27.73 24.34 53.33
C GLU F 319 -27.83 23.27 52.27
N LEU F 320 -26.72 22.59 51.99
CA LEU F 320 -26.65 21.57 50.95
C LEU F 320 -26.76 20.16 51.51
N LYS F 321 -26.99 20.02 52.81
CA LYS F 321 -27.25 18.72 53.45
C LYS F 321 -26.07 17.76 53.27
N ILE F 322 -24.88 18.27 53.52
CA ILE F 322 -23.65 17.50 53.36
C ILE F 322 -23.26 16.90 54.71
N LEU F 323 -22.79 15.66 54.69
CA LEU F 323 -22.45 14.92 55.90
C LEU F 323 -20.96 14.98 56.19
N VAL F 324 -20.62 14.73 57.45
CA VAL F 324 -19.23 14.72 57.91
C VAL F 324 -18.98 13.49 58.77
N ASP F 325 -17.85 12.85 58.54
CA ASP F 325 -17.27 11.90 59.46
C ASP F 325 -15.79 12.23 59.57
N TYR F 326 -15.21 12.06 60.76
CA TYR F 326 -13.84 12.53 60.98
C TYR F 326 -13.08 11.52 61.82
N ASP F 327 -11.95 11.97 62.35
CA ASP F 327 -10.87 11.10 62.82
C ASP F 327 -10.07 11.90 63.84
N GLU F 328 -8.86 11.44 64.11
CA GLU F 328 -7.87 12.30 64.75
C GLU F 328 -7.05 13.07 63.72
N LYS F 329 -6.94 12.55 62.50
CA LYS F 329 -6.09 13.09 61.46
C LYS F 329 -6.84 13.93 60.43
N GLY F 330 -8.06 13.55 60.09
CA GLY F 330 -8.78 14.29 59.07
C GLY F 330 -10.27 14.01 59.11
N TYR F 331 -10.96 14.44 58.06
CA TYR F 331 -12.40 14.31 57.97
C TYR F 331 -12.81 14.07 56.52
N LEU F 332 -13.95 13.43 56.34
CA LEU F 332 -14.51 13.20 55.01
C LEU F 332 -15.85 13.91 54.90
N LEU F 333 -16.21 14.27 53.67
CA LEU F 333 -17.52 14.83 53.37
C LEU F 333 -18.18 13.94 52.33
N GLN F 334 -19.24 13.25 52.73
CA GLN F 334 -20.03 12.42 51.83
C GLN F 334 -21.45 12.96 51.79
N ILE F 335 -22.18 12.59 50.74
CA ILE F 335 -23.57 12.97 50.60
C ILE F 335 -24.22 12.00 49.63
N PHE F 336 -25.44 11.58 49.97
CA PHE F 336 -26.11 10.51 49.25
C PHE F 336 -27.35 11.03 48.54
N THR F 337 -27.67 10.39 47.42
CA THR F 337 -28.84 10.74 46.62
C THR F 337 -30.01 9.85 47.00
N LYS F 338 -31.22 10.35 46.71
CA LYS F 338 -32.38 9.47 46.72
C LYS F 338 -32.20 8.43 45.63
N PRO F 339 -32.76 7.23 45.80
CA PRO F 339 -32.50 6.15 44.85
C PRO F 339 -32.78 6.57 43.42
N VAL F 340 -31.88 6.16 42.51
CA VAL F 340 -31.89 6.63 41.13
C VAL F 340 -32.98 5.90 40.34
N GLN F 341 -33.82 5.15 41.03
CA GLN F 341 -35.05 4.58 40.46
C GLN F 341 -36.17 4.76 41.48
N ASP F 342 -37.31 4.12 41.21
CA ASP F 342 -38.41 4.09 42.16
C ASP F 342 -38.33 2.90 43.10
N ARG F 343 -37.66 1.82 42.70
CA ARG F 343 -37.36 0.75 43.63
C ARG F 343 -36.33 1.22 44.65
N PRO F 344 -36.49 0.85 45.92
CA PRO F 344 -35.43 1.13 46.90
C PRO F 344 -34.19 0.28 46.63
N THR F 345 -33.45 0.62 45.57
CA THR F 345 -32.30 -0.19 45.18
C THR F 345 -31.02 0.64 45.12
N LEU F 346 -30.67 1.16 43.96
CA LEU F 346 -29.37 1.77 43.74
C LEU F 346 -29.44 3.27 43.99
N PHE F 347 -28.48 3.79 44.75
CA PHE F 347 -28.27 5.22 44.85
C PHE F 347 -26.82 5.52 44.51
N LEU F 348 -26.39 6.76 44.70
CA LEU F 348 -25.00 7.14 44.47
C LEU F 348 -24.58 8.14 45.53
N GLU F 349 -23.28 8.13 45.87
CA GLU F 349 -22.75 9.09 46.82
C GLU F 349 -21.67 9.95 46.17
N VAL F 350 -21.43 11.11 46.79
CA VAL F 350 -20.45 12.10 46.34
C VAL F 350 -19.58 12.46 47.54
N ILE F 351 -18.28 12.20 47.43
CA ILE F 351 -17.39 12.32 48.57
C ILE F 351 -16.22 13.23 48.23
N GLN F 352 -15.76 13.97 49.25
CA GLN F 352 -14.50 14.71 49.20
C GLN F 352 -13.71 14.37 50.46
N ARG F 353 -12.50 13.85 50.28
CA ARG F 353 -11.70 13.37 51.39
C ARG F 353 -10.69 14.43 51.84
N HIS F 354 -10.37 14.39 53.15
CA HIS F 354 -9.34 15.22 53.77
C HIS F 354 -8.51 14.31 54.67
N ASN F 355 -7.55 13.59 54.06
CA ASN F 355 -6.66 12.69 54.79
C ASN F 355 -7.43 11.64 55.58
N HIS F 356 -8.62 11.29 55.09
CA HIS F 356 -9.50 10.31 55.73
C HIS F 356 -9.65 9.13 54.79
N GLN F 357 -9.29 7.94 55.27
CA GLN F 357 -9.42 6.71 54.50
C GLN F 357 -10.72 5.96 54.81
N GLY F 358 -11.74 6.67 55.31
CA GLY F 358 -12.98 6.05 55.72
C GLY F 358 -14.08 6.19 54.68
N PHE F 359 -15.29 5.79 55.10
CA PHE F 359 -16.47 5.85 54.25
C PHE F 359 -17.69 6.43 54.96
N GLY F 360 -17.59 6.72 56.26
CA GLY F 360 -18.71 7.27 57.01
C GLY F 360 -19.46 6.27 57.86
N ALA F 361 -18.84 5.15 58.24
CA ALA F 361 -19.50 4.21 59.13
C ALA F 361 -19.80 4.80 60.49
N GLY F 362 -19.23 5.97 60.82
CA GLY F 362 -19.62 6.72 61.99
C GLY F 362 -20.79 7.65 61.78
N ASN F 363 -21.18 7.88 60.53
CA ASN F 363 -22.34 8.71 60.22
C ASN F 363 -23.65 7.96 60.42
N PHE F 364 -23.62 6.66 60.71
CA PHE F 364 -24.83 5.96 61.11
C PHE F 364 -25.29 6.42 62.48
N ASN F 365 -24.39 6.42 63.46
CA ASN F 365 -24.73 6.86 64.81
C ASN F 365 -25.14 8.32 64.81
N SER F 366 -24.37 9.17 64.11
CA SER F 366 -24.63 10.60 64.10
C SER F 366 -25.99 10.92 63.47
N LEU F 367 -26.30 10.29 62.34
CA LEU F 367 -27.60 10.50 61.72
C LEU F 367 -28.72 9.96 62.60
N PHE F 368 -28.48 8.83 63.26
CA PHE F 368 -29.46 8.30 64.21
C PHE F 368 -29.71 9.28 65.34
N LYS F 369 -28.64 9.73 66.00
CA LYS F 369 -28.78 10.69 67.08
C LYS F 369 -29.38 12.00 66.59
N ALA F 370 -29.20 12.33 65.31
CA ALA F 370 -29.82 13.54 64.77
C ALA F 370 -31.32 13.36 64.64
N PHE F 371 -31.77 12.25 64.06
CA PHE F 371 -33.21 12.01 63.95
C PHE F 371 -33.84 11.78 65.32
N GLU F 372 -33.06 11.29 66.30
CA GLU F 372 -33.61 11.04 67.63
C GLU F 372 -33.92 12.35 68.34
N GLU F 373 -32.94 13.27 68.39
CA GLU F 373 -33.24 14.59 68.91
C GLU F 373 -34.36 15.26 68.12
N GLU F 374 -34.44 14.97 66.82
CA GLU F 374 -35.56 15.47 66.03
C GLU F 374 -36.88 14.85 66.48
N GLN F 375 -36.87 13.57 66.84
CA GLN F 375 -38.07 12.94 67.38
C GLN F 375 -38.43 13.54 68.73
N ASN F 376 -37.43 13.69 69.61
CA ASN F 376 -37.68 14.30 70.91
C ASN F 376 -38.06 15.77 70.79
N LEU F 377 -37.51 16.48 69.81
CA LEU F 377 -37.93 17.85 69.52
C LEU F 377 -38.96 17.85 68.39
#